data_3GM3
# 
_entry.id   3GM3 
# 
_audit_conform.dict_name       mmcif_pdbx.dic 
_audit_conform.dict_version    5.380 
_audit_conform.dict_location   http://mmcif.pdb.org/dictionaries/ascii/mmcif_pdbx.dic 
# 
loop_
_database_2.database_id 
_database_2.database_code 
_database_2.pdbx_database_accession 
_database_2.pdbx_DOI 
PDB   3GM3         pdb_00003gm3 10.2210/pdb3gm3/pdb 
RCSB  RCSB052030   ?            ?                   
WWPDB D_1000052030 ?            ?                   
# 
loop_
_pdbx_database_related.db_name 
_pdbx_database_related.db_id 
_pdbx_database_related.details 
_pdbx_database_related.content_type 
PDB 3GM1 
'Crystal Structure of the Focal Adhesion Targeting (FAT) Domain of Pyk2 in Complex with Paxillin LD4 Motif-Derived Peptides' 
unspecified 
PDB 3GM2 'Crystal Structure of the Focal Adhesion Targeting (FAT) Domain of Pyk2' unspecified 
# 
_pdbx_database_status.status_code                     REL 
_pdbx_database_status.entry_id                        3GM3 
_pdbx_database_status.recvd_initial_deposition_date   2009-03-12 
_pdbx_database_status.deposit_site                    RCSB 
_pdbx_database_status.process_site                    PDBJ 
_pdbx_database_status.status_code_sf                  REL 
_pdbx_database_status.status_code_mr                  ? 
_pdbx_database_status.SG_entry                        ? 
_pdbx_database_status.pdb_format_compatible           Y 
_pdbx_database_status.status_code_cs                  ? 
_pdbx_database_status.status_code_nmr_data            ? 
_pdbx_database_status.methods_development_category    ? 
# 
loop_
_audit_author.name 
_audit_author.pdbx_ordinal 
'Lulo, J.E.'       1 
'Yuzawa, S.'       2 
'Schlessinger, J.' 3 
# 
_citation.id                        primary 
_citation.title                     'Crystal structures of free and ligand-bound focal adhesion targeting domain of Pyk2' 
_citation.journal_abbrev            Biochem.Biophys.Res.Commun. 
_citation.journal_volume            383 
_citation.page_first                347 
_citation.page_last                 352 
_citation.year                      2009 
_citation.journal_id_ASTM           BBRCA9 
_citation.country                   US 
_citation.journal_id_ISSN           0006-291X 
_citation.journal_id_CSD            0146 
_citation.book_publisher            ? 
_citation.pdbx_database_id_PubMed   19358827 
_citation.pdbx_database_id_DOI      10.1016/j.bbrc.2009.04.011 
# 
loop_
_citation_author.citation_id 
_citation_author.name 
_citation_author.ordinal 
_citation_author.identifier_ORCID 
primary 'Lulo, J.'         1 ? 
primary 'Yuzawa, S.'       2 ? 
primary 'Schlessinger, J.' 3 ? 
# 
_cell.entry_id           3GM3 
_cell.length_a           28.462 
_cell.length_b           42.791 
_cell.length_c           129.502 
_cell.angle_alpha        90.00 
_cell.angle_beta         90.00 
_cell.angle_gamma        90.00 
_cell.Z_PDB              4 
_cell.pdbx_unique_axis   ? 
_cell.length_a_esd       ? 
_cell.length_b_esd       ? 
_cell.length_c_esd       ? 
_cell.angle_alpha_esd    ? 
_cell.angle_beta_esd     ? 
_cell.angle_gamma_esd    ? 
# 
_symmetry.entry_id                         3GM3 
_symmetry.space_group_name_H-M             'P 21 2 21' 
_symmetry.pdbx_full_space_group_name_H-M   ? 
_symmetry.cell_setting                     ? 
_symmetry.Int_Tables_number                18 
_symmetry.space_group_name_Hall            ? 
# 
loop_
_entity.id 
_entity.type 
_entity.src_method 
_entity.pdbx_description 
_entity.formula_weight 
_entity.pdbx_number_of_molecules 
_entity.pdbx_ec 
_entity.pdbx_mutation 
_entity.pdbx_fragment 
_entity.details 
1 polymer man 'Protein tyrosine kinase 2 beta' 16692.205 1  2.7.10.2 C899A 
'Focal Adhesion Targeting (FAT) Domain, UNP residues 861-1009' ? 
2 water   nat water                            18.015    14 ?        ?     ? ? 
# 
_entity_poly.entity_id                      1 
_entity_poly.type                           'polypeptide(L)' 
_entity_poly.nstd_linkage                   no 
_entity_poly.nstd_monomer                   no 
_entity_poly.pdbx_seq_one_letter_code       
;GSHMRLGAQSIQPTANLDRTDDLVYLNVMELVRAVLELKNELAQLPPEGYVVVVKNVGLTLRKLIGSVDDLLPSLPSSSR
TEIEGTQKLLNKDLAELINKMRLAQQNAVTSLSEECKRQMLTASHTLAVDAKNLLDAVDQAKVLANLAHPPAE
;
_entity_poly.pdbx_seq_one_letter_code_can   
;GSHMRLGAQSIQPTANLDRTDDLVYLNVMELVRAVLELKNELAQLPPEGYVVVVKNVGLTLRKLIGSVDDLLPSLPSSSR
TEIEGTQKLLNKDLAELINKMRLAQQNAVTSLSEECKRQMLTASHTLAVDAKNLLDAVDQAKVLANLAHPPAE
;
_entity_poly.pdbx_strand_id                 A 
_entity_poly.pdbx_target_identifier         ? 
# 
loop_
_entity_poly_seq.entity_id 
_entity_poly_seq.num 
_entity_poly_seq.mon_id 
_entity_poly_seq.hetero 
1 1   GLY n 
1 2   SER n 
1 3   HIS n 
1 4   MET n 
1 5   ARG n 
1 6   LEU n 
1 7   GLY n 
1 8   ALA n 
1 9   GLN n 
1 10  SER n 
1 11  ILE n 
1 12  GLN n 
1 13  PRO n 
1 14  THR n 
1 15  ALA n 
1 16  ASN n 
1 17  LEU n 
1 18  ASP n 
1 19  ARG n 
1 20  THR n 
1 21  ASP n 
1 22  ASP n 
1 23  LEU n 
1 24  VAL n 
1 25  TYR n 
1 26  LEU n 
1 27  ASN n 
1 28  VAL n 
1 29  MET n 
1 30  GLU n 
1 31  LEU n 
1 32  VAL n 
1 33  ARG n 
1 34  ALA n 
1 35  VAL n 
1 36  LEU n 
1 37  GLU n 
1 38  LEU n 
1 39  LYS n 
1 40  ASN n 
1 41  GLU n 
1 42  LEU n 
1 43  ALA n 
1 44  GLN n 
1 45  LEU n 
1 46  PRO n 
1 47  PRO n 
1 48  GLU n 
1 49  GLY n 
1 50  TYR n 
1 51  VAL n 
1 52  VAL n 
1 53  VAL n 
1 54  VAL n 
1 55  LYS n 
1 56  ASN n 
1 57  VAL n 
1 58  GLY n 
1 59  LEU n 
1 60  THR n 
1 61  LEU n 
1 62  ARG n 
1 63  LYS n 
1 64  LEU n 
1 65  ILE n 
1 66  GLY n 
1 67  SER n 
1 68  VAL n 
1 69  ASP n 
1 70  ASP n 
1 71  LEU n 
1 72  LEU n 
1 73  PRO n 
1 74  SER n 
1 75  LEU n 
1 76  PRO n 
1 77  SER n 
1 78  SER n 
1 79  SER n 
1 80  ARG n 
1 81  THR n 
1 82  GLU n 
1 83  ILE n 
1 84  GLU n 
1 85  GLY n 
1 86  THR n 
1 87  GLN n 
1 88  LYS n 
1 89  LEU n 
1 90  LEU n 
1 91  ASN n 
1 92  LYS n 
1 93  ASP n 
1 94  LEU n 
1 95  ALA n 
1 96  GLU n 
1 97  LEU n 
1 98  ILE n 
1 99  ASN n 
1 100 LYS n 
1 101 MET n 
1 102 ARG n 
1 103 LEU n 
1 104 ALA n 
1 105 GLN n 
1 106 GLN n 
1 107 ASN n 
1 108 ALA n 
1 109 VAL n 
1 110 THR n 
1 111 SER n 
1 112 LEU n 
1 113 SER n 
1 114 GLU n 
1 115 GLU n 
1 116 CYS n 
1 117 LYS n 
1 118 ARG n 
1 119 GLN n 
1 120 MET n 
1 121 LEU n 
1 122 THR n 
1 123 ALA n 
1 124 SER n 
1 125 HIS n 
1 126 THR n 
1 127 LEU n 
1 128 ALA n 
1 129 VAL n 
1 130 ASP n 
1 131 ALA n 
1 132 LYS n 
1 133 ASN n 
1 134 LEU n 
1 135 LEU n 
1 136 ASP n 
1 137 ALA n 
1 138 VAL n 
1 139 ASP n 
1 140 GLN n 
1 141 ALA n 
1 142 LYS n 
1 143 VAL n 
1 144 LEU n 
1 145 ALA n 
1 146 ASN n 
1 147 LEU n 
1 148 ALA n 
1 149 HIS n 
1 150 PRO n 
1 151 PRO n 
1 152 ALA n 
1 153 GLU n 
# 
_entity_src_gen.entity_id                          1 
_entity_src_gen.pdbx_src_id                        1 
_entity_src_gen.pdbx_alt_source_flag               sample 
_entity_src_gen.pdbx_seq_type                      ? 
_entity_src_gen.pdbx_beg_seq_num                   ? 
_entity_src_gen.pdbx_end_seq_num                   ? 
_entity_src_gen.gene_src_common_name               Human 
_entity_src_gen.gene_src_genus                     ? 
_entity_src_gen.pdbx_gene_src_gene                 ? 
_entity_src_gen.gene_src_species                   ? 
_entity_src_gen.gene_src_strain                    ? 
_entity_src_gen.gene_src_tissue                    ? 
_entity_src_gen.gene_src_tissue_fraction           ? 
_entity_src_gen.gene_src_details                   ? 
_entity_src_gen.pdbx_gene_src_fragment             ? 
_entity_src_gen.pdbx_gene_src_scientific_name      'Homo sapiens' 
_entity_src_gen.pdbx_gene_src_ncbi_taxonomy_id     9606 
_entity_src_gen.pdbx_gene_src_variant              ? 
_entity_src_gen.pdbx_gene_src_cell_line            ? 
_entity_src_gen.pdbx_gene_src_atcc                 ? 
_entity_src_gen.pdbx_gene_src_organ                ? 
_entity_src_gen.pdbx_gene_src_organelle            ? 
_entity_src_gen.pdbx_gene_src_cell                 ? 
_entity_src_gen.pdbx_gene_src_cellular_location    ? 
_entity_src_gen.host_org_common_name               ? 
_entity_src_gen.pdbx_host_org_scientific_name      'Escherichia coli' 
_entity_src_gen.pdbx_host_org_ncbi_taxonomy_id     562 
_entity_src_gen.host_org_genus                     ? 
_entity_src_gen.pdbx_host_org_gene                 ? 
_entity_src_gen.pdbx_host_org_organ                ? 
_entity_src_gen.host_org_species                   ? 
_entity_src_gen.pdbx_host_org_tissue               ? 
_entity_src_gen.pdbx_host_org_tissue_fraction      ? 
_entity_src_gen.pdbx_host_org_strain               'BL21(DE3)' 
_entity_src_gen.pdbx_host_org_variant              ? 
_entity_src_gen.pdbx_host_org_cell_line            ? 
_entity_src_gen.pdbx_host_org_atcc                 ? 
_entity_src_gen.pdbx_host_org_culture_collection   ? 
_entity_src_gen.pdbx_host_org_cell                 ? 
_entity_src_gen.pdbx_host_org_organelle            ? 
_entity_src_gen.pdbx_host_org_cellular_location    ? 
_entity_src_gen.pdbx_host_org_vector_type          plasmid 
_entity_src_gen.pdbx_host_org_vector               ? 
_entity_src_gen.host_org_details                   ? 
_entity_src_gen.expression_system_id               ? 
_entity_src_gen.plasmid_name                       pET28A 
_entity_src_gen.plasmid_details                    ? 
_entity_src_gen.pdbx_description                   ? 
# 
_struct_ref.id                         1 
_struct_ref.db_name                    UNP 
_struct_ref.db_code                    FAK2_HUMAN 
_struct_ref.pdbx_db_accession          Q14289 
_struct_ref.entity_id                  1 
_struct_ref.pdbx_seq_one_letter_code   
;RLGAQSIQPTANLDRTDDLVYLNVMELVRAVLELKNELCQLPPEGYVVVVKNVGLTLRKLIGSVDDLLPSLPSSSRTEIE
GTQKLLNKDLAELINKMRLAQQNAVTSLSEECKRQMLTASHTLAVDAKNLLDAVDQAKVLANLAHPPAE
;
_struct_ref.pdbx_align_begin           861 
_struct_ref.pdbx_db_isoform            ? 
# 
_struct_ref_seq.align_id                      1 
_struct_ref_seq.ref_id                        1 
_struct_ref_seq.pdbx_PDB_id_code              3GM3 
_struct_ref_seq.pdbx_strand_id                A 
_struct_ref_seq.seq_align_beg                 5 
_struct_ref_seq.pdbx_seq_align_beg_ins_code   ? 
_struct_ref_seq.seq_align_end                 153 
_struct_ref_seq.pdbx_seq_align_end_ins_code   ? 
_struct_ref_seq.pdbx_db_accession             Q14289 
_struct_ref_seq.db_align_beg                  861 
_struct_ref_seq.pdbx_db_align_beg_ins_code    ? 
_struct_ref_seq.db_align_end                  1009 
_struct_ref_seq.pdbx_db_align_end_ins_code    ? 
_struct_ref_seq.pdbx_auth_seq_align_beg       861 
_struct_ref_seq.pdbx_auth_seq_align_end       1009 
# 
loop_
_struct_ref_seq_dif.align_id 
_struct_ref_seq_dif.pdbx_pdb_id_code 
_struct_ref_seq_dif.mon_id 
_struct_ref_seq_dif.pdbx_pdb_strand_id 
_struct_ref_seq_dif.seq_num 
_struct_ref_seq_dif.pdbx_pdb_ins_code 
_struct_ref_seq_dif.pdbx_seq_db_name 
_struct_ref_seq_dif.pdbx_seq_db_accession_code 
_struct_ref_seq_dif.db_mon_id 
_struct_ref_seq_dif.pdbx_seq_db_seq_num 
_struct_ref_seq_dif.details 
_struct_ref_seq_dif.pdbx_auth_seq_num 
_struct_ref_seq_dif.pdbx_ordinal 
1 3GM3 GLY A 1  ? UNP Q14289 ?   ?   'expression tag'      857 1 
1 3GM3 SER A 2  ? UNP Q14289 ?   ?   'expression tag'      858 2 
1 3GM3 HIS A 3  ? UNP Q14289 ?   ?   'expression tag'      859 3 
1 3GM3 MET A 4  ? UNP Q14289 ?   ?   'expression tag'      860 4 
1 3GM3 ALA A 43 ? UNP Q14289 CYS 899 'engineered mutation' 899 5 
# 
loop_
_chem_comp.id 
_chem_comp.type 
_chem_comp.mon_nstd_flag 
_chem_comp.name 
_chem_comp.pdbx_synonyms 
_chem_comp.formula 
_chem_comp.formula_weight 
ALA 'L-peptide linking' y ALANINE         ? 'C3 H7 N O2'     89.093  
ARG 'L-peptide linking' y ARGININE        ? 'C6 H15 N4 O2 1' 175.209 
ASN 'L-peptide linking' y ASPARAGINE      ? 'C4 H8 N2 O3'    132.118 
ASP 'L-peptide linking' y 'ASPARTIC ACID' ? 'C4 H7 N O4'     133.103 
CYS 'L-peptide linking' y CYSTEINE        ? 'C3 H7 N O2 S'   121.158 
GLN 'L-peptide linking' y GLUTAMINE       ? 'C5 H10 N2 O3'   146.144 
GLU 'L-peptide linking' y 'GLUTAMIC ACID' ? 'C5 H9 N O4'     147.129 
GLY 'peptide linking'   y GLYCINE         ? 'C2 H5 N O2'     75.067  
HIS 'L-peptide linking' y HISTIDINE       ? 'C6 H10 N3 O2 1' 156.162 
HOH non-polymer         . WATER           ? 'H2 O'           18.015  
ILE 'L-peptide linking' y ISOLEUCINE      ? 'C6 H13 N O2'    131.173 
LEU 'L-peptide linking' y LEUCINE         ? 'C6 H13 N O2'    131.173 
LYS 'L-peptide linking' y LYSINE          ? 'C6 H15 N2 O2 1' 147.195 
MET 'L-peptide linking' y METHIONINE      ? 'C5 H11 N O2 S'  149.211 
PRO 'L-peptide linking' y PROLINE         ? 'C5 H9 N O2'     115.130 
SER 'L-peptide linking' y SERINE          ? 'C3 H7 N O3'     105.093 
THR 'L-peptide linking' y THREONINE       ? 'C4 H9 N O3'     119.119 
TYR 'L-peptide linking' y TYROSINE        ? 'C9 H11 N O3'    181.189 
VAL 'L-peptide linking' y VALINE          ? 'C5 H11 N O2'    117.146 
# 
_exptl.entry_id          3GM3 
_exptl.method            'X-RAY DIFFRACTION' 
_exptl.crystals_number   1 
# 
_exptl_crystal.id                    1 
_exptl_crystal.density_meas          ? 
_exptl_crystal.density_Matthews      2.36 
_exptl_crystal.density_percent_sol   47.93 
_exptl_crystal.description           ? 
_exptl_crystal.F_000                 ? 
_exptl_crystal.preparation           ? 
# 
_exptl_crystal_grow.crystal_id      1 
_exptl_crystal_grow.method          'VAPOR DIFFUSION, HANGING DROP' 
_exptl_crystal_grow.temp            298 
_exptl_crystal_grow.temp_details    ? 
_exptl_crystal_grow.pH              7.5 
_exptl_crystal_grow.pdbx_pH_range   ? 
_exptl_crystal_grow.pdbx_details    '20% PEG 8000, 100mM HEPES, pH 7.5, VAPOR DIFFUSION, HANGING DROP, temperature 298K' 
# 
_diffrn.id                     1 
_diffrn.ambient_temp           100 
_diffrn.ambient_temp_details   ? 
_diffrn.crystal_id             1 
# 
_diffrn_detector.diffrn_id              1 
_diffrn_detector.detector               CCD 
_diffrn_detector.type                   'ADSC QUANTUM 315' 
_diffrn_detector.pdbx_collection_date   2006-11-03 
_diffrn_detector.details                ? 
# 
_diffrn_radiation.diffrn_id                        1 
_diffrn_radiation.wavelength_id                    1 
_diffrn_radiation.pdbx_monochromatic_or_laue_m_l   M 
_diffrn_radiation.monochromator                    'si(111)' 
_diffrn_radiation.pdbx_diffrn_protocol             'SINGLE WAVELENGTH' 
_diffrn_radiation.pdbx_scattering_type             x-ray 
# 
_diffrn_radiation_wavelength.id           1 
_diffrn_radiation_wavelength.wavelength   0.9795 
_diffrn_radiation_wavelength.wt           1.0 
# 
_diffrn_source.diffrn_id                   1 
_diffrn_source.source                      SYNCHROTRON 
_diffrn_source.type                        'NSLS BEAMLINE X29A' 
_diffrn_source.pdbx_synchrotron_site       NSLS 
_diffrn_source.pdbx_synchrotron_beamline   X29A 
_diffrn_source.pdbx_wavelength             ? 
_diffrn_source.pdbx_wavelength_list        0.9795 
# 
_reflns.entry_id                     3GM3 
_reflns.observed_criterion_sigma_I   0.00 
_reflns.observed_criterion_sigma_F   0.00 
_reflns.d_resolution_low             50.0 
_reflns.d_resolution_high            2.6 
_reflns.number_obs                   5467 
_reflns.number_all                   ? 
_reflns.percent_possible_obs         96.8 
_reflns.pdbx_Rmerge_I_obs            ? 
_reflns.pdbx_Rsym_value              ? 
_reflns.pdbx_netI_over_sigmaI        ? 
_reflns.B_iso_Wilson_estimate        ? 
_reflns.pdbx_redundancy              ? 
_reflns.R_free_details               ? 
_reflns.limit_h_max                  ? 
_reflns.limit_h_min                  ? 
_reflns.limit_k_max                  ? 
_reflns.limit_k_min                  ? 
_reflns.limit_l_max                  ? 
_reflns.limit_l_min                  ? 
_reflns.observed_criterion_F_max     ? 
_reflns.observed_criterion_F_min     ? 
_reflns.pdbx_chi_squared             ? 
_reflns.pdbx_scaling_rejects         ? 
_reflns.pdbx_diffrn_id               1 
_reflns.pdbx_ordinal                 1 
# 
_refine.pdbx_refine_id                           'X-RAY DIFFRACTION' 
_refine.entry_id                                 3GM3 
_refine.ls_number_reflns_obs                     5186 
_refine.ls_number_reflns_all                     5467 
_refine.pdbx_ls_sigma_I                          ? 
_refine.pdbx_ls_sigma_F                          . 
_refine.pdbx_data_cutoff_high_absF               ? 
_refine.pdbx_data_cutoff_low_absF                ? 
_refine.pdbx_data_cutoff_high_rms_absF           ? 
_refine.ls_d_res_low                             32.38 
_refine.ls_d_res_high                            2.60 
_refine.ls_percent_reflns_obs                    98.12 
_refine.ls_R_factor_obs                          0.25625 
_refine.ls_R_factor_all                          ? 
_refine.ls_R_factor_R_work                       0.25467 
_refine.ls_R_factor_R_free                       0.28871 
_refine.ls_R_factor_R_free_error                 ? 
_refine.ls_R_factor_R_free_error_details         ? 
_refine.ls_percent_reflns_R_free                 4.5 
_refine.ls_number_reflns_R_free                  232 
_refine.ls_number_parameters                     ? 
_refine.ls_number_restraints                     ? 
_refine.occupancy_min                            ? 
_refine.occupancy_max                            ? 
_refine.correlation_coeff_Fo_to_Fc               0.916 
_refine.correlation_coeff_Fo_to_Fc_free          0.894 
_refine.B_iso_mean                               38.947 
_refine.aniso_B[1][1]                            0.22 
_refine.aniso_B[2][2]                            1.23 
_refine.aniso_B[3][3]                            -1.45 
_refine.aniso_B[1][2]                            0.00 
_refine.aniso_B[1][3]                            0.00 
_refine.aniso_B[2][3]                            0.00 
_refine.solvent_model_details                    MASK 
_refine.solvent_model_param_ksol                 ? 
_refine.solvent_model_param_bsol                 ? 
_refine.pdbx_solvent_vdw_probe_radii             1.20 
_refine.pdbx_solvent_ion_probe_radii             0.80 
_refine.pdbx_solvent_shrinkage_radii             0.80 
_refine.pdbx_ls_cross_valid_method               THROUGHOUT 
_refine.details                                  'HYDROGENS HAVE BEEN ADDED IN THE RIDING POSITIONS' 
_refine.pdbx_starting_model                      'PDB ENTRY 3GM2' 
_refine.pdbx_method_to_determine_struct          'MOLECULAR REPLACEMENT' 
_refine.pdbx_isotropic_thermal_model             ? 
_refine.pdbx_stereochemistry_target_values       'MAXIMUM LIKELIHOOD' 
_refine.pdbx_stereochem_target_val_spec_case     ? 
_refine.pdbx_R_Free_selection_details            RANDOM 
_refine.pdbx_overall_ESU_R                       0.704 
_refine.pdbx_overall_ESU_R_Free                  0.345 
_refine.overall_SU_ML                            0.257 
_refine.pdbx_overall_phase_error                 ? 
_refine.overall_SU_B                             12.447 
_refine.ls_redundancy_reflns_obs                 ? 
_refine.B_iso_min                                ? 
_refine.B_iso_max                                ? 
_refine.overall_SU_R_Cruickshank_DPI             ? 
_refine.overall_SU_R_free                        ? 
_refine.ls_wR_factor_R_free                      ? 
_refine.ls_wR_factor_R_work                      ? 
_refine.overall_FOM_free_R_set                   ? 
_refine.overall_FOM_work_R_set                   ? 
_refine.pdbx_diffrn_id                           1 
_refine.pdbx_TLS_residual_ADP_flag               ? 
_refine.pdbx_overall_SU_R_free_Cruickshank_DPI   ? 
_refine.pdbx_overall_SU_R_Blow_DPI               ? 
_refine.pdbx_overall_SU_R_free_Blow_DPI          ? 
# 
_refine_hist.pdbx_refine_id                   'X-RAY DIFFRACTION' 
_refine_hist.cycle_id                         LAST 
_refine_hist.pdbx_number_atoms_protein        997 
_refine_hist.pdbx_number_atoms_nucleic_acid   0 
_refine_hist.pdbx_number_atoms_ligand         0 
_refine_hist.number_atoms_solvent             14 
_refine_hist.number_atoms_total               1011 
_refine_hist.d_res_high                       2.60 
_refine_hist.d_res_low                        32.38 
# 
loop_
_refine_ls_restr.type 
_refine_ls_restr.dev_ideal 
_refine_ls_restr.dev_ideal_target 
_refine_ls_restr.weight 
_refine_ls_restr.number 
_refine_ls_restr.pdbx_refine_id 
_refine_ls_restr.pdbx_restraint_function 
r_bond_refined_d             0.010  0.022  ? 1003 'X-RAY DIFFRACTION' ? 
r_bond_other_d               ?      ?      ? ?    'X-RAY DIFFRACTION' ? 
r_angle_refined_deg          1.216  2.009  ? 1365 'X-RAY DIFFRACTION' ? 
r_angle_other_deg            ?      ?      ? ?    'X-RAY DIFFRACTION' ? 
r_dihedral_angle_1_deg       5.304  5.000  ? 132  'X-RAY DIFFRACTION' ? 
r_dihedral_angle_2_deg       36.457 26.154 ? 39   'X-RAY DIFFRACTION' ? 
r_dihedral_angle_3_deg       22.577 15.000 ? 184  'X-RAY DIFFRACTION' ? 
r_dihedral_angle_4_deg       17.608 15.000 ? 6    'X-RAY DIFFRACTION' ? 
r_chiral_restr               0.091  0.200  ? 179  'X-RAY DIFFRACTION' ? 
r_gen_planes_refined         0.003  0.021  ? 716  'X-RAY DIFFRACTION' ? 
r_gen_planes_other           ?      ?      ? ?    'X-RAY DIFFRACTION' ? 
r_nbd_refined                ?      ?      ? ?    'X-RAY DIFFRACTION' ? 
r_nbd_other                  ?      ?      ? ?    'X-RAY DIFFRACTION' ? 
r_nbtor_refined              ?      ?      ? ?    'X-RAY DIFFRACTION' ? 
r_nbtor_other                ?      ?      ? ?    'X-RAY DIFFRACTION' ? 
r_xyhbond_nbd_refined        ?      ?      ? ?    'X-RAY DIFFRACTION' ? 
r_xyhbond_nbd_other          ?      ?      ? ?    'X-RAY DIFFRACTION' ? 
r_metal_ion_refined          ?      ?      ? ?    'X-RAY DIFFRACTION' ? 
r_metal_ion_other            ?      ?      ? ?    'X-RAY DIFFRACTION' ? 
r_symmetry_vdw_refined       ?      ?      ? ?    'X-RAY DIFFRACTION' ? 
r_symmetry_vdw_other         ?      ?      ? ?    'X-RAY DIFFRACTION' ? 
r_symmetry_hbond_refined     ?      ?      ? ?    'X-RAY DIFFRACTION' ? 
r_symmetry_hbond_other       ?      ?      ? ?    'X-RAY DIFFRACTION' ? 
r_symmetry_metal_ion_refined ?      ?      ? ?    'X-RAY DIFFRACTION' ? 
r_symmetry_metal_ion_other   ?      ?      ? ?    'X-RAY DIFFRACTION' ? 
r_mcbond_it                  0.910  1.500  ? 664  'X-RAY DIFFRACTION' ? 
r_mcbond_other               ?      ?      ? ?    'X-RAY DIFFRACTION' ? 
r_mcangle_it                 1.345  2.000  ? 1067 'X-RAY DIFFRACTION' ? 
r_scbond_it                  1.379  3.000  ? 339  'X-RAY DIFFRACTION' ? 
r_scangle_it                 2.512  4.500  ? 298  'X-RAY DIFFRACTION' ? 
r_rigid_bond_restr           ?      ?      ? ?    'X-RAY DIFFRACTION' ? 
r_sphericity_free            ?      ?      ? ?    'X-RAY DIFFRACTION' ? 
r_sphericity_bonded          ?      ?      ? ?    'X-RAY DIFFRACTION' ? 
# 
_refine_ls_shell.pdbx_refine_id                   'X-RAY DIFFRACTION' 
_refine_ls_shell.pdbx_total_number_of_bins_used   20 
_refine_ls_shell.d_res_high                       2.599 
_refine_ls_shell.d_res_low                        2.666 
_refine_ls_shell.number_reflns_R_work             294 
_refine_ls_shell.R_factor_R_work                  0.297 
_refine_ls_shell.percent_reflns_obs               84.51 
_refine_ls_shell.R_factor_R_free                  0.453 
_refine_ls_shell.R_factor_R_free_error            ? 
_refine_ls_shell.percent_reflns_R_free            ? 
_refine_ls_shell.number_reflns_R_free             17 
_refine_ls_shell.number_reflns_all                ? 
_refine_ls_shell.R_factor_all                     ? 
_refine_ls_shell.redundancy_reflns_obs            ? 
_refine_ls_shell.number_reflns_obs                ? 
# 
_struct.entry_id                  3GM3 
_struct.title                     'Crystal Structure of the Focal Adhesion Targeting (FAT) Domain of Pyk2' 
_struct.pdbx_model_details        ? 
_struct.pdbx_CASP_flag            ? 
_struct.pdbx_model_type_details   ? 
# 
_struct_keywords.entry_id        3GM3 
_struct_keywords.pdbx_keywords   TRANSFERASE 
_struct_keywords.text            'four-helix bundle, TRANSFERASE' 
# 
loop_
_struct_asym.id 
_struct_asym.pdbx_blank_PDB_chainid_flag 
_struct_asym.pdbx_modified 
_struct_asym.entity_id 
_struct_asym.details 
A N N 1 ? 
B N N 2 ? 
# 
_struct_biol.id        1 
_struct_biol.details   ? 
# 
loop_
_struct_conf.conf_type_id 
_struct_conf.id 
_struct_conf.pdbx_PDB_helix_id 
_struct_conf.beg_label_comp_id 
_struct_conf.beg_label_asym_id 
_struct_conf.beg_label_seq_id 
_struct_conf.pdbx_beg_PDB_ins_code 
_struct_conf.end_label_comp_id 
_struct_conf.end_label_asym_id 
_struct_conf.end_label_seq_id 
_struct_conf.pdbx_end_PDB_ins_code 
_struct_conf.beg_auth_comp_id 
_struct_conf.beg_auth_asym_id 
_struct_conf.beg_auth_seq_id 
_struct_conf.end_auth_comp_id 
_struct_conf.end_auth_asym_id 
_struct_conf.end_auth_seq_id 
_struct_conf.pdbx_PDB_helix_class 
_struct_conf.details 
_struct_conf.pdbx_PDB_helix_length 
HELX_P HELX_P1 1 ASP A 22  ? LEU A 42  ? ASP A 878 LEU A 898  1 ? 21 
HELX_P HELX_P2 2 ALA A 43  ? LEU A 45  ? ALA A 899 LEU A 901  5 ? 3  
HELX_P HELX_P3 3 PRO A 46  ? LEU A 72  ? PRO A 902 LEU A 928  1 ? 27 
HELX_P HELX_P4 4 PRO A 73  ? LEU A 75  ? PRO A 929 LEU A 931  5 ? 3  
HELX_P HELX_P5 5 PRO A 76  ? ASN A 107 ? PRO A 932 ASN A 963  1 ? 32 
HELX_P HELX_P6 6 LEU A 112 ? ALA A 148 ? LEU A 968 ALA A 1004 1 ? 37 
# 
_struct_conf_type.id          HELX_P 
_struct_conf_type.criteria    ? 
_struct_conf_type.reference   ? 
# 
_atom_sites.entry_id                    3GM3 
_atom_sites.fract_transf_matrix[1][1]   -0.02371859 
_atom_sites.fract_transf_matrix[1][2]   0.02354924 
_atom_sites.fract_transf_matrix[1][3]   -0.01083189 
_atom_sites.fract_transf_matrix[2][1]   0.00178379 
_atom_sites.fract_transf_matrix[2][2]   -0.00823017 
_atom_sites.fract_transf_matrix[2][3]   -0.02179891 
_atom_sites.fract_transf_matrix[3][1]   -0.00566636 
_atom_sites.fract_transf_matrix[3][2]   -0.00504437 
_atom_sites.fract_transf_matrix[3][3]   0.00144083 
_atom_sites.fract_transf_vector[1]      -0.384937 
_atom_sites.fract_transf_vector[2]      0.214610 
_atom_sites.fract_transf_vector[3]      0.182304 
# 
loop_
_atom_type.symbol 
C 
N 
O 
S 
# 
loop_
_atom_site.group_PDB 
_atom_site.id 
_atom_site.type_symbol 
_atom_site.label_atom_id 
_atom_site.label_alt_id 
_atom_site.label_comp_id 
_atom_site.label_asym_id 
_atom_site.label_entity_id 
_atom_site.label_seq_id 
_atom_site.pdbx_PDB_ins_code 
_atom_site.Cartn_x 
_atom_site.Cartn_y 
_atom_site.Cartn_z 
_atom_site.occupancy 
_atom_site.B_iso_or_equiv 
_atom_site.pdbx_formal_charge 
_atom_site.auth_seq_id 
_atom_site.auth_comp_id 
_atom_site.auth_asym_id 
_atom_site.auth_atom_id 
_atom_site.pdbx_PDB_model_num 
ATOM   1    N N   . ASN A 1 16  ? -13.007 -14.329 -16.493 1.00 47.01 ? 872  ASN A N   1 
ATOM   2    C CA  . ASN A 1 16  ? -11.800 -14.672 -15.659 1.00 46.77 ? 872  ASN A CA  1 
ATOM   3    C C   . ASN A 1 16  ? -12.115 -14.588 -14.158 1.00 46.15 ? 872  ASN A C   1 
ATOM   4    O O   . ASN A 1 16  ? -12.725 -15.516 -13.618 1.00 46.33 ? 872  ASN A O   1 
ATOM   5    C CB  . ASN A 1 16  ? -10.584 -13.805 -16.043 1.00 47.08 ? 872  ASN A CB  1 
ATOM   6    C CG  . ASN A 1 16  ? -9.243  -14.476 -15.718 1.00 48.41 ? 872  ASN A CG  1 
ATOM   7    O OD1 . ASN A 1 16  ? -9.186  -15.640 -15.295 1.00 49.78 ? 872  ASN A OD1 1 
ATOM   8    N ND2 . ASN A 1 16  ? -8.152  -13.734 -15.927 1.00 50.24 ? 872  ASN A ND2 1 
ATOM   9    N N   . LEU A 1 17  ? -11.709 -13.501 -13.487 1.00 45.09 ? 873  LEU A N   1 
ATOM   10   C CA  . LEU A 1 17  ? -12.024 -13.320 -12.056 1.00 44.03 ? 873  LEU A CA  1 
ATOM   11   C C   . LEU A 1 17  ? -13.238 -12.432 -11.820 1.00 43.31 ? 873  LEU A C   1 
ATOM   12   O O   . LEU A 1 17  ? -13.368 -11.368 -12.430 1.00 43.01 ? 873  LEU A O   1 
ATOM   13   C CB  . LEU A 1 17  ? -10.837 -12.752 -11.265 1.00 43.97 ? 873  LEU A CB  1 
ATOM   14   C CG  . LEU A 1 17  ? -9.773  -13.652 -10.619 1.00 43.81 ? 873  LEU A CG  1 
ATOM   15   C CD1 . LEU A 1 17  ? -10.169 -15.131 -10.651 1.00 43.36 ? 873  LEU A CD1 1 
ATOM   16   C CD2 . LEU A 1 17  ? -8.409  -13.435 -11.272 1.00 44.09 ? 873  LEU A CD2 1 
ATOM   17   N N   . ASP A 1 18  ? -14.112 -12.877 -10.918 1.00 42.54 ? 874  ASP A N   1 
ATOM   18   C CA  . ASP A 1 18  ? -15.277 -12.099 -10.501 1.00 41.75 ? 874  ASP A CA  1 
ATOM   19   C C   . ASP A 1 18  ? -14.937 -11.245 -9.270  1.00 40.98 ? 874  ASP A C   1 
ATOM   20   O O   . ASP A 1 18  ? -14.775 -11.758 -8.159  1.00 40.70 ? 874  ASP A O   1 
ATOM   21   C CB  . ASP A 1 18  ? -16.476 -13.024 -10.238 1.00 41.85 ? 874  ASP A CB  1 
ATOM   22   C CG  . ASP A 1 18  ? -17.762 -12.260 -9.903  1.00 42.50 ? 874  ASP A CG  1 
ATOM   23   O OD1 . ASP A 1 18  ? -18.711 -12.892 -9.389  1.00 44.34 ? 874  ASP A OD1 1 
ATOM   24   O OD2 . ASP A 1 18  ? -17.836 -11.037 -10.141 1.00 42.03 ? 874  ASP A OD2 1 
ATOM   25   N N   . ARG A 1 19  ? -14.841 -9.936  -9.492  1.00 40.25 ? 875  ARG A N   1 
ATOM   26   C CA  . ARG A 1 19  ? -14.426 -8.976  -8.466  1.00 39.77 ? 875  ARG A CA  1 
ATOM   27   C C   . ARG A 1 19  ? -15.606 -8.418  -7.670  1.00 40.03 ? 875  ARG A C   1 
ATOM   28   O O   . ARG A 1 19  ? -15.441 -7.548  -6.810  1.00 39.59 ? 875  ARG A O   1 
ATOM   29   C CB  . ARG A 1 19  ? -13.617 -7.839  -9.104  1.00 39.33 ? 875  ARG A CB  1 
ATOM   30   C CG  . ARG A 1 19  ? -12.333 -8.287  -9.816  1.00 37.74 ? 875  ARG A CG  1 
ATOM   31   C CD  . ARG A 1 19  ? -11.440 -9.128  -8.915  1.00 34.83 ? 875  ARG A CD  1 
ATOM   32   N NE  . ARG A 1 19  ? -10.052 -9.130  -9.369  1.00 33.90 ? 875  ARG A NE  1 
ATOM   33   C CZ  . ARG A 1 19  ? -9.104  -9.950  -8.922  1.00 32.45 ? 875  ARG A CZ  1 
ATOM   34   N NH1 . ARG A 1 19  ? -9.379  -10.866 -8.006  1.00 31.64 ? 875  ARG A NH1 1 
ATOM   35   N NH2 . ARG A 1 19  ? -7.875  -9.863  -9.408  1.00 32.69 ? 875  ARG A NH2 1 
ATOM   36   N N   . THR A 1 20  ? -16.786 -8.966  -7.964  1.00 40.79 ? 876  THR A N   1 
ATOM   37   C CA  . THR A 1 20  ? -18.089 -8.561  -7.405  1.00 41.18 ? 876  THR A CA  1 
ATOM   38   C C   . THR A 1 20  ? -18.106 -8.162  -5.932  1.00 41.35 ? 876  THR A C   1 
ATOM   39   O O   . THR A 1 20  ? -18.519 -7.049  -5.613  1.00 41.75 ? 876  THR A O   1 
ATOM   40   C CB  . THR A 1 20  ? -19.171 -9.634  -7.710  1.00 41.25 ? 876  THR A CB  1 
ATOM   41   O OG1 . THR A 1 20  ? -19.576 -9.493  -9.081  1.00 42.00 ? 876  THR A OG1 1 
ATOM   42   C CG2 . THR A 1 20  ? -20.407 -9.508  -6.794  1.00 40.92 ? 876  THR A CG2 1 
ATOM   43   N N   . ASP A 1 21  ? -17.679 -9.051  -5.037  1.00 41.23 ? 877  ASP A N   1 
ATOM   44   C CA  . ASP A 1 21  ? -17.631 -8.696  -3.619  1.00 41.02 ? 877  ASP A CA  1 
ATOM   45   C C   . ASP A 1 21  ? -16.223 -8.860  -3.080  1.00 40.28 ? 877  ASP A C   1 
ATOM   46   O O   . ASP A 1 21  ? -16.009 -9.400  -1.986  1.00 40.35 ? 877  ASP A O   1 
ATOM   47   C CB  . ASP A 1 21  ? -18.630 -9.537  -2.824  1.00 41.74 ? 877  ASP A CB  1 
ATOM   48   C CG  . ASP A 1 21  ? -19.872 -8.754  -2.438  1.00 43.76 ? 877  ASP A CG  1 
ATOM   49   O OD1 . ASP A 1 21  ? -19.758 -7.826  -1.587  1.00 46.52 ? 877  ASP A OD1 1 
ATOM   50   O OD2 . ASP A 1 21  ? -20.962 -9.076  -2.974  1.00 45.30 ? 877  ASP A OD2 1 
ATOM   51   N N   . ASP A 1 22  ? -15.264 -8.384  -3.867  1.00 39.11 ? 878  ASP A N   1 
ATOM   52   C CA  . ASP A 1 22  ? -13.858 -8.632  -3.615  1.00 37.96 ? 878  ASP A CA  1 
ATOM   53   C C   . ASP A 1 22  ? -13.239 -7.361  -3.050  1.00 37.03 ? 878  ASP A C   1 
ATOM   54   O O   . ASP A 1 22  ? -12.780 -6.499  -3.794  1.00 36.93 ? 878  ASP A O   1 
ATOM   55   C CB  . ASP A 1 22  ? -13.193 -9.072  -4.923  1.00 38.04 ? 878  ASP A CB  1 
ATOM   56   C CG  . ASP A 1 22  ? -11.898 -9.825  -4.713  1.00 38.27 ? 878  ASP A CG  1 
ATOM   57   O OD1 . ASP A 1 22  ? -11.214 -9.609  -3.685  1.00 39.20 ? 878  ASP A OD1 1 
ATOM   58   O OD2 . ASP A 1 22  ? -11.554 -10.626 -5.609  1.00 37.86 ? 878  ASP A OD2 1 
ATOM   59   N N   . LEU A 1 23  ? -13.261 -7.242  -1.726  1.00 36.28 ? 879  LEU A N   1 
ATOM   60   C CA  . LEU A 1 23  ? -12.818 -6.014  -1.064  1.00 35.72 ? 879  LEU A CA  1 
ATOM   61   C C   . LEU A 1 23  ? -11.301 -5.886  -1.045  1.00 34.99 ? 879  LEU A C   1 
ATOM   62   O O   . LEU A 1 23  ? -10.760 -4.785  -1.189  1.00 35.33 ? 879  LEU A O   1 
ATOM   63   C CB  . LEU A 1 23  ? -13.390 -5.903  0.354   1.00 36.15 ? 879  LEU A CB  1 
ATOM   64   C CG  . LEU A 1 23  ? -14.918 -5.774  0.492   1.00 37.30 ? 879  LEU A CG  1 
ATOM   65   C CD1 . LEU A 1 23  ? -15.354 -6.020  1.942   1.00 38.09 ? 879  LEU A CD1 1 
ATOM   66   C CD2 . LEU A 1 23  ? -15.478 -4.438  -0.056  1.00 36.96 ? 879  LEU A CD2 1 
ATOM   67   N N   . VAL A 1 24  ? -10.618 -7.012  -0.871  1.00 33.74 ? 880  VAL A N   1 
ATOM   68   C CA  . VAL A 1 24  ? -9.165  -7.046  -0.916  1.00 32.29 ? 880  VAL A CA  1 
ATOM   69   C C   . VAL A 1 24  ? -8.693  -6.481  -2.253  1.00 31.40 ? 880  VAL A C   1 
ATOM   70   O O   . VAL A 1 24  ? -7.782  -5.653  -2.292  1.00 31.49 ? 880  VAL A O   1 
ATOM   71   C CB  . VAL A 1 24  ? -8.633  -8.475  -0.657  1.00 32.48 ? 880  VAL A CB  1 
ATOM   72   C CG1 . VAL A 1 24  ? -7.151  -8.608  -1.047  1.00 32.26 ? 880  VAL A CG1 1 
ATOM   73   C CG2 . VAL A 1 24  ? -8.868  -8.872  0.821   1.00 31.88 ? 880  VAL A CG2 1 
ATOM   74   N N   . TYR A 1 25  ? -9.344  -6.904  -3.335  1.00 30.18 ? 881  TYR A N   1 
ATOM   75   C CA  . TYR A 1 25  ? -9.088  -6.371  -4.672  1.00 28.96 ? 881  TYR A CA  1 
ATOM   76   C C   . TYR A 1 25  ? -9.357  -4.869  -4.749  1.00 28.49 ? 881  TYR A C   1 
ATOM   77   O O   . TYR A 1 25  ? -8.517  -4.093  -5.221  1.00 27.95 ? 881  TYR A O   1 
ATOM   78   C CB  . TYR A 1 25  ? -9.947  -7.105  -5.708  1.00 28.86 ? 881  TYR A CB  1 
ATOM   79   C CG  . TYR A 1 25  ? -9.917  -6.462  -7.070  1.00 27.79 ? 881  TYR A CG  1 
ATOM   80   C CD1 . TYR A 1 25  ? -8.839  -6.661  -7.919  1.00 27.18 ? 881  TYR A CD1 1 
ATOM   81   C CD2 . TYR A 1 25  ? -10.956 -5.628  -7.500  1.00 27.19 ? 881  TYR A CD2 1 
ATOM   82   C CE1 . TYR A 1 25  ? -8.794  -6.066  -9.170  1.00 26.83 ? 881  TYR A CE1 1 
ATOM   83   C CE2 . TYR A 1 25  ? -10.919 -5.020  -8.741  1.00 25.79 ? 881  TYR A CE2 1 
ATOM   84   C CZ  . TYR A 1 25  ? -9.833  -5.250  -9.574  1.00 26.51 ? 881  TYR A CZ  1 
ATOM   85   O OH  . TYR A 1 25  ? -9.773  -4.665  -10.818 1.00 27.16 ? 881  TYR A OH  1 
ATOM   86   N N   . LEU A 1 26  ? -10.537 -4.474  -4.276  1.00 28.16 ? 882  LEU A N   1 
ATOM   87   C CA  . LEU A 1 26  ? -10.967 -3.083  -4.292  1.00 27.88 ? 882  LEU A CA  1 
ATOM   88   C C   . LEU A 1 26  ? -9.997  -2.182  -3.555  1.00 27.23 ? 882  LEU A C   1 
ATOM   89   O O   . LEU A 1 26  ? -9.646  -1.107  -4.035  1.00 26.87 ? 882  LEU A O   1 
ATOM   90   C CB  . LEU A 1 26  ? -12.333 -2.969  -3.643  1.00 28.43 ? 882  LEU A CB  1 
ATOM   91   C CG  . LEU A 1 26  ? -13.356 -2.282  -4.538  1.00 30.95 ? 882  LEU A CG  1 
ATOM   92   C CD1 . LEU A 1 26  ? -14.126 -3.360  -5.357  1.00 32.92 ? 882  LEU A CD1 1 
ATOM   93   C CD2 . LEU A 1 26  ? -14.301 -1.387  -3.712  1.00 34.07 ? 882  LEU A CD2 1 
ATOM   94   N N   . ASN A 1 27  ? -9.567  -2.627  -2.378  1.00 26.85 ? 883  ASN A N   1 
ATOM   95   C CA  . ASN A 1 27  ? -8.636  -1.846  -1.560  1.00 26.84 ? 883  ASN A CA  1 
ATOM   96   C C   . ASN A 1 27  ? -7.206  -1.818  -2.085  1.00 26.39 ? 883  ASN A C   1 
ATOM   97   O O   . ASN A 1 27  ? -6.553  -0.797  -1.980  1.00 26.44 ? 883  ASN A O   1 
ATOM   98   C CB  . ASN A 1 27  ? -8.697  -2.257  -0.087  1.00 26.80 ? 883  ASN A CB  1 
ATOM   99   C CG  . ASN A 1 27  ? -10.069 -2.024  0.522   1.00 27.55 ? 883  ASN A CG  1 
ATOM   100  O OD1 . ASN A 1 27  ? -10.634 -2.918  1.144   1.00 29.15 ? 883  ASN A OD1 1 
ATOM   101  N ND2 . ASN A 1 27  ? -10.623 -0.828  0.324   1.00 28.41 ? 883  ASN A ND2 1 
ATOM   102  N N   . VAL A 1 28  ? -6.725  -2.921  -2.655  1.00 26.40 ? 884  VAL A N   1 
ATOM   103  C CA  . VAL A 1 28  ? -5.455  -2.894  -3.381  1.00 26.11 ? 884  VAL A CA  1 
ATOM   104  C C   . VAL A 1 28  ? -5.512  -1.837  -4.484  1.00 26.83 ? 884  VAL A C   1 
ATOM   105  O O   . VAL A 1 28  ? -4.600  -1.018  -4.583  1.00 26.88 ? 884  VAL A O   1 
ATOM   106  C CB  . VAL A 1 28  ? -5.038  -4.283  -3.961  1.00 25.94 ? 884  VAL A CB  1 
ATOM   107  C CG1 . VAL A 1 28  ? -3.933  -4.127  -4.985  1.00 24.29 ? 884  VAL A CG1 1 
ATOM   108  C CG2 . VAL A 1 28  ? -4.585  -5.233  -2.845  1.00 25.14 ? 884  VAL A CG2 1 
ATOM   109  N N   . MET A 1 29  ? -6.581  -1.838  -5.288  1.00 27.57 ? 885  MET A N   1 
ATOM   110  C CA  . MET A 1 29  ? -6.730  -0.858  -6.391  1.00 28.48 ? 885  MET A CA  1 
ATOM   111  C C   . MET A 1 29  ? -6.832  0.596   -5.914  1.00 28.99 ? 885  MET A C   1 
ATOM   112  O O   . MET A 1 29  ? -6.157  1.496   -6.443  1.00 28.71 ? 885  MET A O   1 
ATOM   113  C CB  . MET A 1 29  ? -7.925  -1.204  -7.282  1.00 28.48 ? 885  MET A CB  1 
ATOM   114  C CG  . MET A 1 29  ? -7.777  -2.531  -8.010  1.00 29.58 ? 885  MET A CG  1 
ATOM   115  S SD  . MET A 1 29  ? -6.183  -2.662  -8.845  1.00 31.47 ? 885  MET A SD  1 
ATOM   116  C CE  . MET A 1 29  ? -6.555  -1.717  -10.314 1.00 30.74 ? 885  MET A CE  1 
ATOM   117  N N   . GLU A 1 30  ? -7.672  0.812   -4.910  1.00 29.63 ? 886  GLU A N   1 
ATOM   118  C CA  . GLU A 1 30  ? -7.806  2.118   -4.301  1.00 30.90 ? 886  GLU A CA  1 
ATOM   119  C C   . GLU A 1 30  ? -6.446  2.613   -3.787  1.00 30.52 ? 886  GLU A C   1 
ATOM   120  O O   . GLU A 1 30  ? -6.079  3.765   -4.032  1.00 30.64 ? 886  GLU A O   1 
ATOM   121  C CB  . GLU A 1 30  ? -8.846  2.071   -3.187  1.00 31.39 ? 886  GLU A CB  1 
ATOM   122  C CG  . GLU A 1 30  ? -9.142  3.425   -2.552  1.00 36.25 ? 886  GLU A CG  1 
ATOM   123  C CD  . GLU A 1 30  ? -9.910  3.311   -1.232  1.00 42.34 ? 886  GLU A CD  1 
ATOM   124  O OE1 . GLU A 1 30  ? -10.398 2.193   -0.895  1.00 44.55 ? 886  GLU A OE1 1 
ATOM   125  O OE2 . GLU A 1 30  ? -10.017 4.346   -0.521  1.00 45.63 ? 886  GLU A OE2 1 
ATOM   126  N N   . LEU A 1 31  ? -5.700  1.740   -3.105  1.00 30.14 ? 887  LEU A N   1 
ATOM   127  C CA  . LEU A 1 31  ? -4.368  2.088   -2.603  1.00 30.03 ? 887  LEU A CA  1 
ATOM   128  C C   . LEU A 1 31  ? -3.388  2.417   -3.727  1.00 29.96 ? 887  LEU A C   1 
ATOM   129  O O   . LEU A 1 31  ? -2.745  3.456   -3.680  1.00 30.17 ? 887  LEU A O   1 
ATOM   130  C CB  . LEU A 1 31  ? -3.793  0.986   -1.697  1.00 30.03 ? 887  LEU A CB  1 
ATOM   131  C CG  . LEU A 1 31  ? -2.389  1.196   -1.092  1.00 30.55 ? 887  LEU A CG  1 
ATOM   132  C CD1 . LEU A 1 31  ? -2.216  0.395   0.181   1.00 30.48 ? 887  LEU A CD1 1 
ATOM   133  C CD2 . LEU A 1 31  ? -1.241  0.852   -2.072  1.00 29.44 ? 887  LEU A CD2 1 
ATOM   134  N N   . VAL A 1 32  ? -3.266  1.529   -4.715  1.00 29.86 ? 888  VAL A N   1 
ATOM   135  C CA  . VAL A 1 32  ? -2.374  1.739   -5.867  1.00 29.96 ? 888  VAL A CA  1 
ATOM   136  C C   . VAL A 1 32  ? -2.744  3.025   -6.617  1.00 30.53 ? 888  VAL A C   1 
ATOM   137  O O   . VAL A 1 32  ? -1.869  3.757   -7.082  1.00 30.29 ? 888  VAL A O   1 
ATOM   138  C CB  . VAL A 1 32  ? -2.396  0.527   -6.840  1.00 29.72 ? 888  VAL A CB  1 
ATOM   139  C CG1 . VAL A 1 32  ? -1.601  0.815   -8.106  1.00 28.92 ? 888  VAL A CG1 1 
ATOM   140  C CG2 . VAL A 1 32  ? -1.854  -0.707  -6.153  1.00 29.30 ? 888  VAL A CG2 1 
ATOM   141  N N   . ARG A 1 33  ? -4.039  3.299   -6.726  1.00 31.22 ? 889  ARG A N   1 
ATOM   142  C CA  . ARG A 1 33  ? -4.475  4.569   -7.281  1.00 32.13 ? 889  ARG A CA  1 
ATOM   143  C C   . ARG A 1 33  ? -3.977  5.735   -6.431  1.00 32.24 ? 889  ARG A C   1 
ATOM   144  O O   . ARG A 1 33  ? -3.404  6.676   -6.970  1.00 32.44 ? 889  ARG A O   1 
ATOM   145  C CB  . ARG A 1 33  ? -5.996  4.606   -7.510  1.00 32.38 ? 889  ARG A CB  1 
ATOM   146  C CG  . ARG A 1 33  ? -6.441  3.765   -8.734  1.00 33.83 ? 889  ARG A CG  1 
ATOM   147  C CD  . ARG A 1 33  ? -7.737  4.273   -9.384  1.00 35.22 ? 889  ARG A CD  1 
ATOM   148  N NE  . ARG A 1 33  ? -8.043  3.569   -10.632 1.00 35.93 ? 889  ARG A NE  1 
ATOM   149  C CZ  . ARG A 1 33  ? -8.736  2.432   -10.709 1.00 37.56 ? 889  ARG A CZ  1 
ATOM   150  N NH1 . ARG A 1 33  ? -9.205  1.838   -9.605  1.00 38.76 ? 889  ARG A NH1 1 
ATOM   151  N NH2 . ARG A 1 33  ? -8.952  1.872   -11.895 1.00 36.53 ? 889  ARG A NH2 1 
ATOM   152  N N   . ALA A 1 34  ? -4.150  5.654   -5.113  1.00 32.64 ? 890  ALA A N   1 
ATOM   153  C CA  . ALA A 1 34  ? -3.702  6.720   -4.203  1.00 33.33 ? 890  ALA A CA  1 
ATOM   154  C C   . ALA A 1 34  ? -2.194  6.991   -4.305  1.00 34.11 ? 890  ALA A C   1 
ATOM   155  O O   . ALA A 1 34  ? -1.761  8.147   -4.284  1.00 34.23 ? 890  ALA A O   1 
ATOM   156  C CB  . ALA A 1 34  ? -4.100  6.409   -2.760  1.00 33.14 ? 890  ALA A CB  1 
ATOM   157  N N   . VAL A 1 35  ? -1.401  5.924   -4.413  1.00 34.87 ? 891  VAL A N   1 
ATOM   158  C CA  . VAL A 1 35  ? 0.032   6.044   -4.698  1.00 35.67 ? 891  VAL A CA  1 
ATOM   159  C C   . VAL A 1 35  ? 0.328   6.758   -6.036  1.00 36.35 ? 891  VAL A C   1 
ATOM   160  O O   . VAL A 1 35  ? 1.205   7.612   -6.090  1.00 36.58 ? 891  VAL A O   1 
ATOM   161  C CB  . VAL A 1 35  ? 0.749   4.668   -4.614  1.00 35.71 ? 891  VAL A CB  1 
ATOM   162  C CG1 . VAL A 1 35  ? 2.094   4.686   -5.369  1.00 35.44 ? 891  VAL A CG1 1 
ATOM   163  C CG2 . VAL A 1 35  ? 0.928   4.237   -3.142  1.00 35.12 ? 891  VAL A CG2 1 
ATOM   164  N N   . LEU A 1 36  ? -0.392  6.418   -7.104  1.00 37.37 ? 892  LEU A N   1 
ATOM   165  C CA  . LEU A 1 36  ? -0.126  7.018   -8.424  1.00 38.55 ? 892  LEU A CA  1 
ATOM   166  C C   . LEU A 1 36  ? -0.473  8.500   -8.430  1.00 39.64 ? 892  LEU A C   1 
ATOM   167  O O   . LEU A 1 36  ? 0.120   9.292   -9.160  1.00 39.76 ? 892  LEU A O   1 
ATOM   168  C CB  . LEU A 1 36  ? -0.900  6.309   -9.535  1.00 38.28 ? 892  LEU A CB  1 
ATOM   169  C CG  . LEU A 1 36  ? -0.504  4.875   -9.900  1.00 38.33 ? 892  LEU A CG  1 
ATOM   170  C CD1 . LEU A 1 36  ? -1.513  4.294   -10.875 1.00 37.77 ? 892  LEU A CD1 1 
ATOM   171  C CD2 . LEU A 1 36  ? 0.919   4.783   -10.464 1.00 38.26 ? 892  LEU A CD2 1 
ATOM   172  N N   . GLU A 1 37  ? -1.441  8.853   -7.596  1.00 40.84 ? 893  GLU A N   1 
ATOM   173  C CA  . GLU A 1 37  ? -1.869  10.221  -7.416  1.00 42.21 ? 893  GLU A CA  1 
ATOM   174  C C   . GLU A 1 37  ? -0.748  11.049  -6.778  1.00 42.60 ? 893  GLU A C   1 
ATOM   175  O O   . GLU A 1 37  ? -0.406  12.124  -7.278  1.00 42.54 ? 893  GLU A O   1 
ATOM   176  C CB  . GLU A 1 37  ? -3.096  10.214  -6.521  1.00 42.55 ? 893  GLU A CB  1 
ATOM   177  C CG  . GLU A 1 37  ? -4.110  11.278  -6.818  1.00 45.10 ? 893  GLU A CG  1 
ATOM   178  C CD  . GLU A 1 37  ? -4.964  11.571  -5.597  1.00 48.78 ? 893  GLU A CD  1 
ATOM   179  O OE1 . GLU A 1 37  ? -5.181  12.771  -5.312  1.00 49.92 ? 893  GLU A OE1 1 
ATOM   180  O OE2 . GLU A 1 37  ? -5.402  10.606  -4.912  1.00 49.21 ? 893  GLU A OE2 1 
ATOM   181  N N   . LEU A 1 38  ? -0.183  10.534  -5.679  1.00 43.28 ? 894  LEU A N   1 
ATOM   182  C CA  . LEU A 1 38  ? 0.992   11.125  -5.028  1.00 43.88 ? 894  LEU A CA  1 
ATOM   183  C C   . LEU A 1 38  ? 2.127   11.316  -6.020  1.00 44.32 ? 894  LEU A C   1 
ATOM   184  O O   . LEU A 1 38  ? 2.698   12.400  -6.099  1.00 44.47 ? 894  LEU A O   1 
ATOM   185  C CB  . LEU A 1 38  ? 1.471   10.251  -3.861  1.00 44.04 ? 894  LEU A CB  1 
ATOM   186  C CG  . LEU A 1 38  ? 2.524   10.820  -2.894  1.00 44.61 ? 894  LEU A CG  1 
ATOM   187  C CD1 . LEU A 1 38  ? 2.385   10.191  -1.523  1.00 45.86 ? 894  LEU A CD1 1 
ATOM   188  C CD2 . LEU A 1 38  ? 3.935   10.617  -3.387  1.00 44.81 ? 894  LEU A CD2 1 
ATOM   189  N N   . LYS A 1 39  ? 2.436   10.262  -6.776  1.00 44.89 ? 895  LYS A N   1 
ATOM   190  C CA  . LYS A 1 39  ? 3.512   10.284  -7.771  1.00 45.88 ? 895  LYS A CA  1 
ATOM   191  C C   . LYS A 1 39  ? 3.403   11.461  -8.747  1.00 46.96 ? 895  LYS A C   1 
ATOM   192  O O   . LYS A 1 39  ? 4.400   12.106  -9.058  1.00 47.30 ? 895  LYS A O   1 
ATOM   193  C CB  . LYS A 1 39  ? 3.580   8.954   -8.540  1.00 40.00 ? 895  LYS A CB  1 
ATOM   194  N N   . ASN A 1 40  ? 2.193   11.743  -9.218  1.00 48.69 ? 896  ASN A N   1 
ATOM   195  C CA  . ASN A 1 40  ? 1.969   12.841  -10.164 1.00 50.12 ? 896  ASN A CA  1 
ATOM   196  C C   . ASN A 1 40  ? 1.871   14.211  -9.503  1.00 50.77 ? 896  ASN A C   1 
ATOM   197  O O   . ASN A 1 40  ? 2.133   15.231  -10.148 1.00 51.37 ? 896  ASN A O   1 
ATOM   198  C CB  . ASN A 1 40  ? 0.717   12.575  -11.008 1.00 50.25 ? 896  ASN A CB  1 
ATOM   199  C CG  . ASN A 1 40  ? 0.893   11.395  -11.967 1.00 51.32 ? 896  ASN A CG  1 
ATOM   200  O OD1 . ASN A 1 40  ? 0.144   10.414  -11.906 1.00 52.25 ? 896  ASN A OD1 1 
ATOM   201  N ND2 . ASN A 1 40  ? 1.890   11.489  -12.855 1.00 51.58 ? 896  ASN A ND2 1 
ATOM   202  N N   . GLU A 1 41  ? 1.506   14.234  -8.217  1.00 51.10 ? 897  GLU A N   1 
ATOM   203  C CA  . GLU A 1 41  ? 1.212   15.497  -7.532  1.00 51.70 ? 897  GLU A CA  1 
ATOM   204  C C   . GLU A 1 41  ? 2.384   16.030  -6.699  1.00 52.49 ? 897  GLU A C   1 
ATOM   205  O O   . GLU A 1 41  ? 2.459   17.241  -6.434  1.00 52.75 ? 897  GLU A O   1 
ATOM   206  C CB  . GLU A 1 41  ? -0.061  15.355  -6.665  1.00 40.00 ? 897  GLU A CB  1 
ATOM   207  N N   . LEU A 1 42  ? 3.295   15.130  -6.301  1.00 53.77 ? 898  LEU A N   1 
ATOM   208  C CA  . LEU A 1 42  ? 4.399   15.466  -5.388  1.00 54.72 ? 898  LEU A CA  1 
ATOM   209  C C   . LEU A 1 42  ? 5.208   16.673  -5.863  1.00 55.72 ? 898  LEU A C   1 
ATOM   210  O O   . LEU A 1 42  ? 5.640   17.496  -5.043  1.00 56.21 ? 898  LEU A O   1 
ATOM   211  C CB  . LEU A 1 42  ? 5.330   14.269  -5.181  1.00 54.49 ? 898  LEU A CB  1 
ATOM   212  C CG  . LEU A 1 42  ? 5.745   13.907  -3.750  1.00 54.12 ? 898  LEU A CG  1 
ATOM   213  C CD1 . LEU A 1 42  ? 7.088   13.212  -3.758  1.00 53.46 ? 898  LEU A CD1 1 
ATOM   214  C CD2 . LEU A 1 42  ? 5.785   15.108  -2.814  1.00 53.87 ? 898  LEU A CD2 1 
ATOM   215  N N   . ALA A 1 43  ? 5.405   16.765  -7.184  1.00 56.53 ? 899  ALA A N   1 
ATOM   216  C CA  . ALA A 1 43  ? 6.109   17.891  -7.806  1.00 57.23 ? 899  ALA A CA  1 
ATOM   217  C C   . ALA A 1 43  ? 5.478   19.242  -7.440  1.00 57.83 ? 899  ALA A C   1 
ATOM   218  O O   . ALA A 1 43  ? 6.187   20.191  -7.096  1.00 57.98 ? 899  ALA A O   1 
ATOM   219  C CB  . ALA A 1 43  ? 6.147   17.717  -9.329  1.00 57.17 ? 899  ALA A CB  1 
ATOM   220  N N   . GLN A 1 44  ? 4.148   19.315  -7.484  1.00 58.43 ? 900  GLN A N   1 
ATOM   221  C CA  . GLN A 1 44  ? 3.447   20.602  -7.427  1.00 59.01 ? 900  GLN A CA  1 
ATOM   222  C C   . GLN A 1 44  ? 2.670   20.844  -6.126  1.00 59.01 ? 900  GLN A C   1 
ATOM   223  O O   . GLN A 1 44  ? 1.880   21.797  -6.033  1.00 59.08 ? 900  GLN A O   1 
ATOM   224  C CB  . GLN A 1 44  ? 2.511   20.748  -8.643  1.00 59.39 ? 900  GLN A CB  1 
ATOM   225  C CG  . GLN A 1 44  ? 3.098   20.263  -9.981  1.00 60.52 ? 900  GLN A CG  1 
ATOM   226  C CD  . GLN A 1 44  ? 4.273   21.110  -10.476 1.00 62.38 ? 900  GLN A CD  1 
ATOM   227  O OE1 . GLN A 1 44  ? 4.958   21.786  -9.695  1.00 62.80 ? 900  GLN A OE1 1 
ATOM   228  N NE2 . GLN A 1 44  ? 4.510   21.070  -11.786 1.00 62.66 ? 900  GLN A NE2 1 
ATOM   229  N N   . LEU A 1 45  ? 2.886   19.987  -5.130  1.00 58.92 ? 901  LEU A N   1 
ATOM   230  C CA  . LEU A 1 45  ? 2.204   20.139  -3.845  1.00 58.79 ? 901  LEU A CA  1 
ATOM   231  C C   . LEU A 1 45  ? 3.119   20.769  -2.803  1.00 58.40 ? 901  LEU A C   1 
ATOM   232  O O   . LEU A 1 45  ? 4.281   20.348  -2.651  1.00 58.24 ? 901  LEU A O   1 
ATOM   233  C CB  . LEU A 1 45  ? 1.661   18.800  -3.317  1.00 58.88 ? 901  LEU A CB  1 
ATOM   234  C CG  . LEU A 1 45  ? 0.548   18.044  -4.053  1.00 59.78 ? 901  LEU A CG  1 
ATOM   235  C CD1 . LEU A 1 45  ? 0.457   16.613  -3.505  1.00 60.77 ? 901  LEU A CD1 1 
ATOM   236  C CD2 . LEU A 1 45  ? -0.811  18.747  -3.977  1.00 60.31 ? 901  LEU A CD2 1 
ATOM   237  N N   . PRO A 1 46  ? 2.599   21.789  -2.089  1.00 57.99 ? 902  PRO A N   1 
ATOM   238  C CA  . PRO A 1 46  ? 3.230   22.286  -0.868  1.00 57.70 ? 902  PRO A CA  1 
ATOM   239  C C   . PRO A 1 46  ? 3.241   21.176  0.198   1.00 57.17 ? 902  PRO A C   1 
ATOM   240  O O   . PRO A 1 46  ? 2.458   20.223  0.088   1.00 57.32 ? 902  PRO A O   1 
ATOM   241  C CB  . PRO A 1 46  ? 2.302   23.429  -0.434  1.00 57.84 ? 902  PRO A CB  1 
ATOM   242  C CG  . PRO A 1 46  ? 0.980   23.149  -1.118  1.00 57.87 ? 902  PRO A CG  1 
ATOM   243  C CD  . PRO A 1 46  ? 1.369   22.538  -2.420  1.00 58.03 ? 902  PRO A CD  1 
ATOM   244  N N   . PRO A 1 47  ? 4.121   21.285  1.215   1.00 56.47 ? 903  PRO A N   1 
ATOM   245  C CA  . PRO A 1 47  ? 4.160   20.315  2.323   1.00 55.92 ? 903  PRO A CA  1 
ATOM   246  C C   . PRO A 1 47  ? 2.785   19.887  2.874   1.00 55.22 ? 903  PRO A C   1 
ATOM   247  O O   . PRO A 1 47  ? 2.600   18.704  3.204   1.00 55.35 ? 903  PRO A O   1 
ATOM   248  C CB  . PRO A 1 47  ? 4.961   21.050  3.398   1.00 56.23 ? 903  PRO A CB  1 
ATOM   249  C CG  . PRO A 1 47  ? 5.909   21.910  2.608   1.00 56.59 ? 903  PRO A CG  1 
ATOM   250  C CD  . PRO A 1 47  ? 5.195   22.294  1.328   1.00 56.52 ? 903  PRO A CD  1 
ATOM   251  N N   . GLU A 1 48  ? 1.842   20.830  2.967   1.00 53.83 ? 904  GLU A N   1 
ATOM   252  C CA  . GLU A 1 48  ? 0.484   20.537  3.438   1.00 53.03 ? 904  GLU A CA  1 
ATOM   253  C C   . GLU A 1 48  ? -0.246  19.572  2.493   1.00 52.72 ? 904  GLU A C   1 
ATOM   254  O O   . GLU A 1 48  ? -0.968  18.675  2.951   1.00 52.99 ? 904  GLU A O   1 
ATOM   255  C CB  . GLU A 1 48  ? -0.329  21.832  3.604   1.00 40.00 ? 904  GLU A CB  1 
ATOM   256  N N   . GLY A 1 49  ? -0.042  19.762  1.186   1.00 52.45 ? 905  GLY A N   1 
ATOM   257  C CA  . GLY A 1 49  ? -0.720  18.993  0.135   1.00 51.80 ? 905  GLY A CA  1 
ATOM   258  C C   . GLY A 1 49  ? -0.352  17.515  0.046   1.00 51.49 ? 905  GLY A C   1 
ATOM   259  O O   . GLY A 1 49  ? -1.193  16.691  -0.332  1.00 51.52 ? 905  GLY A O   1 
ATOM   260  N N   . TYR A 1 50  ? 0.891   17.162  0.378   1.00 50.81 ? 906  TYR A N   1 
ATOM   261  C CA  . TYR A 1 50  ? 1.256   15.745  0.400   1.00 50.26 ? 906  TYR A CA  1 
ATOM   262  C C   . TYR A 1 50  ? 1.012   15.022  1.733   1.00 49.92 ? 906  TYR A C   1 
ATOM   263  O O   . TYR A 1 50  ? 0.768   13.812  1.736   1.00 50.42 ? 906  TYR A O   1 
ATOM   264  C CB  . TYR A 1 50  ? 2.642   15.453  -0.205  1.00 50.24 ? 906  TYR A CB  1 
ATOM   265  C CG  . TYR A 1 50  ? 3.834   16.204  0.360   1.00 50.35 ? 906  TYR A CG  1 
ATOM   266  C CD1 . TYR A 1 50  ? 4.441   17.235  -0.368  1.00 50.46 ? 906  TYR A CD1 1 
ATOM   267  C CD2 . TYR A 1 50  ? 4.389   15.858  1.598   1.00 49.99 ? 906  TYR A CD2 1 
ATOM   268  C CE1 . TYR A 1 50  ? 5.558   17.921  0.132   1.00 50.35 ? 906  TYR A CE1 1 
ATOM   269  C CE2 . TYR A 1 50  ? 5.502   16.539  2.109   1.00 50.15 ? 906  TYR A CE2 1 
ATOM   270  C CZ  . TYR A 1 50  ? 6.081   17.566  1.370   1.00 50.34 ? 906  TYR A CZ  1 
ATOM   271  O OH  . TYR A 1 50  ? 7.176   18.239  1.873   1.00 50.55 ? 906  TYR A OH  1 
ATOM   272  N N   . VAL A 1 51  ? 1.047   15.756  2.849   1.00 48.98 ? 907  VAL A N   1 
ATOM   273  C CA  . VAL A 1 51  ? 0.565   15.240  4.140   1.00 47.94 ? 907  VAL A CA  1 
ATOM   274  C C   . VAL A 1 51  ? -0.812  14.579  3.992   1.00 47.29 ? 907  VAL A C   1 
ATOM   275  O O   . VAL A 1 51  ? -1.089  13.521  4.578   1.00 47.07 ? 907  VAL A O   1 
ATOM   276  C CB  . VAL A 1 51  ? 0.540   16.361  5.223   1.00 48.02 ? 907  VAL A CB  1 
ATOM   277  C CG1 . VAL A 1 51  ? -0.598  16.173  6.254   1.00 47.60 ? 907  VAL A CG1 1 
ATOM   278  C CG2 . VAL A 1 51  ? 1.872   16.428  5.912   1.00 48.14 ? 907  VAL A CG2 1 
ATOM   279  N N   . VAL A 1 52  ? -1.654  15.219  3.186   1.00 46.26 ? 908  VAL A N   1 
ATOM   280  C CA  . VAL A 1 52  ? -3.024  14.793  2.975   1.00 45.20 ? 908  VAL A CA  1 
ATOM   281  C C   . VAL A 1 52  ? -3.066  13.515  2.138   1.00 44.26 ? 908  VAL A C   1 
ATOM   282  O O   . VAL A 1 52  ? -3.790  12.566  2.478   1.00 44.43 ? 908  VAL A O   1 
ATOM   283  C CB  . VAL A 1 52  ? -3.882  15.961  2.372   1.00 45.24 ? 908  VAL A CB  1 
ATOM   284  C CG1 . VAL A 1 52  ? -5.143  15.456  1.632   1.00 44.87 ? 908  VAL A CG1 1 
ATOM   285  C CG2 . VAL A 1 52  ? -4.248  16.953  3.472   1.00 45.16 ? 908  VAL A CG2 1 
ATOM   286  N N   . VAL A 1 53  ? -2.272  13.476  1.068   1.00 42.91 ? 909  VAL A N   1 
ATOM   287  C CA  . VAL A 1 53  ? -2.264  12.299  0.184   1.00 41.61 ? 909  VAL A CA  1 
ATOM   288  C C   . VAL A 1 53  ? -1.682  11.061  0.884   1.00 40.35 ? 909  VAL A C   1 
ATOM   289  O O   . VAL A 1 53  ? -2.214  9.965   0.719   1.00 40.22 ? 909  VAL A O   1 
ATOM   290  C CB  . VAL A 1 53  ? -1.619  12.567  -1.218  1.00 41.58 ? 909  VAL A CB  1 
ATOM   291  C CG1 . VAL A 1 53  ? -2.265  13.778  -1.878  1.00 41.39 ? 909  VAL A CG1 1 
ATOM   292  C CG2 . VAL A 1 53  ? -0.119  12.772  -1.116  1.00 42.25 ? 909  VAL A CG2 1 
ATOM   293  N N   . VAL A 1 54  ? -0.634  11.247  1.692   1.00 38.73 ? 910  VAL A N   1 
ATOM   294  C CA  . VAL A 1 54  ? -0.099  10.161  2.523   1.00 37.61 ? 910  VAL A CA  1 
ATOM   295  C C   . VAL A 1 54  ? -1.104  9.678   3.581   1.00 36.81 ? 910  VAL A C   1 
ATOM   296  O O   . VAL A 1 54  ? -1.167  8.483   3.886   1.00 36.57 ? 910  VAL A O   1 
ATOM   297  C CB  . VAL A 1 54  ? 1.247   10.538  3.170   1.00 37.52 ? 910  VAL A CB  1 
ATOM   298  C CG1 . VAL A 1 54  ? 1.734   9.445   4.129   1.00 36.86 ? 910  VAL A CG1 1 
ATOM   299  C CG2 . VAL A 1 54  ? 2.290   10.799  2.083   1.00 38.07 ? 910  VAL A CG2 1 
ATOM   300  N N   . LYS A 1 55  ? -1.894  10.604  4.119   1.00 35.82 ? 911  LYS A N   1 
ATOM   301  C CA  . LYS A 1 55  ? -2.955  10.245  5.065   1.00 35.21 ? 911  LYS A CA  1 
ATOM   302  C C   . LYS A 1 55  ? -4.007  9.360   4.410   1.00 34.60 ? 911  LYS A C   1 
ATOM   303  O O   . LYS A 1 55  ? -4.506  8.434   5.036   1.00 34.92 ? 911  LYS A O   1 
ATOM   304  C CB  . LYS A 1 55  ? -3.618  11.494  5.675   1.00 35.13 ? 911  LYS A CB  1 
ATOM   305  N N   . ASN A 1 56  ? -4.338  9.641   3.153   1.00 33.78 ? 912  ASN A N   1 
ATOM   306  C CA  . ASN A 1 56  ? -5.235  8.769   2.402   1.00 33.22 ? 912  ASN A CA  1 
ATOM   307  C C   . ASN A 1 56  ? -4.593  7.429   2.063   1.00 32.07 ? 912  ASN A C   1 
ATOM   308  O O   . ASN A 1 56  ? -5.282  6.413   2.004   1.00 31.58 ? 912  ASN A O   1 
ATOM   309  C CB  . ASN A 1 56  ? -5.749  9.458   1.128   1.00 33.84 ? 912  ASN A CB  1 
ATOM   310  C CG  . ASN A 1 56  ? -6.550  10.721  1.426   1.00 36.13 ? 912  ASN A CG  1 
ATOM   311  O OD1 . ASN A 1 56  ? -6.333  11.766  0.802   1.00 40.66 ? 912  ASN A OD1 1 
ATOM   312  N ND2 . ASN A 1 56  ? -7.468  10.639  2.391   1.00 36.52 ? 912  ASN A ND2 1 
ATOM   313  N N   . VAL A 1 57  ? -3.279  7.427   1.844   1.00 31.20 ? 913  VAL A N   1 
ATOM   314  C CA  . VAL A 1 57  ? -2.546  6.171   1.639   1.00 30.42 ? 913  VAL A CA  1 
ATOM   315  C C   . VAL A 1 57  ? -2.647  5.327   2.908   1.00 30.14 ? 913  VAL A C   1 
ATOM   316  O O   . VAL A 1 57  ? -2.910  4.120   2.835   1.00 30.05 ? 913  VAL A O   1 
ATOM   317  C CB  . VAL A 1 57  ? -1.069  6.387   1.194   1.00 30.33 ? 913  VAL A CB  1 
ATOM   318  C CG1 . VAL A 1 57  ? -0.311  5.071   1.170   1.00 29.17 ? 913  VAL A CG1 1 
ATOM   319  C CG2 . VAL A 1 57  ? -1.015  7.038   -0.197  1.00 29.48 ? 913  VAL A CG2 1 
ATOM   320  N N   . GLY A 1 58  ? -2.496  5.980   4.062   1.00 29.88 ? 914  GLY A N   1 
ATOM   321  C CA  . GLY A 1 58  ? -2.674  5.337   5.366   1.00 29.37 ? 914  GLY A CA  1 
ATOM   322  C C   . GLY A 1 58  ? -4.037  4.682   5.502   1.00 29.13 ? 914  GLY A C   1 
ATOM   323  O O   . GLY A 1 58  ? -4.136  3.504   5.857   1.00 29.35 ? 914  GLY A O   1 
ATOM   324  N N   . LEU A 1 59  ? -5.083  5.442   5.198   1.00 28.67 ? 915  LEU A N   1 
ATOM   325  C CA  . LEU A 1 59  ? -6.453  4.985   5.364   1.00 28.78 ? 915  LEU A CA  1 
ATOM   326  C C   . LEU A 1 59  ? -6.813  3.822   4.461   1.00 28.81 ? 915  LEU A C   1 
ATOM   327  O O   . LEU A 1 59  ? -7.419  2.863   4.925   1.00 29.05 ? 915  LEU A O   1 
ATOM   328  C CB  . LEU A 1 59  ? -7.449  6.129   5.137   1.00 28.88 ? 915  LEU A CB  1 
ATOM   329  C CG  . LEU A 1 59  ? -7.705  7.098   6.300   1.00 30.02 ? 915  LEU A CG  1 
ATOM   330  C CD1 . LEU A 1 59  ? -8.437  8.359   5.808   1.00 30.36 ? 915  LEU A CD1 1 
ATOM   331  C CD2 . LEU A 1 59  ? -8.471  6.432   7.449   1.00 28.50 ? 915  LEU A CD2 1 
ATOM   332  N N   . THR A 1 60  ? -6.475  3.922   3.174   1.00 28.87 ? 916  THR A N   1 
ATOM   333  C CA  . THR A 1 60  ? -6.724  2.837   2.221   1.00 29.29 ? 916  THR A CA  1 
ATOM   334  C C   . THR A 1 60  ? -6.006  1.563   2.649   1.00 29.10 ? 916  THR A C   1 
ATOM   335  O O   . THR A 1 60  ? -6.577  0.481   2.522   1.00 29.13 ? 916  THR A O   1 
ATOM   336  C CB  . THR A 1 60  ? -6.300  3.195   0.780   1.00 29.47 ? 916  THR A CB  1 
ATOM   337  O OG1 . THR A 1 60  ? -4.894  3.479   0.754   1.00 31.03 ? 916  THR A OG1 1 
ATOM   338  C CG2 . THR A 1 60  ? -7.055  4.420   0.278   1.00 30.04 ? 916  THR A CG2 1 
ATOM   339  N N   . LEU A 1 61  ? -4.774  1.697   3.154   1.00 28.80 ? 917  LEU A N   1 
ATOM   340  C CA  . LEU A 1 61  ? -4.022  0.567   3.708   1.00 28.94 ? 917  LEU A CA  1 
ATOM   341  C C   . LEU A 1 61  ? -4.720  -0.107  4.899   1.00 29.36 ? 917  LEU A C   1 
ATOM   342  O O   . LEU A 1 61  ? -4.817  -1.332  4.954   1.00 29.07 ? 917  LEU A O   1 
ATOM   343  C CB  . LEU A 1 61  ? -2.584  0.963   4.090   1.00 28.59 ? 917  LEU A CB  1 
ATOM   344  C CG  . LEU A 1 61  ? -1.726  -0.227  4.570   1.00 27.99 ? 917  LEU A CG  1 
ATOM   345  C CD1 . LEU A 1 61  ? -1.434  -1.198  3.433   1.00 27.63 ? 917  LEU A CD1 1 
ATOM   346  C CD2 . LEU A 1 61  ? -0.425  0.166   5.270   1.00 26.10 ? 917  LEU A CD2 1 
ATOM   347  N N   . ARG A 1 62  ? -5.209  0.678   5.851   1.00 30.19 ? 918  ARG A N   1 
ATOM   348  C CA  . ARG A 1 62  ? -5.877  0.088   7.013   1.00 31.40 ? 918  ARG A CA  1 
ATOM   349  C C   . ARG A 1 62  ? -7.205  -0.523  6.634   1.00 31.29 ? 918  ARG A C   1 
ATOM   350  O O   . ARG A 1 62  ? -7.670  -1.442  7.299   1.00 32.06 ? 918  ARG A O   1 
ATOM   351  C CB  . ARG A 1 62  ? -6.064  1.086   8.152   1.00 31.98 ? 918  ARG A CB  1 
ATOM   352  C CG  . ARG A 1 62  ? -5.024  2.169   8.150   1.00 35.19 ? 918  ARG A CG  1 
ATOM   353  C CD  . ARG A 1 62  ? -4.628  2.655   9.550   1.00 40.08 ? 918  ARG A CD  1 
ATOM   354  N NE  . ARG A 1 62  ? -3.881  3.907   9.401   1.00 43.37 ? 918  ARG A NE  1 
ATOM   355  C CZ  . ARG A 1 62  ? -4.460  5.108   9.249   1.00 45.15 ? 918  ARG A CZ  1 
ATOM   356  N NH1 . ARG A 1 62  ? -5.793  5.219   9.255   1.00 45.37 ? 918  ARG A NH1 1 
ATOM   357  N NH2 . ARG A 1 62  ? -3.711  6.202   9.099   1.00 45.42 ? 918  ARG A NH2 1 
ATOM   358  N N   . LYS A 1 63  ? -7.814  -0.023  5.565   1.00 31.11 ? 919  LYS A N   1 
ATOM   359  C CA  . LYS A 1 63  ? -8.966  -0.687  4.973   1.00 30.91 ? 919  LYS A CA  1 
ATOM   360  C C   . LYS A 1 63  ? -8.523  -2.012  4.350   1.00 30.38 ? 919  LYS A C   1 
ATOM   361  O O   . LYS A 1 63  ? -9.152  -3.031  4.564   1.00 30.26 ? 919  LYS A O   1 
ATOM   362  C CB  . LYS A 1 63  ? -9.617  0.191   3.905   1.00 31.45 ? 919  LYS A CB  1 
ATOM   363  C CG  . LYS A 1 63  ? -10.493 1.317   4.416   1.00 33.10 ? 919  LYS A CG  1 
ATOM   364  C CD  . LYS A 1 63  ? -11.699 1.514   3.465   1.00 37.39 ? 919  LYS A CD  1 
ATOM   365  C CE  . LYS A 1 63  ? -11.353 2.388   2.251   1.00 39.29 ? 919  LYS A CE  1 
ATOM   366  N NZ  . LYS A 1 63  ? -12.056 1.918   1.009   1.00 40.76 ? 919  LYS A NZ  1 
ATOM   367  N N   . LEU A 1 64  ? -7.434  -1.982  3.584   1.00 30.23 ? 920  LEU A N   1 
ATOM   368  C CA  . LEU A 1 64  ? -6.885  -3.174  2.931   1.00 30.01 ? 920  LEU A CA  1 
ATOM   369  C C   . LEU A 1 64  ? -6.561  -4.265  3.944   1.00 30.19 ? 920  LEU A C   1 
ATOM   370  O O   . LEU A 1 64  ? -7.058  -5.382  3.847   1.00 30.08 ? 920  LEU A O   1 
ATOM   371  C CB  . LEU A 1 64  ? -5.612  -2.823  2.157   1.00 29.86 ? 920  LEU A CB  1 
ATOM   372  C CG  . LEU A 1 64  ? -5.174  -3.576  0.885   1.00 29.63 ? 920  LEU A CG  1 
ATOM   373  C CD1 . LEU A 1 64  ? -3.655  -3.600  0.792   1.00 28.01 ? 920  LEU A CD1 1 
ATOM   374  C CD2 . LEU A 1 64  ? -5.723  -4.987  0.752   1.00 28.13 ? 920  LEU A CD2 1 
ATOM   375  N N   . ILE A 1 65  ? -5.732  -3.928  4.922   1.00 30.34 ? 921  ILE A N   1 
ATOM   376  C CA  . ILE A 1 65  ? -5.393  -4.853  5.994   1.00 30.33 ? 921  ILE A CA  1 
ATOM   377  C C   . ILE A 1 65  ? -6.638  -5.422  6.673   1.00 30.90 ? 921  ILE A C   1 
ATOM   378  O O   . ILE A 1 65  ? -6.706  -6.628  6.953   1.00 31.43 ? 921  ILE A O   1 
ATOM   379  C CB  . ILE A 1 65  ? -4.418  -4.192  6.994   1.00 30.23 ? 921  ILE A CB  1 
ATOM   380  C CG1 . ILE A 1 65  ? -3.006  -4.253  6.397   1.00 29.28 ? 921  ILE A CG1 1 
ATOM   381  C CG2 . ILE A 1 65  ? -4.507  -4.849  8.386   1.00 29.01 ? 921  ILE A CG2 1 
ATOM   382  C CD1 . ILE A 1 65  ? -2.006  -3.351  7.059   1.00 29.56 ? 921  ILE A CD1 1 
ATOM   383  N N   . GLY A 1 66  ? -7.623  -4.557  6.910   1.00 31.15 ? 922  GLY A N   1 
ATOM   384  C CA  . GLY A 1 66  ? -8.908  -4.964  7.465   1.00 31.48 ? 922  GLY A CA  1 
ATOM   385  C C   . GLY A 1 66  ? -9.558  -6.070  6.662   1.00 31.92 ? 922  GLY A C   1 
ATOM   386  O O   . GLY A 1 66  ? -9.810  -7.166  7.188   1.00 32.48 ? 922  GLY A O   1 
ATOM   387  N N   . SER A 1 67  ? -9.820  -5.797  5.383   1.00 31.93 ? 923  SER A N   1 
ATOM   388  C CA  . SER A 1 67  ? -10.482 -6.766  4.510   1.00 32.02 ? 923  SER A CA  1 
ATOM   389  C C   . SER A 1 67  ? -9.670  -8.045  4.297   1.00 32.60 ? 923  SER A C   1 
ATOM   390  O O   . SER A 1 67  ? -10.246 -9.099  4.006   1.00 32.85 ? 923  SER A O   1 
ATOM   391  C CB  . SER A 1 67  ? -10.861 -6.137  3.171   1.00 31.82 ? 923  SER A CB  1 
ATOM   392  O OG  . SER A 1 67  ? -9.738  -5.568  2.539   1.00 32.10 ? 923  SER A OG  1 
ATOM   393  N N   . VAL A 1 68  ? -8.345  -7.967  4.457   1.00 33.15 ? 924  VAL A N   1 
ATOM   394  C CA  . VAL A 1 68  ? -7.507  -9.175  4.415   1.00 33.61 ? 924  VAL A CA  1 
ATOM   395  C C   . VAL A 1 68  ? -7.729  -10.031 5.667   1.00 34.46 ? 924  VAL A C   1 
ATOM   396  O O   . VAL A 1 68  ? -7.943  -11.242 5.560   1.00 34.11 ? 924  VAL A O   1 
ATOM   397  C CB  . VAL A 1 68  ? -6.005  -8.872  4.191   1.00 33.18 ? 924  VAL A CB  1 
ATOM   398  C CG1 . VAL A 1 68  ? -5.213  -10.166 4.112   1.00 32.48 ? 924  VAL A CG1 1 
ATOM   399  C CG2 . VAL A 1 68  ? -5.813  -8.129  2.912   1.00 32.90 ? 924  VAL A CG2 1 
ATOM   400  N N   . ASP A 1 69  ? -7.711  -9.388  6.837   1.00 35.89 ? 925  ASP A N   1 
ATOM   401  C CA  . ASP A 1 69  ? -8.093  -10.026 8.114   1.00 37.40 ? 925  ASP A CA  1 
ATOM   402  C C   . ASP A 1 69  ? -9.394  -10.847 8.085   1.00 38.37 ? 925  ASP A C   1 
ATOM   403  O O   . ASP A 1 69  ? -9.425  -11.978 8.576   1.00 38.38 ? 925  ASP A O   1 
ATOM   404  C CB  . ASP A 1 69  ? -8.177  -8.979  9.232   1.00 37.36 ? 925  ASP A CB  1 
ATOM   405  C CG  . ASP A 1 69  ? -6.814  -8.548  9.737   1.00 38.53 ? 925  ASP A CG  1 
ATOM   406  O OD1 . ASP A 1 69  ? -6.718  -7.455  10.336  1.00 39.99 ? 925  ASP A OD1 1 
ATOM   407  O OD2 . ASP A 1 69  ? -5.830  -9.301  9.556   1.00 40.25 ? 925  ASP A OD2 1 
ATOM   408  N N   . ASP A 1 70  ? -10.459 -10.278 7.513   1.00 39.87 ? 926  ASP A N   1 
ATOM   409  C CA  . ASP A 1 70  ? -11.771 -10.946 7.443   1.00 41.33 ? 926  ASP A CA  1 
ATOM   410  C C   . ASP A 1 70  ? -11.778 -12.133 6.486   1.00 42.20 ? 926  ASP A C   1 
ATOM   411  O O   . ASP A 1 70  ? -12.643 -13.009 6.567   1.00 42.40 ? 926  ASP A O   1 
ATOM   412  C CB  . ASP A 1 70  ? -12.858 -9.956  7.013   1.00 41.54 ? 926  ASP A CB  1 
ATOM   413  C CG  . ASP A 1 70  ? -12.956 -8.745  7.937   1.00 43.17 ? 926  ASP A CG  1 
ATOM   414  O OD1 . ASP A 1 70  ? -12.644 -8.879  9.143   1.00 44.81 ? 926  ASP A OD1 1 
ATOM   415  O OD2 . ASP A 1 70  ? -13.356 -7.656  7.455   1.00 44.47 ? 926  ASP A OD2 1 
ATOM   416  N N   . LEU A 1 71  ? -10.811 -12.151 5.576   1.00 43.29 ? 927  LEU A N   1 
ATOM   417  C CA  . LEU A 1 71  ? -10.740 -13.160 4.528   1.00 44.46 ? 927  LEU A CA  1 
ATOM   418  C C   . LEU A 1 71  ? -9.887  -14.355 4.939   1.00 45.19 ? 927  LEU A C   1 
ATOM   419  O O   . LEU A 1 71  ? -10.153 -15.489 4.530   1.00 45.03 ? 927  LEU A O   1 
ATOM   420  C CB  . LEU A 1 71  ? -10.176 -12.531 3.252   1.00 44.33 ? 927  LEU A CB  1 
ATOM   421  C CG  . LEU A 1 71  ? -10.109 -13.409 2.006   1.00 44.69 ? 927  LEU A CG  1 
ATOM   422  C CD1 . LEU A 1 71  ? -11.479 -13.543 1.337   1.00 44.85 ? 927  LEU A CD1 1 
ATOM   423  C CD2 . LEU A 1 71  ? -9.123  -12.801 1.057   1.00 45.44 ? 927  LEU A CD2 1 
ATOM   424  N N   . LEU A 1 72  ? -8.870  -14.074 5.755   1.00 46.39 ? 928  LEU A N   1 
ATOM   425  C CA  . LEU A 1 72  ? -7.883  -15.063 6.209   1.00 47.80 ? 928  LEU A CA  1 
ATOM   426  C C   . LEU A 1 72  ? -8.410  -16.432 6.681   1.00 48.97 ? 928  LEU A C   1 
ATOM   427  O O   . LEU A 1 72  ? -8.023  -17.444 6.099   1.00 48.94 ? 928  LEU A O   1 
ATOM   428  C CB  . LEU A 1 72  ? -6.950  -14.440 7.256   1.00 47.52 ? 928  LEU A CB  1 
ATOM   429  C CG  . LEU A 1 72  ? -5.549  -14.029 6.820   1.00 46.92 ? 928  LEU A CG  1 
ATOM   430  C CD1 . LEU A 1 72  ? -5.328  -14.197 5.332   1.00 46.54 ? 928  LEU A CD1 1 
ATOM   431  C CD2 . LEU A 1 72  ? -5.239  -12.623 7.280   1.00 45.89 ? 928  LEU A CD2 1 
ATOM   432  N N   . PRO A 1 73  ? -9.292  -16.470 7.724   1.00 50.36 ? 929  PRO A N   1 
ATOM   433  C CA  . PRO A 1 73  ? -9.781  -17.760 8.262   1.00 51.33 ? 929  PRO A CA  1 
ATOM   434  C C   . PRO A 1 73  ? -10.167 -18.793 7.193   1.00 52.36 ? 929  PRO A C   1 
ATOM   435  O O   . PRO A 1 73  ? -10.170 -19.991 7.469   1.00 52.42 ? 929  PRO A O   1 
ATOM   436  C CB  . PRO A 1 73  ? -11.033 -17.347 9.052   1.00 51.22 ? 929  PRO A CB  1 
ATOM   437  C CG  . PRO A 1 73  ? -10.701 -16.007 9.559   1.00 50.99 ? 929  PRO A CG  1 
ATOM   438  C CD  . PRO A 1 73  ? -9.878  -15.334 8.470   1.00 50.48 ? 929  PRO A CD  1 
ATOM   439  N N   . SER A 1 74  ? -10.446 -18.312 5.982   1.00 53.51 ? 930  SER A N   1 
ATOM   440  C CA  . SER A 1 74  ? -11.028 -19.104 4.901   1.00 54.46 ? 930  SER A CA  1 
ATOM   441  C C   . SER A 1 74  ? -10.006 -19.610 3.875   1.00 54.94 ? 930  SER A C   1 
ATOM   442  O O   . SER A 1 74  ? -10.378 -19.963 2.754   1.00 55.05 ? 930  SER A O   1 
ATOM   443  C CB  . SER A 1 74  ? -12.086 -18.254 4.192   1.00 54.58 ? 930  SER A CB  1 
ATOM   444  O OG  . SER A 1 74  ? -12.658 -17.312 5.112   1.00 55.19 ? 930  SER A OG  1 
ATOM   445  N N   . LEU A 1 75  ? -8.733  -19.659 4.269   1.00 55.58 ? 931  LEU A N   1 
ATOM   446  C CA  . LEU A 1 75  ? -7.631  -20.034 3.370   1.00 56.16 ? 931  LEU A CA  1 
ATOM   447  C C   . LEU A 1 75  ? -6.780  -21.156 3.991   1.00 56.70 ? 931  LEU A C   1 
ATOM   448  O O   . LEU A 1 75  ? -6.840  -21.368 5.202   1.00 56.74 ? 931  LEU A O   1 
ATOM   449  C CB  . LEU A 1 75  ? -6.742  -18.804 3.065   1.00 56.03 ? 931  LEU A CB  1 
ATOM   450  C CG  . LEU A 1 75  ? -7.303  -17.515 2.430   1.00 55.83 ? 931  LEU A CG  1 
ATOM   451  C CD1 . LEU A 1 75  ? -6.268  -16.382 2.496   1.00 54.93 ? 931  LEU A CD1 1 
ATOM   452  C CD2 . LEU A 1 75  ? -7.785  -17.707 0.980   1.00 54.97 ? 931  LEU A CD2 1 
ATOM   453  N N   . PRO A 1 76  ? -5.982  -21.878 3.169   1.00 57.18 ? 932  PRO A N   1 
ATOM   454  C CA  . PRO A 1 76  ? -5.007  -22.861 3.693   1.00 57.44 ? 932  PRO A CA  1 
ATOM   455  C C   . PRO A 1 76  ? -3.981  -22.214 4.632   1.00 57.54 ? 932  PRO A C   1 
ATOM   456  O O   . PRO A 1 76  ? -3.520  -21.089 4.354   1.00 57.52 ? 932  PRO A O   1 
ATOM   457  C CB  . PRO A 1 76  ? -4.297  -23.372 2.427   1.00 57.68 ? 932  PRO A CB  1 
ATOM   458  C CG  . PRO A 1 76  ? -4.542  -22.295 1.378   1.00 57.75 ? 932  PRO A CG  1 
ATOM   459  C CD  . PRO A 1 76  ? -5.951  -21.842 1.647   1.00 57.23 ? 932  PRO A CD  1 
ATOM   460  N N   . SER A 1 77  ? -3.624  -22.922 5.721   1.00 57.42 ? 933  SER A N   1 
ATOM   461  C CA  . SER A 1 77  ? -2.750  -22.346 6.757   1.00 57.40 ? 933  SER A CA  1 
ATOM   462  C C   . SER A 1 77  ? -1.459  -21.754 6.187   1.00 57.00 ? 933  SER A C   1 
ATOM   463  O O   . SER A 1 77  ? -1.089  -20.599 6.503   1.00 57.33 ? 933  SER A O   1 
ATOM   464  C CB  . SER A 1 77  ? -2.425  -23.372 7.849   1.00 57.76 ? 933  SER A CB  1 
ATOM   465  O OG  . SER A 1 77  ? -2.319  -22.737 9.126   1.00 58.30 ? 933  SER A OG  1 
ATOM   466  N N   . SER A 1 78  ? -0.792  -22.546 5.333   1.00 56.13 ? 934  SER A N   1 
ATOM   467  C CA  . SER A 1 78  ? 0.387   -22.089 4.587   1.00 55.40 ? 934  SER A CA  1 
ATOM   468  C C   . SER A 1 78  ? 0.247   -20.668 4.025   1.00 54.53 ? 934  SER A C   1 
ATOM   469  O O   . SER A 1 78  ? 1.105   -19.812 4.273   1.00 54.34 ? 934  SER A O   1 
ATOM   470  C CB  . SER A 1 78  ? 0.710   -23.070 3.455   1.00 55.59 ? 934  SER A CB  1 
ATOM   471  O OG  . SER A 1 78  ? -0.476  -23.689 2.971   1.00 55.82 ? 934  SER A OG  1 
ATOM   472  N N   . SER A 1 79  ? -0.841  -20.434 3.281   1.00 53.46 ? 935  SER A N   1 
ATOM   473  C CA  . SER A 1 79  ? -1.171  -19.111 2.726   1.00 52.30 ? 935  SER A CA  1 
ATOM   474  C C   . SER A 1 79  ? -1.442  -18.078 3.812   1.00 51.25 ? 935  SER A C   1 
ATOM   475  O O   . SER A 1 79  ? -0.895  -16.972 3.775   1.00 51.39 ? 935  SER A O   1 
ATOM   476  C CB  . SER A 1 79  ? -2.377  -19.204 1.791   1.00 52.33 ? 935  SER A CB  1 
ATOM   477  O OG  . SER A 1 79  ? -1.983  -19.679 0.518   1.00 52.60 ? 935  SER A OG  1 
ATOM   478  N N   . ARG A 1 80  ? -2.276  -18.459 4.778   1.00 49.78 ? 936  ARG A N   1 
ATOM   479  C CA  . ARG A 1 80  ? -2.612  -17.633 5.934   1.00 48.44 ? 936  ARG A CA  1 
ATOM   480  C C   . ARG A 1 80  ? -1.343  -17.041 6.568   1.00 47.23 ? 936  ARG A C   1 
ATOM   481  O O   . ARG A 1 80  ? -1.222  -15.824 6.716   1.00 46.82 ? 936  ARG A O   1 
ATOM   482  C CB  . ARG A 1 80  ? -3.368  -18.497 6.936   1.00 48.49 ? 936  ARG A CB  1 
ATOM   483  C CG  . ARG A 1 80  ? -4.687  -17.937 7.413   1.00 49.83 ? 936  ARG A CG  1 
ATOM   484  C CD  . ARG A 1 80  ? -5.729  -19.048 7.523   1.00 51.58 ? 936  ARG A CD  1 
ATOM   485  N NE  . ARG A 1 80  ? -5.249  -20.189 8.306   1.00 53.75 ? 936  ARG A NE  1 
ATOM   486  C CZ  . ARG A 1 80  ? -5.736  -21.429 8.238   1.00 54.05 ? 936  ARG A CZ  1 
ATOM   487  N NH1 . ARG A 1 80  ? -6.729  -21.727 7.408   1.00 53.60 ? 936  ARG A NH1 1 
ATOM   488  N NH2 . ARG A 1 80  ? -5.216  -22.381 9.007   1.00 54.41 ? 936  ARG A NH2 1 
ATOM   489  N N   . THR A 1 81  ? -0.393  -17.917 6.902   1.00 45.99 ? 937  THR A N   1 
ATOM   490  C CA  . THR A 1 81  ? 0.912   -17.536 7.461   1.00 44.69 ? 937  THR A CA  1 
ATOM   491  C C   . THR A 1 81  ? 1.697   -16.574 6.560   1.00 43.50 ? 937  THR A C   1 
ATOM   492  O O   . THR A 1 81  ? 2.249   -15.581 7.040   1.00 43.53 ? 937  THR A O   1 
ATOM   493  C CB  . THR A 1 81  ? 1.770   -18.798 7.811   1.00 44.78 ? 937  THR A CB  1 
ATOM   494  O OG1 . THR A 1 81  ? 1.391   -19.287 9.106   1.00 45.07 ? 937  THR A OG1 1 
ATOM   495  C CG2 . THR A 1 81  ? 3.271   -18.490 7.821   1.00 44.78 ? 937  THR A CG2 1 
ATOM   496  N N   . GLU A 1 82  ? 1.742   -16.868 5.263   1.00 41.82 ? 938  GLU A N   1 
ATOM   497  C CA  . GLU A 1 82  ? 2.460   -16.020 4.319   1.00 40.32 ? 938  GLU A CA  1 
ATOM   498  C C   . GLU A 1 82  ? 1.808   -14.643 4.184   1.00 39.71 ? 938  GLU A C   1 
ATOM   499  O O   . GLU A 1 82  ? 2.510   -13.631 4.214   1.00 39.44 ? 938  GLU A O   1 
ATOM   500  C CB  . GLU A 1 82  ? 2.564   -16.695 2.953   1.00 39.72 ? 938  GLU A CB  1 
ATOM   501  N N   . ILE A 1 83  ? 0.476   -14.614 4.043   1.00 38.67 ? 939  ILE A N   1 
ATOM   502  C CA  . ILE A 1 83  ? -0.264  -13.364 3.880   1.00 37.88 ? 939  ILE A CA  1 
ATOM   503  C C   . ILE A 1 83  ? -0.127  -12.466 5.113   1.00 37.31 ? 939  ILE A C   1 
ATOM   504  O O   . ILE A 1 83  ? 0.113   -11.268 4.978   1.00 37.20 ? 939  ILE A O   1 
ATOM   505  C CB  . ILE A 1 83  ? -1.766  -13.593 3.499   1.00 38.03 ? 939  ILE A CB  1 
ATOM   506  C CG1 . ILE A 1 83  ? -1.915  -13.803 1.987   1.00 36.87 ? 939  ILE A CG1 1 
ATOM   507  C CG2 . ILE A 1 83  ? -2.626  -12.393 3.893   1.00 38.20 ? 939  ILE A CG2 1 
ATOM   508  C CD1 . ILE A 1 83  ? -2.282  -15.203 1.564   1.00 34.88 ? 939  ILE A CD1 1 
ATOM   509  N N   . GLU A 1 84  ? -0.252  -13.052 6.301   1.00 36.68 ? 940  GLU A N   1 
ATOM   510  C CA  . GLU A 1 84  ? -0.006  -12.333 7.557   1.00 36.12 ? 940  GLU A CA  1 
ATOM   511  C C   . GLU A 1 84  ? 1.388   -11.683 7.560   1.00 35.45 ? 940  GLU A C   1 
ATOM   512  O O   . GLU A 1 84  ? 1.569   -10.563 8.058   1.00 34.96 ? 940  GLU A O   1 
ATOM   513  C CB  . GLU A 1 84  ? -0.159  -13.271 8.756   1.00 36.27 ? 940  GLU A CB  1 
ATOM   514  C CG  . GLU A 1 84  ? -1.592  -13.774 8.996   1.00 37.53 ? 940  GLU A CG  1 
ATOM   515  C CD  . GLU A 1 84  ? -1.676  -15.002 9.921   1.00 38.02 ? 940  GLU A CD  1 
ATOM   516  O OE1 . GLU A 1 84  ? -2.797  -15.523 10.129  1.00 39.86 ? 940  GLU A OE1 1 
ATOM   517  O OE2 . GLU A 1 84  ? -0.636  -15.451 10.436  1.00 37.93 ? 940  GLU A OE2 1 
ATOM   518  N N   . GLY A 1 85  ? 2.361   -12.388 6.984   1.00 34.59 ? 941  GLY A N   1 
ATOM   519  C CA  . GLY A 1 85  ? 3.699   -11.848 6.789   1.00 34.12 ? 941  GLY A CA  1 
ATOM   520  C C   . GLY A 1 85  ? 3.707   -10.599 5.927   1.00 34.01 ? 941  GLY A C   1 
ATOM   521  O O   . GLY A 1 85  ? 4.358   -9.609  6.279   1.00 34.00 ? 941  GLY A O   1 
ATOM   522  N N   . THR A 1 86  ? 2.973   -10.632 4.810   1.00 33.72 ? 942  THR A N   1 
ATOM   523  C CA  . THR A 1 86  ? 2.960   -9.488  3.891   1.00 33.60 ? 942  THR A CA  1 
ATOM   524  C C   . THR A 1 86  ? 2.117   -8.307  4.428   1.00 33.07 ? 942  THR A C   1 
ATOM   525  O O   . THR A 1 86  ? 2.363   -7.156  4.058   1.00 33.36 ? 942  THR A O   1 
ATOM   526  C CB  . THR A 1 86  ? 2.656   -9.862  2.378   1.00 33.44 ? 942  THR A CB  1 
ATOM   527  O OG1 . THR A 1 86  ? 1.314   -9.524  2.029   1.00 34.09 ? 942  THR A OG1 1 
ATOM   528  C CG2 . THR A 1 86  ? 2.914   -11.341 2.071   1.00 33.82 ? 942  THR A CG2 1 
ATOM   529  N N   . GLN A 1 87  ? 1.159   -8.599  5.308   1.00 32.51 ? 943  GLN A N   1 
ATOM   530  C CA  . GLN A 1 87  ? 0.470   -7.565  6.096   1.00 32.41 ? 943  GLN A CA  1 
ATOM   531  C C   . GLN A 1 87  ? 1.443   -6.726  6.914   1.00 31.93 ? 943  GLN A C   1 
ATOM   532  O O   . GLN A 1 87  ? 1.386   -5.500  6.851   1.00 32.13 ? 943  GLN A O   1 
ATOM   533  C CB  . GLN A 1 87  ? -0.579  -8.171  7.038   1.00 32.29 ? 943  GLN A CB  1 
ATOM   534  C CG  . GLN A 1 87  ? -1.921  -8.390  6.394   1.00 33.66 ? 943  GLN A CG  1 
ATOM   535  C CD  . GLN A 1 87  ? -2.950  -9.033  7.342   1.00 35.25 ? 943  GLN A CD  1 
ATOM   536  O OE1 . GLN A 1 87  ? -4.134  -8.661  7.336   1.00 34.01 ? 943  GLN A OE1 1 
ATOM   537  N NE2 . GLN A 1 87  ? -2.507  -10.005 8.142   1.00 35.12 ? 943  GLN A NE2 1 
ATOM   538  N N   . LYS A 1 88  ? 2.328   -7.391  7.670   1.00 31.78 ? 944  LYS A N   1 
ATOM   539  C CA  . LYS A 1 88  ? 3.346   -6.720  8.499   1.00 31.79 ? 944  LYS A CA  1 
ATOM   540  C C   . LYS A 1 88  ? 4.306   -5.913  7.625   1.00 32.00 ? 944  LYS A C   1 
ATOM   541  O O   . LYS A 1 88  ? 4.662   -4.778  7.967   1.00 32.30 ? 944  LYS A O   1 
ATOM   542  C CB  . LYS A 1 88  ? 4.106   -7.728  9.375   1.00 31.18 ? 944  LYS A CB  1 
ATOM   543  N N   . LEU A 1 89  ? 4.686   -6.495  6.482   1.00 32.42 ? 945  LEU A N   1 
ATOM   544  C CA  . LEU A 1 89  ? 5.482   -5.813  5.445   1.00 32.38 ? 945  LEU A CA  1 
ATOM   545  C C   . LEU A 1 89  ? 4.802   -4.541  4.909   1.00 32.71 ? 945  LEU A C   1 
ATOM   546  O O   . LEU A 1 89  ? 5.445   -3.488  4.794   1.00 32.80 ? 945  LEU A O   1 
ATOM   547  C CB  . LEU A 1 89  ? 5.778   -6.777  4.298   1.00 32.38 ? 945  LEU A CB  1 
ATOM   548  C CG  . LEU A 1 89  ? 6.461   -6.190  3.059   1.00 32.24 ? 945  LEU A CG  1 
ATOM   549  C CD1 . LEU A 1 89  ? 7.929   -5.911  3.345   1.00 31.49 ? 945  LEU A CD1 1 
ATOM   550  C CD2 . LEU A 1 89  ? 6.295   -7.145  1.888   1.00 30.51 ? 945  LEU A CD2 1 
ATOM   551  N N   . LEU A 1 90  ? 3.511   -4.634  4.592   1.00 32.88 ? 946  LEU A N   1 
ATOM   552  C CA  . LEU A 1 90  ? 2.761   -3.466  4.126   1.00 33.15 ? 946  LEU A CA  1 
ATOM   553  C C   . LEU A 1 90  ? 2.791   -2.312  5.125   1.00 33.48 ? 946  LEU A C   1 
ATOM   554  O O   . LEU A 1 90  ? 2.985   -1.160  4.738   1.00 33.36 ? 946  LEU A O   1 
ATOM   555  C CB  . LEU A 1 90  ? 1.324   -3.837  3.761   1.00 32.95 ? 946  LEU A CB  1 
ATOM   556  C CG  . LEU A 1 90  ? 1.162   -4.530  2.408   1.00 32.77 ? 946  LEU A CG  1 
ATOM   557  C CD1 . LEU A 1 90  ? -0.292  -4.527  1.984   1.00 32.10 ? 946  LEU A CD1 1 
ATOM   558  C CD2 . LEU A 1 90  ? 2.011   -3.844  1.342   1.00 33.27 ? 946  LEU A CD2 1 
ATOM   559  N N   . ASN A 1 91  ? 2.617   -2.629  6.407   1.00 33.98 ? 947  ASN A N   1 
ATOM   560  C CA  . ASN A 1 91  ? 2.748   -1.629  7.465   1.00 34.57 ? 947  ASN A CA  1 
ATOM   561  C C   . ASN A 1 91  ? 4.142   -1.008  7.555   1.00 34.72 ? 947  ASN A C   1 
ATOM   562  O O   . ASN A 1 91  ? 4.260   0.194   7.773   1.00 34.73 ? 947  ASN A O   1 
ATOM   563  C CB  . ASN A 1 91  ? 2.348   -2.211  8.820   1.00 34.60 ? 947  ASN A CB  1 
ATOM   564  C CG  . ASN A 1 91  ? 0.847   -2.366  8.967   1.00 35.80 ? 947  ASN A CG  1 
ATOM   565  O OD1 . ASN A 1 91  ? 0.077   -1.444  8.684   1.00 36.78 ? 947  ASN A OD1 1 
ATOM   566  N ND2 . ASN A 1 91  ? 0.423   -3.536  9.422   1.00 36.87 ? 947  ASN A ND2 1 
ATOM   567  N N   . LYS A 1 92  ? 5.187   -1.825  7.398   1.00 35.15 ? 948  LYS A N   1 
ATOM   568  C CA  . LYS A 1 92  ? 6.569   -1.319  7.358   1.00 35.80 ? 948  LYS A CA  1 
ATOM   569  C C   . LYS A 1 92  ? 6.743   -0.338  6.199   1.00 35.65 ? 948  LYS A C   1 
ATOM   570  O O   . LYS A 1 92  ? 7.362   0.711   6.352   1.00 35.53 ? 948  LYS A O   1 
ATOM   571  C CB  . LYS A 1 92  ? 7.594   -2.461  7.233   1.00 36.01 ? 948  LYS A CB  1 
ATOM   572  C CG  . LYS A 1 92  ? 9.068   -1.983  7.130   1.00 37.34 ? 948  LYS A CG  1 
ATOM   573  C CD  . LYS A 1 92  ? 10.023  -3.034  6.519   1.00 40.28 ? 948  LYS A CD  1 
ATOM   574  C CE  . LYS A 1 92  ? 9.874   -3.149  4.974   1.00 41.72 ? 948  LYS A CE  1 
ATOM   575  N NZ  . LYS A 1 92  ? 10.527  -2.041  4.187   1.00 40.86 ? 948  LYS A NZ  1 
ATOM   576  N N   . ASP A 1 93  ? 6.196   -0.701  5.043   1.00 35.82 ? 949  ASP A N   1 
ATOM   577  C CA  . ASP A 1 93  ? 6.209   0.157   3.869   1.00 35.87 ? 949  ASP A CA  1 
ATOM   578  C C   . ASP A 1 93  ? 5.563   1.504   4.143   1.00 36.01 ? 949  ASP A C   1 
ATOM   579  O O   . ASP A 1 93  ? 6.091   2.536   3.741   1.00 36.30 ? 949  ASP A O   1 
ATOM   580  C CB  . ASP A 1 93  ? 5.498   -0.524  2.706   1.00 36.11 ? 949  ASP A CB  1 
ATOM   581  C CG  . ASP A 1 93  ? 6.208   -1.770  2.233   1.00 36.21 ? 949  ASP A CG  1 
ATOM   582  O OD1 . ASP A 1 93  ? 7.383   -1.990  2.593   1.00 37.23 ? 949  ASP A OD1 1 
ATOM   583  O OD2 . ASP A 1 93  ? 5.576   -2.536  1.487   1.00 37.24 ? 949  ASP A OD2 1 
ATOM   584  N N   . LEU A 1 94  ? 4.419   1.496   4.821   1.00 36.06 ? 950  LEU A N   1 
ATOM   585  C CA  . LEU A 1 94  ? 3.785   2.738   5.250   1.00 36.38 ? 950  LEU A CA  1 
ATOM   586  C C   . LEU A 1 94  ? 4.672   3.539   6.231   1.00 36.87 ? 950  LEU A C   1 
ATOM   587  O O   . LEU A 1 94  ? 4.870   4.748   6.040   1.00 36.80 ? 950  LEU A O   1 
ATOM   588  C CB  . LEU A 1 94  ? 2.395   2.475   5.848   1.00 36.01 ? 950  LEU A CB  1 
ATOM   589  C CG  . LEU A 1 94  ? 1.559   3.745   6.048   1.00 35.95 ? 950  LEU A CG  1 
ATOM   590  C CD1 . LEU A 1 94  ? 1.274   4.435   4.712   1.00 34.65 ? 950  LEU A CD1 1 
ATOM   591  C CD2 . LEU A 1 94  ? 0.265   3.460   6.798   1.00 35.13 ? 950  LEU A CD2 1 
ATOM   592  N N   . ALA A 1 95  ? 5.196   2.860   7.262   1.00 37.29 ? 951  ALA A N   1 
ATOM   593  C CA  . ALA A 1 95  ? 6.135   3.462   8.223   1.00 37.84 ? 951  ALA A CA  1 
ATOM   594  C C   . ALA A 1 95  ? 7.308   4.161   7.526   1.00 38.00 ? 951  ALA A C   1 
ATOM   595  O O   . ALA A 1 95  ? 7.698   5.271   7.890   1.00 37.80 ? 951  ALA A O   1 
ATOM   596  C CB  . ALA A 1 95  ? 6.637   2.410   9.230   1.00 37.73 ? 951  ALA A CB  1 
ATOM   597  N N   . GLU A 1 96  ? 7.843   3.513   6.500   1.00 38.87 ? 952  GLU A N   1 
ATOM   598  C CA  . GLU A 1 96  ? 8.912   4.091   5.698   1.00 39.95 ? 952  GLU A CA  1 
ATOM   599  C C   . GLU A 1 96  ? 8.447   5.306   4.901   1.00 39.96 ? 952  GLU A C   1 
ATOM   600  O O   . GLU A 1 96  ? 9.156   6.311   4.840   1.00 39.96 ? 952  GLU A O   1 
ATOM   601  C CB  . GLU A 1 96  ? 9.498   3.042   4.756   1.00 40.44 ? 952  GLU A CB  1 
ATOM   602  C CG  . GLU A 1 96  ? 10.201  1.883   5.465   1.00 43.48 ? 952  GLU A CG  1 
ATOM   603  C CD  . GLU A 1 96  ? 11.622  2.224   5.940   1.00 47.46 ? 952  GLU A CD  1 
ATOM   604  O OE1 . GLU A 1 96  ? 12.145  3.320   5.594   1.00 48.46 ? 952  GLU A OE1 1 
ATOM   605  O OE2 . GLU A 1 96  ? 12.213  1.374   6.654   1.00 48.36 ? 952  GLU A OE2 1 
ATOM   606  N N   . LEU A 1 97  ? 7.267   5.214   4.288   1.00 40.17 ? 953  LEU A N   1 
ATOM   607  C CA  . LEU A 1 97  ? 6.725   6.329   3.501   1.00 40.41 ? 953  LEU A CA  1 
ATOM   608  C C   . LEU A 1 97  ? 6.610   7.590   4.346   1.00 40.92 ? 953  LEU A C   1 
ATOM   609  O O   . LEU A 1 97  ? 7.023   8.658   3.906   1.00 40.89 ? 953  LEU A O   1 
ATOM   610  C CB  . LEU A 1 97  ? 5.374   5.976   2.870   1.00 40.14 ? 953  LEU A CB  1 
ATOM   611  C CG  . LEU A 1 97  ? 4.583   7.061   2.122   1.00 39.37 ? 953  LEU A CG  1 
ATOM   612  C CD1 . LEU A 1 97  ? 5.424   7.820   1.100   1.00 39.30 ? 953  LEU A CD1 1 
ATOM   613  C CD2 . LEU A 1 97  ? 3.398   6.441   1.439   1.00 38.70 ? 953  LEU A CD2 1 
ATOM   614  N N   . ILE A 1 98  ? 6.062   7.442   5.555   1.00 41.78 ? 954  ILE A N   1 
ATOM   615  C CA  . ILE A 1 98  ? 5.883   8.547   6.510   1.00 42.57 ? 954  ILE A CA  1 
ATOM   616  C C   . ILE A 1 98  ? 7.221   9.149   6.959   1.00 43.22 ? 954  ILE A C   1 
ATOM   617  O O   . ILE A 1 98  ? 7.348   10.371  7.074   1.00 43.41 ? 954  ILE A O   1 
ATOM   618  C CB  . ILE A 1 98  ? 5.043   8.111   7.748   1.00 42.46 ? 954  ILE A CB  1 
ATOM   619  C CG1 . ILE A 1 98  ? 3.622   7.738   7.325   1.00 41.90 ? 954  ILE A CG1 1 
ATOM   620  C CG2 . ILE A 1 98  ? 4.995   9.225   8.804   1.00 42.66 ? 954  ILE A CG2 1 
ATOM   621  C CD1 . ILE A 1 98  ? 2.836   7.013   8.391   1.00 41.32 ? 954  ILE A CD1 1 
ATOM   622  N N   . ASN A 1 99  ? 8.201   8.283   7.212   1.00 44.08 ? 955  ASN A N   1 
ATOM   623  C CA  . ASN A 1 99  ? 9.576   8.693   7.481   1.00 45.05 ? 955  ASN A CA  1 
ATOM   624  C C   . ASN A 1 99  ? 10.115  9.671   6.449   1.00 45.34 ? 955  ASN A C   1 
ATOM   625  O O   . ASN A 1 99  ? 10.631  10.732  6.798   1.00 45.78 ? 955  ASN A O   1 
ATOM   626  C CB  . ASN A 1 99  ? 10.481  7.472   7.488   1.00 45.38 ? 955  ASN A CB  1 
ATOM   627  C CG  . ASN A 1 99  ? 10.821  7.014   8.869   1.00 46.85 ? 955  ASN A CG  1 
ATOM   628  O OD1 . ASN A 1 99  ? 11.975  7.129   9.287   1.00 48.71 ? 955  ASN A OD1 1 
ATOM   629  N ND2 . ASN A 1 99  ? 9.827   6.497   9.606   1.00 48.05 ? 955  ASN A ND2 1 
ATOM   630  N N   . LYS A 1 100 ? 9.988   9.295   5.178   1.00 45.69 ? 956  LYS A N   1 
ATOM   631  C CA  . LYS A 1 100 ? 10.471  10.095  4.055   1.00 45.89 ? 956  LYS A CA  1 
ATOM   632  C C   . LYS A 1 100 ? 9.706   11.388  3.894   1.00 46.32 ? 956  LYS A C   1 
ATOM   633  O O   . LYS A 1 100 ? 10.278  12.393  3.479   1.00 46.29 ? 956  LYS A O   1 
ATOM   634  C CB  . LYS A 1 100 ? 10.390  9.293   2.753   1.00 45.72 ? 956  LYS A CB  1 
ATOM   635  C CG  . LYS A 1 100 ? 11.670  8.589   2.399   1.00 44.48 ? 956  LYS A CG  1 
ATOM   636  C CD  . LYS A 1 100 ? 11.992  7.487   3.363   1.00 42.17 ? 956  LYS A CD  1 
ATOM   637  C CE  . LYS A 1 100 ? 13.419  7.643   3.806   1.00 41.46 ? 956  LYS A CE  1 
ATOM   638  N NZ  . LYS A 1 100 ? 14.112  6.336   3.776   1.00 41.75 ? 956  LYS A NZ  1 
ATOM   639  N N   . MET A 1 101 ? 8.413   11.346  4.199   1.00 46.92 ? 957  MET A N   1 
ATOM   640  C CA  . MET A 1 101 ? 7.581   12.538  4.188   1.00 47.73 ? 957  MET A CA  1 
ATOM   641  C C   . MET A 1 101 ? 8.037   13.534  5.254   1.00 48.23 ? 957  MET A C   1 
ATOM   642  O O   . MET A 1 101 ? 7.987   14.750  5.031   1.00 48.41 ? 957  MET A O   1 
ATOM   643  C CB  . MET A 1 101 ? 6.112   12.196  4.406   1.00 47.63 ? 957  MET A CB  1 
ATOM   644  C CG  . MET A 1 101 ? 5.253   13.442  4.540   1.00 48.04 ? 957  MET A CG  1 
ATOM   645  S SD  . MET A 1 101 ? 3.767   13.201  5.517   1.00 48.18 ? 957  MET A SD  1 
ATOM   646  C CE  . MET A 1 101 ? 2.592   13.112  4.207   1.00 47.42 ? 957  MET A CE  1 
ATOM   647  N N   . ARG A 1 102 ? 8.468   13.025  6.407   1.00 48.67 ? 958  ARG A N   1 
ATOM   648  C CA  . ARG A 1 102 ? 8.990   13.891  7.456   1.00 49.23 ? 958  ARG A CA  1 
ATOM   649  C C   . ARG A 1 102 ? 10.284  14.558  6.981   1.00 49.26 ? 958  ARG A C   1 
ATOM   650  O O   . ARG A 1 102 ? 10.391  15.785  7.037   1.00 49.54 ? 958  ARG A O   1 
ATOM   651  C CB  . ARG A 1 102 ? 9.201   13.131  8.764   1.00 49.49 ? 958  ARG A CB  1 
ATOM   652  C CG  . ARG A 1 102 ? 7.921   12.806  9.532   1.00 50.70 ? 958  ARG A CG  1 
ATOM   653  C CD  . ARG A 1 102 ? 8.194   11.608  10.458  1.00 53.58 ? 958  ARG A CD  1 
ATOM   654  N NE  . ARG A 1 102 ? 7.084   11.283  11.359  1.00 54.90 ? 958  ARG A NE  1 
ATOM   655  C CZ  . ARG A 1 102 ? 7.048   10.206  12.150  1.00 55.77 ? 958  ARG A CZ  1 
ATOM   656  N NH1 . ARG A 1 102 ? 8.056   9.326   12.156  1.00 56.04 ? 958  ARG A NH1 1 
ATOM   657  N NH2 . ARG A 1 102 ? 5.996   10.002  12.939  1.00 55.43 ? 958  ARG A NH2 1 
ATOM   658  N N   . LEU A 1 103 ? 11.243  13.761  6.497   1.00 49.05 ? 959  LEU A N   1 
ATOM   659  C CA  . LEU A 1 103 ? 12.434  14.300  5.837   1.00 48.85 ? 959  LEU A CA  1 
ATOM   660  C C   . LEU A 1 103 ? 12.085  15.352  4.790   1.00 48.83 ? 959  LEU A C   1 
ATOM   661  O O   . LEU A 1 103 ? 12.636  16.444  4.808   1.00 48.84 ? 959  LEU A O   1 
ATOM   662  C CB  . LEU A 1 103 ? 13.284  13.195  5.203   1.00 48.86 ? 959  LEU A CB  1 
ATOM   663  C CG  . LEU A 1 103 ? 14.229  12.412  6.127   1.00 49.31 ? 959  LEU A CG  1 
ATOM   664  C CD1 . LEU A 1 103 ? 14.833  11.225  5.398   1.00 49.12 ? 959  LEU A CD1 1 
ATOM   665  C CD2 . LEU A 1 103 ? 15.338  13.303  6.709   1.00 49.67 ? 959  LEU A CD2 1 
ATOM   666  N N   . ALA A 1 104 ? 11.156  15.032  3.893   1.00 48.95 ? 960  ALA A N   1 
ATOM   667  C CA  . ALA A 1 104 ? 10.711  15.988  2.884   1.00 49.14 ? 960  ALA A CA  1 
ATOM   668  C C   . ALA A 1 104 ? 10.302  17.303  3.525   1.00 49.48 ? 960  ALA A C   1 
ATOM   669  O O   . ALA A 1 104 ? 10.595  18.374  2.989   1.00 49.44 ? 960  ALA A O   1 
ATOM   670  C CB  . ALA A 1 104 ? 9.562   15.422  2.074   1.00 49.09 ? 960  ALA A CB  1 
ATOM   671  N N   . GLN A 1 105 ? 9.644   17.212  4.681   1.00 50.03 ? 961  GLN A N   1 
ATOM   672  C CA  . GLN A 1 105 ? 9.071   18.380  5.363   1.00 50.40 ? 961  GLN A CA  1 
ATOM   673  C C   . GLN A 1 105 ? 10.096  19.265  6.050   1.00 50.65 ? 961  GLN A C   1 
ATOM   674  O O   . GLN A 1 105 ? 10.047  20.493  5.914   1.00 50.77 ? 961  GLN A O   1 
ATOM   675  C CB  . GLN A 1 105 ? 8.000   17.958  6.370   1.00 50.32 ? 961  GLN A CB  1 
ATOM   676  C CG  . GLN A 1 105 ? 6.591   18.013  5.808   1.00 50.56 ? 961  GLN A CG  1 
ATOM   677  C CD  . GLN A 1 105 ? 5.577   17.385  6.733   1.00 50.69 ? 961  GLN A CD  1 
ATOM   678  O OE1 . GLN A 1 105 ? 5.888   16.456  7.479   1.00 50.41 ? 961  GLN A OE1 1 
ATOM   679  N NE2 . GLN A 1 105 ? 4.352   17.885  6.686   1.00 50.69 ? 961  GLN A NE2 1 
ATOM   680  N N   . GLN A 1 106 ? 11.011  18.650  6.792   1.00 50.91 ? 962  GLN A N   1 
ATOM   681  C CA  . GLN A 1 106 ? 12.057  19.408  7.465   1.00 51.56 ? 962  GLN A CA  1 
ATOM   682  C C   . GLN A 1 106 ? 13.149  19.894  6.500   1.00 51.70 ? 962  GLN A C   1 
ATOM   683  O O   . GLN A 1 106 ? 13.976  20.732  6.862   1.00 51.94 ? 962  GLN A O   1 
ATOM   684  C CB  . GLN A 1 106 ? 12.651  18.613  8.635   1.00 51.71 ? 962  GLN A CB  1 
ATOM   685  C CG  . GLN A 1 106 ? 13.335  17.316  8.251   1.00 52.76 ? 962  GLN A CG  1 
ATOM   686  C CD  . GLN A 1 106 ? 13.437  16.343  9.420   1.00 54.41 ? 962  GLN A CD  1 
ATOM   687  O OE1 . GLN A 1 106 ? 12.578  16.326  10.310  1.00 54.63 ? 962  GLN A OE1 1 
ATOM   688  N NE2 . GLN A 1 106 ? 14.487  15.520  9.415   1.00 54.74 ? 962  GLN A NE2 1 
ATOM   689  N N   . ASN A 1 107 ? 13.136  19.371  5.273   1.00 51.77 ? 963  ASN A N   1 
ATOM   690  C CA  . ASN A 1 107 ? 14.098  19.757  4.250   1.00 51.66 ? 963  ASN A CA  1 
ATOM   691  C C   . ASN A 1 107 ? 13.448  20.508  3.094   1.00 51.87 ? 963  ASN A C   1 
ATOM   692  O O   . ASN A 1 107 ? 13.993  20.514  1.968   1.00 51.97 ? 963  ASN A O   1 
ATOM   693  C CB  . ASN A 1 107 ? 14.839  18.525  3.739   1.00 51.47 ? 963  ASN A CB  1 
ATOM   694  C CG  . ASN A 1 107 ? 15.922  18.073  4.691   1.00 51.58 ? 963  ASN A CG  1 
ATOM   695  O OD1 . ASN A 1 107 ? 15.708  17.199  5.544   1.00 51.10 ? 963  ASN A OD1 1 
ATOM   696  N ND2 . ASN A 1 107 ? 17.100  18.681  4.561   1.00 51.58 ? 963  ASN A ND2 1 
ATOM   697  N N   . ALA A 1 108 ? 12.302  21.151  3.382   1.00 52.02 ? 964  ALA A N   1 
ATOM   698  C CA  . ALA A 1 108 ? 11.484  21.791  2.333   1.00 52.39 ? 964  ALA A CA  1 
ATOM   699  C C   . ALA A 1 108 ? 12.124  23.026  1.696   1.00 52.57 ? 964  ALA A C   1 
ATOM   700  O O   . ALA A 1 108 ? 11.741  23.436  0.576   1.00 53.01 ? 964  ALA A O   1 
ATOM   701  C CB  . ALA A 1 108 ? 10.085  22.138  2.870   1.00 52.29 ? 964  ALA A CB  1 
ATOM   702  N N   . VAL A 1 109 ? 13.080  23.624  2.410   1.00 52.65 ? 965  VAL A N   1 
ATOM   703  C CA  . VAL A 1 109 ? 13.811  24.802  1.902   1.00 52.71 ? 965  VAL A CA  1 
ATOM   704  C C   . VAL A 1 109 ? 15.328  24.578  1.783   1.00 52.48 ? 965  VAL A C   1 
ATOM   705  O O   . VAL A 1 109 ? 16.088  25.525  1.577   1.00 52.85 ? 965  VAL A O   1 
ATOM   706  C CB  . VAL A 1 109 ? 13.524  26.083  2.754   1.00 52.95 ? 965  VAL A CB  1 
ATOM   707  C CG1 . VAL A 1 109 ? 12.239  26.766  2.225   1.00 52.74 ? 965  VAL A CG1 1 
ATOM   708  C CG2 . VAL A 1 109 ? 13.443  25.720  4.306   1.00 53.15 ? 965  VAL A CG2 1 
ATOM   709  N N   . THR A 1 110 ? 15.759  23.329  1.925   1.00 51.76 ? 966  THR A N   1 
ATOM   710  C CA  . THR A 1 110 ? 17.159  22.972  1.757   1.00 51.11 ? 966  THR A CA  1 
ATOM   711  C C   . THR A 1 110 ? 17.363  22.392  0.357   1.00 50.79 ? 966  THR A C   1 
ATOM   712  O O   . THR A 1 110 ? 16.405  21.964  -0.299  1.00 50.86 ? 966  THR A O   1 
ATOM   713  C CB  . THR A 1 110 ? 17.628  21.953  2.831   1.00 51.15 ? 966  THR A CB  1 
ATOM   714  O OG1 . THR A 1 110 ? 17.090  20.644  2.526   1.00 51.04 ? 966  THR A OG1 1 
ATOM   715  C CG2 . THR A 1 110 ? 17.184  22.402  4.250   1.00 51.16 ? 966  THR A CG2 1 
ATOM   716  N N   . SER A 1 111 ? 18.617  22.380  -0.092  1.00 50.27 ? 967  SER A N   1 
ATOM   717  C CA  . SER A 1 111 ? 19.014  21.754  -1.364  1.00 49.69 ? 967  SER A CA  1 
ATOM   718  C C   . SER A 1 111 ? 18.713  20.247  -1.413  1.00 49.41 ? 967  SER A C   1 
ATOM   719  O O   . SER A 1 111 ? 18.809  19.623  -2.471  1.00 49.15 ? 967  SER A O   1 
ATOM   720  C CB  . SER A 1 111 ? 20.509  21.970  -1.587  1.00 49.71 ? 967  SER A CB  1 
ATOM   721  O OG  . SER A 1 111 ? 21.257  21.383  -0.524  1.00 49.94 ? 967  SER A OG  1 
ATOM   722  N N   . LEU A 1 112 ? 18.350  19.678  -0.260  1.00 49.11 ? 968  LEU A N   1 
ATOM   723  C CA  . LEU A 1 112 ? 18.019  18.258  -0.142  1.00 48.69 ? 968  LEU A CA  1 
ATOM   724  C C   . LEU A 1 112 ? 16.523  17.991  -0.291  1.00 48.61 ? 968  LEU A C   1 
ATOM   725  O O   . LEU A 1 112 ? 16.068  16.866  -0.067  1.00 48.60 ? 968  LEU A O   1 
ATOM   726  C CB  . LEU A 1 112 ? 18.488  17.703  1.202   1.00 48.41 ? 968  LEU A CB  1 
ATOM   727  C CG  . LEU A 1 112 ? 19.975  17.753  1.539   1.00 47.80 ? 968  LEU A CG  1 
ATOM   728  C CD1 . LEU A 1 112 ? 20.158  17.311  2.980   1.00 46.81 ? 968  LEU A CD1 1 
ATOM   729  C CD2 . LEU A 1 112 ? 20.784  16.879  0.595   0.50 47.45 ? 968  LEU A CD2 1 
ATOM   730  N N   . SER A 1 113 ? 15.766  19.023  -0.661  1.00 48.31 ? 969  SER A N   1 
ATOM   731  C CA  . SER A 1 113 ? 14.329  18.888  -0.863  1.00 48.18 ? 969  SER A CA  1 
ATOM   732  C C   . SER A 1 113 ? 14.016  17.839  -1.919  1.00 48.00 ? 969  SER A C   1 
ATOM   733  O O   . SER A 1 113 ? 13.155  16.987  -1.718  1.00 47.99 ? 969  SER A O   1 
ATOM   734  C CB  . SER A 1 113 ? 13.725  20.237  -1.264  1.00 48.16 ? 969  SER A CB  1 
ATOM   735  O OG  . SER A 1 113 ? 12.704  20.055  -2.247  1.00 48.40 ? 969  SER A OG  1 
ATOM   736  N N   . GLU A 1 114 ? 14.740  17.904  -3.034  1.00 47.97 ? 970  GLU A N   1 
ATOM   737  C CA  . GLU A 1 114 ? 14.434  17.103  -4.214  1.00 47.97 ? 970  GLU A CA  1 
ATOM   738  C C   . GLU A 1 114 ? 14.654  15.621  -3.952  1.00 47.50 ? 970  GLU A C   1 
ATOM   739  O O   . GLU A 1 114 ? 13.878  14.779  -4.413  1.00 47.55 ? 970  GLU A O   1 
ATOM   740  C CB  . GLU A 1 114 ? 15.281  17.572  -5.406  1.00 48.41 ? 970  GLU A CB  1 
ATOM   741  C CG  . GLU A 1 114 ? 14.496  17.747  -6.706  1.00 50.01 ? 970  GLU A CG  1 
ATOM   742  C CD  . GLU A 1 114 ? 13.664  19.022  -6.710  1.00 52.88 ? 970  GLU A CD  1 
ATOM   743  O OE1 . GLU A 1 114 ? 12.668  19.112  -5.936  1.00 53.27 ? 970  GLU A OE1 1 
ATOM   744  O OE2 . GLU A 1 114 ? 14.016  19.944  -7.489  1.00 54.17 ? 970  GLU A OE2 1 
ATOM   745  N N   . GLU A 1 115 ? 15.709  15.317  -3.200  1.00 46.89 ? 971  GLU A N   1 
ATOM   746  C CA  . GLU A 1 115 ? 16.055  13.942  -2.876  1.00 46.55 ? 971  GLU A CA  1 
ATOM   747  C C   . GLU A 1 115 ? 15.033  13.274  -1.969  1.00 46.17 ? 971  GLU A C   1 
ATOM   748  O O   . GLU A 1 115 ? 14.741  12.099  -2.159  1.00 46.30 ? 971  GLU A O   1 
ATOM   749  C CB  . GLU A 1 115 ? 17.451  13.848  -2.260  1.00 46.59 ? 971  GLU A CB  1 
ATOM   750  C CG  . GLU A 1 115 ? 17.887  12.428  -1.891  1.00 47.31 ? 971  GLU A CG  1 
ATOM   751  C CD  . GLU A 1 115 ? 18.049  11.495  -3.087  1.00 48.64 ? 971  GLU A CD  1 
ATOM   752  O OE1 . GLU A 1 115 ? 18.345  11.964  -4.207  1.00 48.97 ? 971  GLU A OE1 1 
ATOM   753  O OE2 . GLU A 1 115 ? 17.895  10.271  -2.897  1.00 49.75 ? 971  GLU A OE2 1 
ATOM   754  N N   . CYS A 1 116 ? 14.480  13.992  -0.991  1.00 45.60 ? 972  CYS A N   1 
ATOM   755  C CA  . CYS A 1 116 ? 13.464  13.353  -0.144  1.00 44.95 ? 972  CYS A CA  1 
ATOM   756  C C   . CYS A 1 116 ? 12.081  13.273  -0.779  1.00 44.60 ? 972  CYS A C   1 
ATOM   757  O O   . CYS A 1 116 ? 11.238  12.504  -0.324  1.00 44.47 ? 972  CYS A O   1 
ATOM   758  C CB  . CYS A 1 116 ? 13.403  13.873  1.309   1.00 45.14 ? 972  CYS A CB  1 
ATOM   759  S SG  . CYS A 1 116 ? 14.389  15.289  1.782   1.00 44.17 ? 972  CYS A SG  1 
ATOM   760  N N   . LYS A 1 117 ? 11.866  14.033  -1.850  1.00 44.10 ? 973  LYS A N   1 
ATOM   761  C CA  . LYS A 1 117 ? 10.712  13.797  -2.712  1.00 43.73 ? 973  LYS A CA  1 
ATOM   762  C C   . LYS A 1 117 ? 10.922  12.550  -3.576  1.00 43.25 ? 973  LYS A C   1 
ATOM   763  O O   . LYS A 1 117 ? 9.963   11.853  -3.898  1.00 43.18 ? 973  LYS A O   1 
ATOM   764  C CB  . LYS A 1 117 ? 10.396  15.006  -3.585  1.00 43.73 ? 973  LYS A CB  1 
ATOM   765  C CG  . LYS A 1 117 ? 9.766   16.141  -2.831  1.00 44.53 ? 973  LYS A CG  1 
ATOM   766  C CD  . LYS A 1 117 ? 8.825   16.915  -3.734  1.00 46.88 ? 973  LYS A CD  1 
ATOM   767  C CE  . LYS A 1 117 ? 8.686   18.359  -3.260  1.00 48.90 ? 973  LYS A CE  1 
ATOM   768  N NZ  . LYS A 1 117 ? 9.902   19.147  -3.666  1.00 51.42 ? 973  LYS A NZ  1 
ATOM   769  N N   . ARG A 1 118 ? 12.170  12.270  -3.944  1.00 42.58 ? 974  ARG A N   1 
ATOM   770  C CA  . ARG A 1 118 ? 12.500  11.054  -4.691  1.00 42.12 ? 974  ARG A CA  1 
ATOM   771  C C   . ARG A 1 118 ? 12.311  9.814   -3.835  1.00 41.28 ? 974  ARG A C   1 
ATOM   772  O O   . ARG A 1 118 ? 11.883  8.773   -4.320  1.00 41.35 ? 974  ARG A O   1 
ATOM   773  C CB  . ARG A 1 118 ? 13.944  11.098  -5.214  1.00 42.66 ? 974  ARG A CB  1 
ATOM   774  C CG  . ARG A 1 118 ? 14.073  11.357  -6.713  1.00 44.09 ? 974  ARG A CG  1 
ATOM   775  C CD  . ARG A 1 118 ? 15.513  11.681  -7.093  1.00 46.84 ? 974  ARG A CD  1 
ATOM   776  N NE  . ARG A 1 118 ? 15.744  13.129  -7.141  1.00 48.78 ? 974  ARG A NE  1 
ATOM   777  C CZ  . ARG A 1 118 ? 16.890  13.724  -6.813  1.00 49.87 ? 974  ARG A CZ  1 
ATOM   778  N NH1 . ARG A 1 118 ? 17.932  13.009  -6.397  1.00 50.86 ? 974  ARG A NH1 1 
ATOM   779  N NH2 . ARG A 1 118 ? 16.992  15.043  -6.892  1.00 50.36 ? 974  ARG A NH2 1 
ATOM   780  N N   . GLN A 1 119 ? 12.634  9.934   -2.554  1.00 40.31 ? 975  GLN A N   1 
ATOM   781  C CA  . GLN A 1 119 ? 12.556  8.809   -1.643  1.00 39.28 ? 975  GLN A CA  1 
ATOM   782  C C   . GLN A 1 119 ? 11.121  8.533   -1.211  1.00 38.82 ? 975  GLN A C   1 
ATOM   783  O O   . GLN A 1 119 ? 10.752  7.381   -0.987  1.00 38.79 ? 975  GLN A O   1 
ATOM   784  C CB  . GLN A 1 119 ? 13.464  9.040   -0.439  1.00 39.35 ? 975  GLN A CB  1 
ATOM   785  C CG  . GLN A 1 119 ? 14.861  9.481   -0.820  1.00 38.44 ? 975  GLN A CG  1 
ATOM   786  C CD  . GLN A 1 119 ? 15.908  9.050   0.186   1.00 38.96 ? 975  GLN A CD  1 
ATOM   787  O OE1 . GLN A 1 119 ? 15.593  8.672   1.314   1.00 38.34 ? 975  GLN A OE1 1 
ATOM   788  N NE2 . GLN A 1 119 ? 17.178  9.114   -0.218  1.00 40.22 ? 975  GLN A NE2 1 
ATOM   789  N N   . MET A 1 120 ? 10.319  9.593   -1.101  1.00 38.09 ? 976  MET A N   1 
ATOM   790  C CA  . MET A 1 120 ? 8.873   9.463   -0.930  1.00 37.41 ? 976  MET A CA  1 
ATOM   791  C C   . MET A 1 120 ? 8.252   8.666   -2.075  1.00 36.74 ? 976  MET A C   1 
ATOM   792  O O   . MET A 1 120 ? 7.490   7.733   -1.831  1.00 36.98 ? 976  MET A O   1 
ATOM   793  C CB  . MET A 1 120 ? 8.206   10.833  -0.869  1.00 37.58 ? 976  MET A CB  1 
ATOM   794  C CG  . MET A 1 120 ? 8.236   11.498  0.486   1.00 38.24 ? 976  MET A CG  1 
ATOM   795  S SD  . MET A 1 120 ? 7.308   13.044  0.436   1.00 39.93 ? 976  MET A SD  1 
ATOM   796  C CE  . MET A 1 120 ? 5.606   12.474  0.323   1.00 38.91 ? 976  MET A CE  1 
ATOM   797  N N   . LEU A 1 121 ? 8.582   9.035   -3.315  1.00 35.80 ? 977  LEU A N   1 
ATOM   798  C CA  . LEU A 1 121 ? 8.101   8.327   -4.509  1.00 34.80 ? 977  LEU A CA  1 
ATOM   799  C C   . LEU A 1 121 ? 8.531   6.864   -4.529  1.00 34.35 ? 977  LEU A C   1 
ATOM   800  O O   . LEU A 1 121 ? 7.740   5.988   -4.877  1.00 34.05 ? 977  LEU A O   1 
ATOM   801  C CB  . LEU A 1 121 ? 8.563   9.035   -5.779  1.00 34.75 ? 977  LEU A CB  1 
ATOM   802  C CG  . LEU A 1 121 ? 7.890   10.387  -6.056  1.00 34.51 ? 977  LEU A CG  1 
ATOM   803  C CD1 . LEU A 1 121 ? 8.121   10.820  -7.489  1.00 33.85 ? 977  LEU A CD1 1 
ATOM   804  C CD2 . LEU A 1 121 ? 6.393   10.319  -5.769  1.00 34.13 ? 977  LEU A CD2 1 
ATOM   805  N N   . THR A 1 122 ? 9.781   6.617   -4.138  1.00 33.72 ? 978  THR A N   1 
ATOM   806  C CA  . THR A 1 122 ? 10.303  5.264   -3.975  1.00 33.19 ? 978  THR A CA  1 
ATOM   807  C C   . THR A 1 122 ? 9.515   4.492   -2.904  1.00 32.73 ? 978  THR A C   1 
ATOM   808  O O   . THR A 1 122 ? 8.945   3.440   -3.196  1.00 32.45 ? 978  THR A O   1 
ATOM   809  C CB  . THR A 1 122 ? 11.814  5.281   -3.640  1.00 33.30 ? 978  THR A CB  1 
ATOM   810  O OG1 . THR A 1 122 ? 12.541  5.722   -4.794  1.00 33.03 ? 978  THR A OG1 1 
ATOM   811  C CG2 . THR A 1 122 ? 12.307  3.895   -3.255  1.00 33.78 ? 978  THR A CG2 1 
ATOM   812  N N   . ALA A 1 123 ? 9.471   5.031   -1.682  1.00 31.81 ? 979  ALA A N   1 
ATOM   813  C CA  . ALA A 1 123 ? 8.734   4.412   -0.585  1.00 30.88 ? 979  ALA A CA  1 
ATOM   814  C C   . ALA A 1 123 ? 7.297   4.040   -0.976  1.00 30.35 ? 979  ALA A C   1 
ATOM   815  O O   . ALA A 1 123 ? 6.861   2.914   -0.744  1.00 30.29 ? 979  ALA A O   1 
ATOM   816  C CB  . ALA A 1 123 ? 8.744   5.316   0.637   1.00 30.82 ? 979  ALA A CB  1 
ATOM   817  N N   . SER A 1 124 ? 6.570   4.974   -1.583  1.00 29.56 ? 980  SER A N   1 
ATOM   818  C CA  . SER A 1 124 ? 5.186   4.710   -1.942  1.00 29.05 ? 980  SER A CA  1 
ATOM   819  C C   . SER A 1 124 ? 5.106   3.785   -3.126  1.00 28.97 ? 980  SER A C   1 
ATOM   820  O O   . SER A 1 124 ? 4.142   3.032   -3.255  1.00 29.23 ? 980  SER A O   1 
ATOM   821  C CB  . SER A 1 124 ? 4.408   5.987   -2.215  1.00 28.78 ? 980  SER A CB  1 
ATOM   822  O OG  . SER A 1 124 ? 5.073   6.790   -3.153  1.00 28.70 ? 980  SER A OG  1 
ATOM   823  N N   . HIS A 1 125 ? 6.121   3.812   -3.987  1.00 28.76 ? 981  HIS A N   1 
ATOM   824  C CA  . HIS A 1 125 ? 6.164   2.849   -5.086  1.00 28.34 ? 981  HIS A CA  1 
ATOM   825  C C   . HIS A 1 125 ? 6.364   1.421   -4.605  1.00 27.92 ? 981  HIS A C   1 
ATOM   826  O O   . HIS A 1 125 ? 5.669   0.509   -5.059  1.00 28.01 ? 981  HIS A O   1 
ATOM   827  C CB  . HIS A 1 125 ? 7.223   3.184   -6.122  1.00 28.71 ? 981  HIS A CB  1 
ATOM   828  C CG  . HIS A 1 125 ? 7.293   2.185   -7.231  1.00 28.98 ? 981  HIS A CG  1 
ATOM   829  N ND1 . HIS A 1 125 ? 6.519   2.284   -8.365  1.00 28.80 ? 981  HIS A ND1 1 
ATOM   830  C CD2 . HIS A 1 125 ? 8.020   1.050   -7.364  1.00 28.84 ? 981  HIS A CD2 1 
ATOM   831  C CE1 . HIS A 1 125 ? 6.789   1.265   -9.163  1.00 29.45 ? 981  HIS A CE1 1 
ATOM   832  N NE2 . HIS A 1 125 ? 7.690   0.498   -8.575  1.00 29.02 ? 981  HIS A NE2 1 
ATOM   833  N N   . THR A 1 126 ? 7.311   1.210   -3.696  1.00 27.32 ? 982  THR A N   1 
ATOM   834  C CA  . THR A 1 126 ? 7.453   -0.137  -3.143  1.00 26.75 ? 982  THR A CA  1 
ATOM   835  C C   . THR A 1 126 ? 6.200   -0.604  -2.362  1.00 26.21 ? 982  THR A C   1 
ATOM   836  O O   . THR A 1 126 ? 5.856   -1.791  -2.407  1.00 26.15 ? 982  THR A O   1 
ATOM   837  C CB  . THR A 1 126 ? 8.857   -0.445  -2.474  1.00 26.63 ? 982  THR A CB  1 
ATOM   838  O OG1 . THR A 1 126 ? 8.684   -1.282  -1.323  1.00 27.02 ? 982  THR A OG1 1 
ATOM   839  C CG2 . THR A 1 126 ? 9.615   0.807   -2.083  1.00 26.83 ? 982  THR A CG2 1 
ATOM   840  N N   . LEU A 1 127 ? 5.497   0.327   -1.710  1.00 25.69 ? 983  LEU A N   1 
ATOM   841  C CA  . LEU A 1 127 ? 4.225   0.000   -1.032  1.00 25.32 ? 983  LEU A CA  1 
ATOM   842  C C   . LEU A 1 127 ? 3.138   -0.466  -2.001  1.00 25.01 ? 983  LEU A C   1 
ATOM   843  O O   . LEU A 1 127 ? 2.427   -1.438  -1.707  1.00 25.00 ? 983  LEU A O   1 
ATOM   844  C CB  . LEU A 1 127 ? 3.702   1.160   -0.156  1.00 25.31 ? 983  LEU A CB  1 
ATOM   845  C CG  . LEU A 1 127 ? 2.249   1.123   0.416   1.00 25.69 ? 983  LEU A CG  1 
ATOM   846  C CD1 . LEU A 1 127 ? 1.892   -0.159  1.190   1.00 25.54 ? 983  LEU A CD1 1 
ATOM   847  C CD2 . LEU A 1 127 ? 1.941   2.331   1.289   1.00 24.66 ? 983  LEU A CD2 1 
ATOM   848  N N   . ALA A 1 128 ? 3.006   0.231   -3.133  1.00 24.38 ? 984  ALA A N   1 
ATOM   849  C CA  . ALA A 1 128 ? 2.021   -0.121  -4.161  1.00 24.19 ? 984  ALA A CA  1 
ATOM   850  C C   . ALA A 1 128 ? 2.328   -1.489  -4.772  1.00 24.42 ? 984  ALA A C   1 
ATOM   851  O O   . ALA A 1 128 ? 1.435   -2.332  -4.924  1.00 24.48 ? 984  ALA A O   1 
ATOM   852  C CB  . ALA A 1 128 ? 1.970   0.940   -5.241  1.00 24.02 ? 984  ALA A CB  1 
ATOM   853  N N   . VAL A 1 129 ? 3.596   -1.702  -5.121  1.00 24.24 ? 985  VAL A N   1 
ATOM   854  C CA  . VAL A 1 129 ? 4.038   -2.996  -5.623  1.00 23.97 ? 985  VAL A CA  1 
ATOM   855  C C   . VAL A 1 129 ? 3.760   -4.116  -4.614  1.00 24.06 ? 985  VAL A C   1 
ATOM   856  O O   . VAL A 1 129 ? 3.160   -5.133  -4.973  1.00 24.13 ? 985  VAL A O   1 
ATOM   857  C CB  . VAL A 1 129 ? 5.513   -2.961  -6.078  1.00 23.89 ? 985  VAL A CB  1 
ATOM   858  C CG1 . VAL A 1 129 ? 6.052   -4.368  -6.291  1.00 23.77 ? 985  VAL A CG1 1 
ATOM   859  C CG2 . VAL A 1 129 ? 5.632   -2.135  -7.355  1.00 23.49 ? 985  VAL A CG2 1 
ATOM   860  N N   . ASP A 1 130 ? 4.156   -3.934  -3.357  1.00 24.15 ? 986  ASP A N   1 
ATOM   861  C CA  . ASP A 1 130 ? 3.856   -4.958  -2.338  1.00 24.55 ? 986  ASP A CA  1 
ATOM   862  C C   . ASP A 1 130 ? 2.358   -5.255  -2.206  1.00 23.89 ? 986  ASP A C   1 
ATOM   863  O O   . ASP A 1 130 ? 1.980   -6.403  -1.969  1.00 24.05 ? 986  ASP A O   1 
ATOM   864  C CB  . ASP A 1 130 ? 4.494   -4.621  -0.980  1.00 24.92 ? 986  ASP A CB  1 
ATOM   865  C CG  . ASP A 1 130 ? 6.034   -4.579  -1.042  1.00 27.36 ? 986  ASP A CG  1 
ATOM   866  O OD1 . ASP A 1 130 ? 6.625   -5.026  -2.060  1.00 30.04 ? 986  ASP A OD1 1 
ATOM   867  O OD2 . ASP A 1 130 ? 6.667   -4.085  -0.078  1.00 29.89 ? 986  ASP A OD2 1 
ATOM   868  N N   . ALA A 1 131 ? 1.515   -4.236  -2.405  1.00 23.44 ? 987  ALA A N   1 
ATOM   869  C CA  . ALA A 1 131 ? 0.053   -4.416  -2.360  1.00 22.89 ? 987  ALA A CA  1 
ATOM   870  C C   . ALA A 1 131 ? -0.449  -5.254  -3.539  1.00 22.54 ? 987  ALA A C   1 
ATOM   871  O O   . ALA A 1 131 ? -1.294  -6.147  -3.375  1.00 21.87 ? 987  ALA A O   1 
ATOM   872  C CB  . ALA A 1 131 ? -0.666  -3.065  -2.289  1.00 22.36 ? 987  ALA A CB  1 
ATOM   873  N N   . LYS A 1 132 ? 0.087   -4.946  -4.721  1.00 22.77 ? 988  LYS A N   1 
ATOM   874  C CA  . LYS A 1 132 ? -0.166  -5.695  -5.942  1.00 23.31 ? 988  LYS A CA  1 
ATOM   875  C C   . LYS A 1 132 ? 0.274   -7.148  -5.774  1.00 23.16 ? 988  LYS A C   1 
ATOM   876  O O   . LYS A 1 132 ? -0.444  -8.065  -6.177  1.00 22.96 ? 988  LYS A O   1 
ATOM   877  C CB  . LYS A 1 132 ? 0.564   -5.044  -7.118  1.00 23.62 ? 988  LYS A CB  1 
ATOM   878  C CG  . LYS A 1 132 ? 0.776   -5.970  -8.311  1.00 25.97 ? 988  LYS A CG  1 
ATOM   879  C CD  . LYS A 1 132 ? 1.744   -5.389  -9.355  1.00 31.03 ? 988  LYS A CD  1 
ATOM   880  C CE  . LYS A 1 132 ? 3.223   -5.697  -9.059  1.00 32.12 ? 988  LYS A CE  1 
ATOM   881  N NZ  . LYS A 1 132 ? 3.484   -7.172  -9.128  1.00 35.58 ? 988  LYS A NZ  1 
ATOM   882  N N   . ASN A 1 133 ? 1.453   -7.351  -5.183  1.00 23.45 ? 989  ASN A N   1 
ATOM   883  C CA  . ASN A 1 133 ? 1.961   -8.709  -4.896  1.00 23.73 ? 989  ASN A CA  1 
ATOM   884  C C   . ASN A 1 133 ? 1.044   -9.468  -3.963  1.00 23.74 ? 989  ASN A C   1 
ATOM   885  O O   . ASN A 1 133 ? 0.868   -10.670 -4.108  1.00 23.74 ? 989  ASN A O   1 
ATOM   886  C CB  . ASN A 1 133 ? 3.371   -8.684  -4.296  1.00 23.47 ? 989  ASN A CB  1 
ATOM   887  C CG  . ASN A 1 133 ? 4.424   -8.103  -5.244  1.00 24.50 ? 989  ASN A CG  1 
ATOM   888  O OD1 . ASN A 1 133 ? 5.565   -7.872  -4.833  1.00 26.44 ? 989  ASN A OD1 1 
ATOM   889  N ND2 . ASN A 1 133 ? 4.050   -7.852  -6.501  1.00 23.23 ? 989  ASN A ND2 1 
ATOM   890  N N   . LEU A 1 134 ? 0.458   -8.762  -3.002  1.00 24.26 ? 990  LEU A N   1 
ATOM   891  C CA  . LEU A 1 134 ? -0.503  -9.383  -2.096  1.00 25.05 ? 990  LEU A CA  1 
ATOM   892  C C   . LEU A 1 134 ? -1.781  -9.813  -2.812  1.00 24.97 ? 990  LEU A C   1 
ATOM   893  O O   . LEU A 1 134 ? -2.273  -10.904 -2.564  1.00 25.16 ? 990  LEU A O   1 
ATOM   894  C CB  . LEU A 1 134 ? -0.795  -8.500  -0.866  1.00 25.25 ? 990  LEU A CB  1 
ATOM   895  C CG  . LEU A 1 134 ? -2.069  -8.777  -0.042  1.00 26.55 ? 990  LEU A CG  1 
ATOM   896  C CD1 . LEU A 1 134 ? -1.796  -9.096  1.418   1.00 27.48 ? 990  LEU A CD1 1 
ATOM   897  C CD2 . LEU A 1 134 ? -3.063  -7.619  -0.149  1.00 27.59 ? 990  LEU A CD2 1 
ATOM   898  N N   . LEU A 1 135 ? -2.299  -8.981  -3.716  1.00 25.33 ? 991  LEU A N   1 
ATOM   899  C CA  . LEU A 1 135 ? -3.487  -9.353  -4.506  1.00 25.20 ? 991  LEU A CA  1 
ATOM   900  C C   . LEU A 1 135 ? -3.299  -10.681 -5.249  1.00 25.45 ? 991  LEU A C   1 
ATOM   901  O O   . LEU A 1 135 ? -4.202  -11.525 -5.238  1.00 25.26 ? 991  LEU A O   1 
ATOM   902  C CB  . LEU A 1 135 ? -3.875  -8.243  -5.476  1.00 24.93 ? 991  LEU A CB  1 
ATOM   903  C CG  . LEU A 1 135 ? -5.131  -8.459  -6.326  1.00 25.43 ? 991  LEU A CG  1 
ATOM   904  C CD1 . LEU A 1 135 ? -6.338  -8.856  -5.468  1.00 25.55 ? 991  LEU A CD1 1 
ATOM   905  C CD2 . LEU A 1 135 ? -5.435  -7.222  -7.142  1.00 24.61 ? 991  LEU A CD2 1 
ATOM   906  N N   . ASP A 1 136 ? -2.125  -10.863 -5.866  1.00 25.57 ? 992  ASP A N   1 
ATOM   907  C CA  . ASP A 1 136 ? -1.759  -12.125 -6.531  1.00 25.90 ? 992  ASP A CA  1 
ATOM   908  C C   . ASP A 1 136 ? -1.678  -13.302 -5.573  1.00 25.94 ? 992  ASP A C   1 
ATOM   909  O O   . ASP A 1 136 ? -2.094  -14.402 -5.908  1.00 26.05 ? 992  ASP A O   1 
ATOM   910  C CB  . ASP A 1 136 ? -0.420  -11.993 -7.265  1.00 26.30 ? 992  ASP A CB  1 
ATOM   911  C CG  . ASP A 1 136 ? -0.526  -11.194 -8.555  1.00 27.14 ? 992  ASP A CG  1 
ATOM   912  O OD1 . ASP A 1 136 ? -1.595  -11.242 -9.193  1.00 30.06 ? 992  ASP A OD1 1 
ATOM   913  O OD2 . ASP A 1 136 ? 0.461   -10.526 -8.945  1.00 28.04 ? 992  ASP A OD2 1 
ATOM   914  N N   . ALA A 1 137 ? -1.129  -13.063 -4.387  1.00 26.31 ? 993  ALA A N   1 
ATOM   915  C CA  . ALA A 1 137 ? -1.033  -14.092 -3.346  1.00 26.64 ? 993  ALA A CA  1 
ATOM   916  C C   . ALA A 1 137 ? -2.413  -14.502 -2.860  1.00 26.90 ? 993  ALA A C   1 
ATOM   917  O O   . ALA A 1 137 ? -2.672  -15.688 -2.670  1.00 27.38 ? 993  ALA A O   1 
ATOM   918  C CB  . ALA A 1 137 ? -0.165  -13.613 -2.172  1.00 26.17 ? 993  ALA A CB  1 
ATOM   919  N N   . VAL A 1 138 ? -3.295  -13.524 -2.673  1.00 27.29 ? 994  VAL A N   1 
ATOM   920  C CA  . VAL A 1 138 ? -4.656  -13.789 -2.212  1.00 27.56 ? 994  VAL A CA  1 
ATOM   921  C C   . VAL A 1 138 ? -5.396  -14.570 -3.284  1.00 28.02 ? 994  VAL A C   1 
ATOM   922  O O   . VAL A 1 138 ? -5.962  -15.610 -2.990  1.00 28.09 ? 994  VAL A O   1 
ATOM   923  C CB  . VAL A 1 138 ? -5.416  -12.483 -1.823  1.00 27.43 ? 994  VAL A CB  1 
ATOM   924  C CG1 . VAL A 1 138 ? -6.890  -12.750 -1.592  1.00 26.18 ? 994  VAL A CG1 1 
ATOM   925  C CG2 . VAL A 1 138 ? -4.785  -11.849 -0.576  1.00 27.29 ? 994  VAL A CG2 1 
ATOM   926  N N   . ASP A 1 139 ? -5.360  -14.071 -4.521  1.00 28.83 ? 995  ASP A N   1 
ATOM   927  C CA  . ASP A 1 139 ? -5.962  -14.753 -5.669  1.00 29.54 ? 995  ASP A CA  1 
ATOM   928  C C   . ASP A 1 139 ? -5.432  -16.171 -5.793  1.00 30.41 ? 995  ASP A C   1 
ATOM   929  O O   . ASP A 1 139 ? -6.208  -17.115 -5.998  1.00 30.15 ? 995  ASP A O   1 
ATOM   930  C CB  . ASP A 1 139 ? -5.706  -13.983 -6.973  1.00 29.09 ? 995  ASP A CB  1 
ATOM   931  C CG  . ASP A 1 139 ? -6.504  -12.686 -7.059  1.00 28.90 ? 995  ASP A CG  1 
ATOM   932  O OD1 . ASP A 1 139 ? -7.374  -12.430 -6.183  1.00 28.76 ? 995  ASP A OD1 1 
ATOM   933  O OD2 . ASP A 1 139 ? -6.259  -11.914 -8.012  1.00 27.60 ? 995  ASP A OD2 1 
ATOM   934  N N   . GLN A 1 140 ? -4.117  -16.320 -5.648  1.00 31.51 ? 996  GLN A N   1 
ATOM   935  C CA  . GLN A 1 140 ? -3.519  -17.647 -5.668  1.00 32.84 ? 996  GLN A CA  1 
ATOM   936  C C   . GLN A 1 140 ? -4.087  -18.530 -4.585  1.00 33.27 ? 996  GLN A C   1 
ATOM   937  O O   . GLN A 1 140 ? -4.381  -19.691 -4.838  1.00 33.62 ? 996  GLN A O   1 
ATOM   938  C CB  . GLN A 1 140 ? -2.002  -17.620 -5.544  1.00 32.87 ? 996  GLN A CB  1 
ATOM   939  C CG  . GLN A 1 140 ? -1.425  -19.034 -5.540  1.00 34.76 ? 996  GLN A CG  1 
ATOM   940  C CD  . GLN A 1 140 ? 0.084   -19.057 -5.396  1.00 37.78 ? 996  GLN A CD  1 
ATOM   941  O OE1 . GLN A 1 140 ? 0.802   -18.319 -6.075  1.00 40.42 ? 996  GLN A OE1 1 
ATOM   942  N NE2 . GLN A 1 140 ? 0.578   -19.926 -4.521  1.00 38.84 ? 996  GLN A NE2 1 
ATOM   943  N N   . ALA A 1 141 ? -4.247  -17.968 -3.385  1.00 34.00 ? 997  ALA A N   1 
ATOM   944  C CA  . ALA A 1 141 ? -4.704  -18.728 -2.224  1.00 34.40 ? 997  ALA A CA  1 
ATOM   945  C C   . ALA A 1 141 ? -6.146  -19.181 -2.388  1.00 34.84 ? 997  ALA A C   1 
ATOM   946  O O   . ALA A 1 141 ? -6.470  -20.326 -2.096  1.00 35.23 ? 997  ALA A O   1 
ATOM   947  C CB  . ALA A 1 141 ? -4.514  -17.927 -0.948  1.00 34.14 ? 997  ALA A CB  1 
ATOM   948  N N   . LYS A 1 142 ? -6.996  -18.291 -2.892  1.00 35.54 ? 998  LYS A N   1 
ATOM   949  C CA  . LYS A 1 142 ? -8.396  -18.606 -3.144  1.00 36.25 ? 998  LYS A CA  1 
ATOM   950  C C   . LYS A 1 142 ? -8.536  -19.814 -4.071  1.00 36.84 ? 998  LYS A C   1 
ATOM   951  O O   . LYS A 1 142 ? -9.424  -20.658 -3.887  1.00 36.71 ? 998  LYS A O   1 
ATOM   952  C CB  . LYS A 1 142 ? -9.113  -17.382 -3.729  1.00 36.31 ? 998  LYS A CB  1 
ATOM   953  C CG  . LYS A 1 142 ? -9.518  -16.321 -2.687  1.00 36.95 ? 998  LYS A CG  1 
ATOM   954  C CD  . LYS A 1 142 ? -10.012 -15.027 -3.341  1.00 36.48 ? 998  LYS A CD  1 
ATOM   955  C CE  . LYS A 1 142 ? -10.970 -14.277 -2.436  1.00 36.21 ? 998  LYS A CE  1 
ATOM   956  N NZ  . LYS A 1 142 ? -10.778 -12.798 -2.494  1.00 36.81 ? 998  LYS A NZ  1 
ATOM   957  N N   . VAL A 1 143 ? -7.644  -19.896 -5.057  1.00 37.78 ? 999  VAL A N   1 
ATOM   958  C CA  . VAL A 1 143 ? -7.654  -20.985 -6.041  1.00 38.78 ? 999  VAL A CA  1 
ATOM   959  C C   . VAL A 1 143 ? -7.188  -22.313 -5.420  1.00 39.49 ? 999  VAL A C   1 
ATOM   960  O O   . VAL A 1 143 ? -7.834  -23.345 -5.586  1.00 39.28 ? 999  VAL A O   1 
ATOM   961  C CB  . VAL A 1 143 ? -6.849  -20.598 -7.308  1.00 38.62 ? 999  VAL A CB  1 
ATOM   962  C CG1 . VAL A 1 143 ? -6.412  -21.816 -8.097  1.00 38.79 ? 999  VAL A CG1 1 
ATOM   963  C CG2 . VAL A 1 143 ? -7.666  -19.668 -8.175  1.00 38.28 ? 999  VAL A CG2 1 
ATOM   964  N N   . LEU A 1 144 ? -6.098  -22.270 -4.666  1.00 40.63 ? 1000 LEU A N   1 
ATOM   965  C CA  . LEU A 1 144 ? -5.614  -23.455 -3.964  1.00 41.97 ? 1000 LEU A CA  1 
ATOM   966  C C   . LEU A 1 144 ? -6.571  -23.913 -2.867  1.00 42.90 ? 1000 LEU A C   1 
ATOM   967  O O   . LEU A 1 144 ? -6.582  -25.088 -2.508  1.00 43.64 ? 1000 LEU A O   1 
ATOM   968  C CB  . LEU A 1 144 ? -4.219  -23.223 -3.379  1.00 41.78 ? 1000 LEU A CB  1 
ATOM   969  C CG  . LEU A 1 144 ? -3.137  -22.648 -4.293  1.00 41.44 ? 1000 LEU A CG  1 
ATOM   970  C CD1 . LEU A 1 144 ? -1.839  -22.553 -3.517  1.00 41.73 ? 1000 LEU A CD1 1 
ATOM   971  C CD2 . LEU A 1 144 ? -2.955  -23.464 -5.565  1.00 41.75 ? 1000 LEU A CD2 1 
ATOM   972  N N   . ALA A 1 145 ? -7.367  -22.995 -2.330  1.00 43.96 ? 1001 ALA A N   1 
ATOM   973  C CA  . ALA A 1 145 ? -8.415  -23.373 -1.382  1.00 44.94 ? 1001 ALA A CA  1 
ATOM   974  C C   . ALA A 1 145 ? -9.452  -24.253 -2.078  1.00 45.81 ? 1001 ALA A C   1 
ATOM   975  O O   . ALA A 1 145 ? -9.904  -25.247 -1.513  1.00 46.24 ? 1001 ALA A O   1 
ATOM   976  C CB  . ALA A 1 145 ? -9.068  -22.147 -0.776  1.00 44.91 ? 1001 ALA A CB  1 
ATOM   977  N N   . ASN A 1 146 ? -9.809  -23.887 -3.310  1.00 46.81 ? 1002 ASN A N   1 
ATOM   978  C CA  . ASN A 1 146 ? -10.734 -24.674 -4.134  1.00 47.60 ? 1002 ASN A CA  1 
ATOM   979  C C   . ASN A 1 146 ? -10.204 -26.065 -4.450  1.00 47.90 ? 1002 ASN A C   1 
ATOM   980  O O   . ASN A 1 146 ? -10.957 -27.038 -4.454  1.00 48.10 ? 1002 ASN A O   1 
ATOM   981  C CB  . ASN A 1 146 ? -11.044 -23.943 -5.438  1.00 47.81 ? 1002 ASN A CB  1 
ATOM   982  C CG  . ASN A 1 146 ? -12.230 -23.022 -5.321  1.00 48.54 ? 1002 ASN A CG  1 
ATOM   983  O OD1 . ASN A 1 146 ? -12.081 -21.817 -5.099  1.00 49.31 ? 1002 ASN A OD1 1 
ATOM   984  N ND2 . ASN A 1 146 ? -13.423 -23.583 -5.475  1.00 49.95 ? 1002 ASN A ND2 1 
ATOM   985  N N   . LEU A 1 147 ? -8.905  -26.143 -4.720  1.00 48.25 ? 1003 LEU A N   1 
ATOM   986  C CA  . LEU A 1 147 ? -8.224  -27.405 -4.977  1.00 48.51 ? 1003 LEU A CA  1 
ATOM   987  C C   . LEU A 1 147 ? -8.080  -28.253 -3.703  1.00 49.11 ? 1003 LEU A C   1 
ATOM   988  O O   . LEU A 1 147 ? -8.296  -29.462 -3.732  1.00 49.36 ? 1003 LEU A O   1 
ATOM   989  C CB  . LEU A 1 147 ? -6.842  -27.134 -5.585  1.00 48.28 ? 1003 LEU A CB  1 
ATOM   990  C CG  . LEU A 1 147 ? -6.077  -28.296 -6.218  1.00 46.96 ? 1003 LEU A CG  1 
ATOM   991  C CD1 . LEU A 1 147 ? -6.813  -28.794 -7.460  1.00 45.77 ? 1003 LEU A CD1 1 
ATOM   992  C CD2 . LEU A 1 147 ? -4.665  -27.859 -6.544  1.00 44.62 ? 1003 LEU A CD2 1 
ATOM   993  N N   . ALA A 1 148 ? -7.709  -27.618 -2.594  1.00 49.68 ? 1004 ALA A N   1 
ATOM   994  C CA  . ALA A 1 148 ? -7.529  -28.327 -1.327  1.00 50.14 ? 1004 ALA A CA  1 
ATOM   995  C C   . ALA A 1 148 ? -8.876  -28.704 -0.707  1.00 50.56 ? 1004 ALA A C   1 
ATOM   996  O O   . ALA A 1 148 ? -9.160  -29.894 -0.499  1.00 51.03 ? 1004 ALA A O   1 
ATOM   997  C CB  . ALA A 1 148 ? -6.713  -27.491 -0.360  1.00 50.19 ? 1004 ALA A CB  1 
HETATM 998  O O   . HOH B 2 .   ? -8.672  -16.497 -7.393  1.00 34.01 ? 1    HOH A O   1 
HETATM 999  O O   . HOH B 2 .   ? -9.144  -11.231 -3.997  1.00 30.72 ? 3    HOH A O   1 
HETATM 1000 O O   . HOH B 2 .   ? 7.849   1.858   1.475   1.00 31.14 ? 5    HOH A O   1 
HETATM 1001 O O   . HOH B 2 .   ? 10.362  6.145   -7.267  1.00 25.62 ? 6    HOH A O   1 
HETATM 1002 O O   . HOH B 2 .   ? -9.864  -7.915  -12.121 1.00 34.61 ? 8    HOH A O   1 
HETATM 1003 O O   . HOH B 2 .   ? 18.004  17.225  -3.311  1.00 36.33 ? 9    HOH A O   1 
HETATM 1004 O O   . HOH B 2 .   ? -6.566  -2.405  9.595   1.00 39.54 ? 12   HOH A O   1 
HETATM 1005 O O   . HOH B 2 .   ? 12.595  5.312   -0.216  1.00 45.68 ? 16   HOH A O   1 
HETATM 1006 O O   . HOH B 2 .   ? -11.779 -12.596 -7.495  1.00 25.64 ? 18   HOH A O   1 
HETATM 1007 O O   . HOH B 2 .   ? -5.311  13.674  -2.933  1.00 37.26 ? 22   HOH A O   1 
HETATM 1008 O O   . HOH B 2 .   ? -0.878  15.314  -11.720 1.00 42.21 ? 31   HOH A O   1 
HETATM 1009 O O   . HOH B 2 .   ? -18.975 -15.077 -11.171 1.00 30.71 ? 33   HOH A O   1 
HETATM 1010 O O   . HOH B 2 .   ? -9.598  2.990   7.232   1.00 33.58 ? 34   HOH A O   1 
HETATM 1011 O O   . HOH B 2 .   ? 2.314   17.746  8.860   1.00 42.74 ? 35   HOH A O   1 
# 
loop_
_pdbx_poly_seq_scheme.asym_id 
_pdbx_poly_seq_scheme.entity_id 
_pdbx_poly_seq_scheme.seq_id 
_pdbx_poly_seq_scheme.mon_id 
_pdbx_poly_seq_scheme.ndb_seq_num 
_pdbx_poly_seq_scheme.pdb_seq_num 
_pdbx_poly_seq_scheme.auth_seq_num 
_pdbx_poly_seq_scheme.pdb_mon_id 
_pdbx_poly_seq_scheme.auth_mon_id 
_pdbx_poly_seq_scheme.pdb_strand_id 
_pdbx_poly_seq_scheme.pdb_ins_code 
_pdbx_poly_seq_scheme.hetero 
A 1 1   GLY 1   857  ?    ?   ?   A . n 
A 1 2   SER 2   858  ?    ?   ?   A . n 
A 1 3   HIS 3   859  ?    ?   ?   A . n 
A 1 4   MET 4   860  ?    ?   ?   A . n 
A 1 5   ARG 5   861  ?    ?   ?   A . n 
A 1 6   LEU 6   862  ?    ?   ?   A . n 
A 1 7   GLY 7   863  ?    ?   ?   A . n 
A 1 8   ALA 8   864  ?    ?   ?   A . n 
A 1 9   GLN 9   865  ?    ?   ?   A . n 
A 1 10  SER 10  866  ?    ?   ?   A . n 
A 1 11  ILE 11  867  ?    ?   ?   A . n 
A 1 12  GLN 12  868  ?    ?   ?   A . n 
A 1 13  PRO 13  869  ?    ?   ?   A . n 
A 1 14  THR 14  870  ?    ?   ?   A . n 
A 1 15  ALA 15  871  ?    ?   ?   A . n 
A 1 16  ASN 16  872  872  ASN ASN A . n 
A 1 17  LEU 17  873  873  LEU LEU A . n 
A 1 18  ASP 18  874  874  ASP ASP A . n 
A 1 19  ARG 19  875  875  ARG ARG A . n 
A 1 20  THR 20  876  876  THR THR A . n 
A 1 21  ASP 21  877  877  ASP ASP A . n 
A 1 22  ASP 22  878  878  ASP ASP A . n 
A 1 23  LEU 23  879  879  LEU LEU A . n 
A 1 24  VAL 24  880  880  VAL VAL A . n 
A 1 25  TYR 25  881  881  TYR TYR A . n 
A 1 26  LEU 26  882  882  LEU LEU A . n 
A 1 27  ASN 27  883  883  ASN ASN A . n 
A 1 28  VAL 28  884  884  VAL VAL A . n 
A 1 29  MET 29  885  885  MET MET A . n 
A 1 30  GLU 30  886  886  GLU GLU A . n 
A 1 31  LEU 31  887  887  LEU LEU A . n 
A 1 32  VAL 32  888  888  VAL VAL A . n 
A 1 33  ARG 33  889  889  ARG ARG A . n 
A 1 34  ALA 34  890  890  ALA ALA A . n 
A 1 35  VAL 35  891  891  VAL VAL A . n 
A 1 36  LEU 36  892  892  LEU LEU A . n 
A 1 37  GLU 37  893  893  GLU GLU A . n 
A 1 38  LEU 38  894  894  LEU LEU A . n 
A 1 39  LYS 39  895  895  LYS LYS A . n 
A 1 40  ASN 40  896  896  ASN ASN A . n 
A 1 41  GLU 41  897  897  GLU GLU A . n 
A 1 42  LEU 42  898  898  LEU LEU A . n 
A 1 43  ALA 43  899  899  ALA ALA A . n 
A 1 44  GLN 44  900  900  GLN GLN A . n 
A 1 45  LEU 45  901  901  LEU LEU A . n 
A 1 46  PRO 46  902  902  PRO PRO A . n 
A 1 47  PRO 47  903  903  PRO PRO A . n 
A 1 48  GLU 48  904  904  GLU GLU A . n 
A 1 49  GLY 49  905  905  GLY GLY A . n 
A 1 50  TYR 50  906  906  TYR TYR A . n 
A 1 51  VAL 51  907  907  VAL VAL A . n 
A 1 52  VAL 52  908  908  VAL VAL A . n 
A 1 53  VAL 53  909  909  VAL VAL A . n 
A 1 54  VAL 54  910  910  VAL VAL A . n 
A 1 55  LYS 55  911  911  LYS LYS A . n 
A 1 56  ASN 56  912  912  ASN ASN A . n 
A 1 57  VAL 57  913  913  VAL VAL A . n 
A 1 58  GLY 58  914  914  GLY GLY A . n 
A 1 59  LEU 59  915  915  LEU LEU A . n 
A 1 60  THR 60  916  916  THR THR A . n 
A 1 61  LEU 61  917  917  LEU LEU A . n 
A 1 62  ARG 62  918  918  ARG ARG A . n 
A 1 63  LYS 63  919  919  LYS LYS A . n 
A 1 64  LEU 64  920  920  LEU LEU A . n 
A 1 65  ILE 65  921  921  ILE ILE A . n 
A 1 66  GLY 66  922  922  GLY GLY A . n 
A 1 67  SER 67  923  923  SER SER A . n 
A 1 68  VAL 68  924  924  VAL VAL A . n 
A 1 69  ASP 69  925  925  ASP ASP A . n 
A 1 70  ASP 70  926  926  ASP ASP A . n 
A 1 71  LEU 71  927  927  LEU LEU A . n 
A 1 72  LEU 72  928  928  LEU LEU A . n 
A 1 73  PRO 73  929  929  PRO PRO A . n 
A 1 74  SER 74  930  930  SER SER A . n 
A 1 75  LEU 75  931  931  LEU LEU A . n 
A 1 76  PRO 76  932  932  PRO PRO A . n 
A 1 77  SER 77  933  933  SER SER A . n 
A 1 78  SER 78  934  934  SER SER A . n 
A 1 79  SER 79  935  935  SER SER A . n 
A 1 80  ARG 80  936  936  ARG ARG A . n 
A 1 81  THR 81  937  937  THR THR A . n 
A 1 82  GLU 82  938  938  GLU GLU A . n 
A 1 83  ILE 83  939  939  ILE ILE A . n 
A 1 84  GLU 84  940  940  GLU GLU A . n 
A 1 85  GLY 85  941  941  GLY GLY A . n 
A 1 86  THR 86  942  942  THR THR A . n 
A 1 87  GLN 87  943  943  GLN GLN A . n 
A 1 88  LYS 88  944  944  LYS LYS A . n 
A 1 89  LEU 89  945  945  LEU LEU A . n 
A 1 90  LEU 90  946  946  LEU LEU A . n 
A 1 91  ASN 91  947  947  ASN ASN A . n 
A 1 92  LYS 92  948  948  LYS LYS A . n 
A 1 93  ASP 93  949  949  ASP ASP A . n 
A 1 94  LEU 94  950  950  LEU LEU A . n 
A 1 95  ALA 95  951  951  ALA ALA A . n 
A 1 96  GLU 96  952  952  GLU GLU A . n 
A 1 97  LEU 97  953  953  LEU LEU A . n 
A 1 98  ILE 98  954  954  ILE ILE A . n 
A 1 99  ASN 99  955  955  ASN ASN A . n 
A 1 100 LYS 100 956  956  LYS LYS A . n 
A 1 101 MET 101 957  957  MET MET A . n 
A 1 102 ARG 102 958  958  ARG ARG A . n 
A 1 103 LEU 103 959  959  LEU LEU A . n 
A 1 104 ALA 104 960  960  ALA ALA A . n 
A 1 105 GLN 105 961  961  GLN GLN A . n 
A 1 106 GLN 106 962  962  GLN GLN A . n 
A 1 107 ASN 107 963  963  ASN ASN A . n 
A 1 108 ALA 108 964  964  ALA ALA A . n 
A 1 109 VAL 109 965  965  VAL VAL A . n 
A 1 110 THR 110 966  966  THR THR A . n 
A 1 111 SER 111 967  967  SER SER A . n 
A 1 112 LEU 112 968  968  LEU LEU A . n 
A 1 113 SER 113 969  969  SER SER A . n 
A 1 114 GLU 114 970  970  GLU GLU A . n 
A 1 115 GLU 115 971  971  GLU GLU A . n 
A 1 116 CYS 116 972  972  CYS CYS A . n 
A 1 117 LYS 117 973  973  LYS LYS A . n 
A 1 118 ARG 118 974  974  ARG ARG A . n 
A 1 119 GLN 119 975  975  GLN GLN A . n 
A 1 120 MET 120 976  976  MET MET A . n 
A 1 121 LEU 121 977  977  LEU LEU A . n 
A 1 122 THR 122 978  978  THR THR A . n 
A 1 123 ALA 123 979  979  ALA ALA A . n 
A 1 124 SER 124 980  980  SER SER A . n 
A 1 125 HIS 125 981  981  HIS HIS A . n 
A 1 126 THR 126 982  982  THR THR A . n 
A 1 127 LEU 127 983  983  LEU LEU A . n 
A 1 128 ALA 128 984  984  ALA ALA A . n 
A 1 129 VAL 129 985  985  VAL VAL A . n 
A 1 130 ASP 130 986  986  ASP ASP A . n 
A 1 131 ALA 131 987  987  ALA ALA A . n 
A 1 132 LYS 132 988  988  LYS LYS A . n 
A 1 133 ASN 133 989  989  ASN ASN A . n 
A 1 134 LEU 134 990  990  LEU LEU A . n 
A 1 135 LEU 135 991  991  LEU LEU A . n 
A 1 136 ASP 136 992  992  ASP ASP A . n 
A 1 137 ALA 137 993  993  ALA ALA A . n 
A 1 138 VAL 138 994  994  VAL VAL A . n 
A 1 139 ASP 139 995  995  ASP ASP A . n 
A 1 140 GLN 140 996  996  GLN GLN A . n 
A 1 141 ALA 141 997  997  ALA ALA A . n 
A 1 142 LYS 142 998  998  LYS LYS A . n 
A 1 143 VAL 143 999  999  VAL VAL A . n 
A 1 144 LEU 144 1000 1000 LEU LEU A . n 
A 1 145 ALA 145 1001 1001 ALA ALA A . n 
A 1 146 ASN 146 1002 1002 ASN ASN A . n 
A 1 147 LEU 147 1003 1003 LEU LEU A . n 
A 1 148 ALA 148 1004 1004 ALA ALA A . n 
A 1 149 HIS 149 1005 ?    ?   ?   A . n 
A 1 150 PRO 150 1006 ?    ?   ?   A . n 
A 1 151 PRO 151 1007 ?    ?   ?   A . n 
A 1 152 ALA 152 1008 ?    ?   ?   A . n 
A 1 153 GLU 153 1009 ?    ?   ?   A . n 
# 
loop_
_pdbx_nonpoly_scheme.asym_id 
_pdbx_nonpoly_scheme.entity_id 
_pdbx_nonpoly_scheme.mon_id 
_pdbx_nonpoly_scheme.ndb_seq_num 
_pdbx_nonpoly_scheme.pdb_seq_num 
_pdbx_nonpoly_scheme.auth_seq_num 
_pdbx_nonpoly_scheme.pdb_mon_id 
_pdbx_nonpoly_scheme.auth_mon_id 
_pdbx_nonpoly_scheme.pdb_strand_id 
_pdbx_nonpoly_scheme.pdb_ins_code 
B 2 HOH 1  1  1  HOH HOH A . 
B 2 HOH 2  3  3  HOH HOH A . 
B 2 HOH 3  5  5  HOH HOH A . 
B 2 HOH 4  6  6  HOH HOH A . 
B 2 HOH 5  8  8  HOH HOH A . 
B 2 HOH 6  9  9  HOH HOH A . 
B 2 HOH 7  12 12 HOH HOH A . 
B 2 HOH 8  16 16 HOH HOH A . 
B 2 HOH 9  18 18 HOH HOH A . 
B 2 HOH 10 22 22 HOH HOH A . 
B 2 HOH 11 31 31 HOH HOH A . 
B 2 HOH 12 33 33 HOH HOH A . 
B 2 HOH 13 34 34 HOH HOH A . 
B 2 HOH 14 35 35 HOH HOH A . 
# 
_pdbx_struct_assembly.id                   1 
_pdbx_struct_assembly.details              author_and_software_defined_assembly 
_pdbx_struct_assembly.method_details       PISA 
_pdbx_struct_assembly.oligomeric_details   monomeric 
_pdbx_struct_assembly.oligomeric_count     1 
# 
_pdbx_struct_assembly_gen.assembly_id       1 
_pdbx_struct_assembly_gen.oper_expression   1 
_pdbx_struct_assembly_gen.asym_id_list      A,B 
# 
_pdbx_struct_oper_list.id                   1 
_pdbx_struct_oper_list.type                 'identity operation' 
_pdbx_struct_oper_list.name                 1_555 
_pdbx_struct_oper_list.symmetry_operation   x,y,z 
_pdbx_struct_oper_list.matrix[1][1]         1.0000000000 
_pdbx_struct_oper_list.matrix[1][2]         0.0000000000 
_pdbx_struct_oper_list.matrix[1][3]         0.0000000000 
_pdbx_struct_oper_list.vector[1]            0.0000000000 
_pdbx_struct_oper_list.matrix[2][1]         0.0000000000 
_pdbx_struct_oper_list.matrix[2][2]         1.0000000000 
_pdbx_struct_oper_list.matrix[2][3]         0.0000000000 
_pdbx_struct_oper_list.vector[2]            0.0000000000 
_pdbx_struct_oper_list.matrix[3][1]         0.0000000000 
_pdbx_struct_oper_list.matrix[3][2]         0.0000000000 
_pdbx_struct_oper_list.matrix[3][3]         1.0000000000 
_pdbx_struct_oper_list.vector[3]            0.0000000000 
# 
loop_
_pdbx_audit_revision_history.ordinal 
_pdbx_audit_revision_history.data_content_type 
_pdbx_audit_revision_history.major_revision 
_pdbx_audit_revision_history.minor_revision 
_pdbx_audit_revision_history.revision_date 
1 'Structure model' 1 0 2009-05-05 
2 'Structure model' 1 1 2011-07-13 
3 'Structure model' 1 2 2021-11-10 
4 'Structure model' 1 3 2023-11-01 
# 
_pdbx_audit_revision_details.ordinal             1 
_pdbx_audit_revision_details.revision_ordinal    1 
_pdbx_audit_revision_details.data_content_type   'Structure model' 
_pdbx_audit_revision_details.provider            repository 
_pdbx_audit_revision_details.type                'Initial release' 
_pdbx_audit_revision_details.description         ? 
_pdbx_audit_revision_details.details             ? 
# 
loop_
_pdbx_audit_revision_group.ordinal 
_pdbx_audit_revision_group.revision_ordinal 
_pdbx_audit_revision_group.data_content_type 
_pdbx_audit_revision_group.group 
1 2 'Structure model' 'Version format compliance' 
2 3 'Structure model' 'Database references'       
3 4 'Structure model' 'Data collection'           
4 4 'Structure model' 'Refinement description'    
# 
loop_
_pdbx_audit_revision_category.ordinal 
_pdbx_audit_revision_category.revision_ordinal 
_pdbx_audit_revision_category.data_content_type 
_pdbx_audit_revision_category.category 
1 3 'Structure model' database_2                    
2 3 'Structure model' struct_ref_seq_dif            
3 4 'Structure model' chem_comp_atom                
4 4 'Structure model' chem_comp_bond                
5 4 'Structure model' pdbx_initial_refinement_model 
# 
loop_
_pdbx_audit_revision_item.ordinal 
_pdbx_audit_revision_item.revision_ordinal 
_pdbx_audit_revision_item.data_content_type 
_pdbx_audit_revision_item.item 
1 3 'Structure model' '_database_2.pdbx_DOI'                
2 3 'Structure model' '_database_2.pdbx_database_accession' 
3 3 'Structure model' '_struct_ref_seq_dif.details'         
# 
loop_
_software.name 
_software.classification 
_software.version 
_software.citation_id 
_software.pdbx_ordinal 
CBASS    'data collection' .        ? 1 
MOLREP   phasing           .        ? 2 
REFMAC   refinement        5.4.0066 ? 3 
HKL-2000 'data reduction'  .        ? 4 
HKL-2000 'data scaling'    .        ? 5 
# 
loop_
_pdbx_unobs_or_zero_occ_atoms.id 
_pdbx_unobs_or_zero_occ_atoms.PDB_model_num 
_pdbx_unobs_or_zero_occ_atoms.polymer_flag 
_pdbx_unobs_or_zero_occ_atoms.occupancy_flag 
_pdbx_unobs_or_zero_occ_atoms.auth_asym_id 
_pdbx_unobs_or_zero_occ_atoms.auth_comp_id 
_pdbx_unobs_or_zero_occ_atoms.auth_seq_id 
_pdbx_unobs_or_zero_occ_atoms.PDB_ins_code 
_pdbx_unobs_or_zero_occ_atoms.auth_atom_id 
_pdbx_unobs_or_zero_occ_atoms.label_alt_id 
_pdbx_unobs_or_zero_occ_atoms.label_asym_id 
_pdbx_unobs_or_zero_occ_atoms.label_comp_id 
_pdbx_unobs_or_zero_occ_atoms.label_seq_id 
_pdbx_unobs_or_zero_occ_atoms.label_atom_id 
1  1 Y 1 A LYS 895 ? CG  ? A LYS 39 CG  
2  1 Y 1 A LYS 895 ? CD  ? A LYS 39 CD  
3  1 Y 1 A LYS 895 ? CE  ? A LYS 39 CE  
4  1 Y 1 A LYS 895 ? NZ  ? A LYS 39 NZ  
5  1 Y 1 A GLU 897 ? CG  ? A GLU 41 CG  
6  1 Y 1 A GLU 897 ? CD  ? A GLU 41 CD  
7  1 Y 1 A GLU 897 ? OE1 ? A GLU 41 OE1 
8  1 Y 1 A GLU 897 ? OE2 ? A GLU 41 OE2 
9  1 Y 1 A GLU 904 ? CG  ? A GLU 48 CG  
10 1 Y 1 A GLU 904 ? CD  ? A GLU 48 CD  
11 1 Y 1 A GLU 904 ? OE1 ? A GLU 48 OE1 
12 1 Y 1 A GLU 904 ? OE2 ? A GLU 48 OE2 
13 1 Y 1 A LYS 911 ? CG  ? A LYS 55 CG  
14 1 Y 1 A LYS 911 ? CD  ? A LYS 55 CD  
15 1 Y 1 A LYS 911 ? CE  ? A LYS 55 CE  
16 1 Y 1 A LYS 911 ? NZ  ? A LYS 55 NZ  
17 1 Y 1 A GLU 938 ? CG  ? A GLU 82 CG  
18 1 Y 1 A GLU 938 ? CD  ? A GLU 82 CD  
19 1 Y 1 A GLU 938 ? OE1 ? A GLU 82 OE1 
20 1 Y 1 A GLU 938 ? OE2 ? A GLU 82 OE2 
21 1 Y 1 A LYS 944 ? CG  ? A LYS 88 CG  
22 1 Y 1 A LYS 944 ? CD  ? A LYS 88 CD  
23 1 Y 1 A LYS 944 ? CE  ? A LYS 88 CE  
24 1 Y 1 A LYS 944 ? NZ  ? A LYS 88 NZ  
# 
loop_
_pdbx_unobs_or_zero_occ_residues.id 
_pdbx_unobs_or_zero_occ_residues.PDB_model_num 
_pdbx_unobs_or_zero_occ_residues.polymer_flag 
_pdbx_unobs_or_zero_occ_residues.occupancy_flag 
_pdbx_unobs_or_zero_occ_residues.auth_asym_id 
_pdbx_unobs_or_zero_occ_residues.auth_comp_id 
_pdbx_unobs_or_zero_occ_residues.auth_seq_id 
_pdbx_unobs_or_zero_occ_residues.PDB_ins_code 
_pdbx_unobs_or_zero_occ_residues.label_asym_id 
_pdbx_unobs_or_zero_occ_residues.label_comp_id 
_pdbx_unobs_or_zero_occ_residues.label_seq_id 
1  1 Y 1 A GLY 857  ? A GLY 1   
2  1 Y 1 A SER 858  ? A SER 2   
3  1 Y 1 A HIS 859  ? A HIS 3   
4  1 Y 1 A MET 860  ? A MET 4   
5  1 Y 1 A ARG 861  ? A ARG 5   
6  1 Y 1 A LEU 862  ? A LEU 6   
7  1 Y 1 A GLY 863  ? A GLY 7   
8  1 Y 1 A ALA 864  ? A ALA 8   
9  1 Y 1 A GLN 865  ? A GLN 9   
10 1 Y 1 A SER 866  ? A SER 10  
11 1 Y 1 A ILE 867  ? A ILE 11  
12 1 Y 1 A GLN 868  ? A GLN 12  
13 1 Y 1 A PRO 869  ? A PRO 13  
14 1 Y 1 A THR 870  ? A THR 14  
15 1 Y 1 A ALA 871  ? A ALA 15  
16 1 Y 1 A HIS 1005 ? A HIS 149 
17 1 Y 1 A PRO 1006 ? A PRO 150 
18 1 Y 1 A PRO 1007 ? A PRO 151 
19 1 Y 1 A ALA 1008 ? A ALA 152 
20 1 Y 1 A GLU 1009 ? A GLU 153 
# 
loop_
_chem_comp_atom.comp_id 
_chem_comp_atom.atom_id 
_chem_comp_atom.type_symbol 
_chem_comp_atom.pdbx_aromatic_flag 
_chem_comp_atom.pdbx_stereo_config 
_chem_comp_atom.pdbx_ordinal 
ALA N    N N N 1   
ALA CA   C N S 2   
ALA C    C N N 3   
ALA O    O N N 4   
ALA CB   C N N 5   
ALA OXT  O N N 6   
ALA H    H N N 7   
ALA H2   H N N 8   
ALA HA   H N N 9   
ALA HB1  H N N 10  
ALA HB2  H N N 11  
ALA HB3  H N N 12  
ALA HXT  H N N 13  
ARG N    N N N 14  
ARG CA   C N S 15  
ARG C    C N N 16  
ARG O    O N N 17  
ARG CB   C N N 18  
ARG CG   C N N 19  
ARG CD   C N N 20  
ARG NE   N N N 21  
ARG CZ   C N N 22  
ARG NH1  N N N 23  
ARG NH2  N N N 24  
ARG OXT  O N N 25  
ARG H    H N N 26  
ARG H2   H N N 27  
ARG HA   H N N 28  
ARG HB2  H N N 29  
ARG HB3  H N N 30  
ARG HG2  H N N 31  
ARG HG3  H N N 32  
ARG HD2  H N N 33  
ARG HD3  H N N 34  
ARG HE   H N N 35  
ARG HH11 H N N 36  
ARG HH12 H N N 37  
ARG HH21 H N N 38  
ARG HH22 H N N 39  
ARG HXT  H N N 40  
ASN N    N N N 41  
ASN CA   C N S 42  
ASN C    C N N 43  
ASN O    O N N 44  
ASN CB   C N N 45  
ASN CG   C N N 46  
ASN OD1  O N N 47  
ASN ND2  N N N 48  
ASN OXT  O N N 49  
ASN H    H N N 50  
ASN H2   H N N 51  
ASN HA   H N N 52  
ASN HB2  H N N 53  
ASN HB3  H N N 54  
ASN HD21 H N N 55  
ASN HD22 H N N 56  
ASN HXT  H N N 57  
ASP N    N N N 58  
ASP CA   C N S 59  
ASP C    C N N 60  
ASP O    O N N 61  
ASP CB   C N N 62  
ASP CG   C N N 63  
ASP OD1  O N N 64  
ASP OD2  O N N 65  
ASP OXT  O N N 66  
ASP H    H N N 67  
ASP H2   H N N 68  
ASP HA   H N N 69  
ASP HB2  H N N 70  
ASP HB3  H N N 71  
ASP HD2  H N N 72  
ASP HXT  H N N 73  
CYS N    N N N 74  
CYS CA   C N R 75  
CYS C    C N N 76  
CYS O    O N N 77  
CYS CB   C N N 78  
CYS SG   S N N 79  
CYS OXT  O N N 80  
CYS H    H N N 81  
CYS H2   H N N 82  
CYS HA   H N N 83  
CYS HB2  H N N 84  
CYS HB3  H N N 85  
CYS HG   H N N 86  
CYS HXT  H N N 87  
GLN N    N N N 88  
GLN CA   C N S 89  
GLN C    C N N 90  
GLN O    O N N 91  
GLN CB   C N N 92  
GLN CG   C N N 93  
GLN CD   C N N 94  
GLN OE1  O N N 95  
GLN NE2  N N N 96  
GLN OXT  O N N 97  
GLN H    H N N 98  
GLN H2   H N N 99  
GLN HA   H N N 100 
GLN HB2  H N N 101 
GLN HB3  H N N 102 
GLN HG2  H N N 103 
GLN HG3  H N N 104 
GLN HE21 H N N 105 
GLN HE22 H N N 106 
GLN HXT  H N N 107 
GLU N    N N N 108 
GLU CA   C N S 109 
GLU C    C N N 110 
GLU O    O N N 111 
GLU CB   C N N 112 
GLU CG   C N N 113 
GLU CD   C N N 114 
GLU OE1  O N N 115 
GLU OE2  O N N 116 
GLU OXT  O N N 117 
GLU H    H N N 118 
GLU H2   H N N 119 
GLU HA   H N N 120 
GLU HB2  H N N 121 
GLU HB3  H N N 122 
GLU HG2  H N N 123 
GLU HG3  H N N 124 
GLU HE2  H N N 125 
GLU HXT  H N N 126 
GLY N    N N N 127 
GLY CA   C N N 128 
GLY C    C N N 129 
GLY O    O N N 130 
GLY OXT  O N N 131 
GLY H    H N N 132 
GLY H2   H N N 133 
GLY HA2  H N N 134 
GLY HA3  H N N 135 
GLY HXT  H N N 136 
HIS N    N N N 137 
HIS CA   C N S 138 
HIS C    C N N 139 
HIS O    O N N 140 
HIS CB   C N N 141 
HIS CG   C Y N 142 
HIS ND1  N Y N 143 
HIS CD2  C Y N 144 
HIS CE1  C Y N 145 
HIS NE2  N Y N 146 
HIS OXT  O N N 147 
HIS H    H N N 148 
HIS H2   H N N 149 
HIS HA   H N N 150 
HIS HB2  H N N 151 
HIS HB3  H N N 152 
HIS HD1  H N N 153 
HIS HD2  H N N 154 
HIS HE1  H N N 155 
HIS HE2  H N N 156 
HIS HXT  H N N 157 
HOH O    O N N 158 
HOH H1   H N N 159 
HOH H2   H N N 160 
ILE N    N N N 161 
ILE CA   C N S 162 
ILE C    C N N 163 
ILE O    O N N 164 
ILE CB   C N S 165 
ILE CG1  C N N 166 
ILE CG2  C N N 167 
ILE CD1  C N N 168 
ILE OXT  O N N 169 
ILE H    H N N 170 
ILE H2   H N N 171 
ILE HA   H N N 172 
ILE HB   H N N 173 
ILE HG12 H N N 174 
ILE HG13 H N N 175 
ILE HG21 H N N 176 
ILE HG22 H N N 177 
ILE HG23 H N N 178 
ILE HD11 H N N 179 
ILE HD12 H N N 180 
ILE HD13 H N N 181 
ILE HXT  H N N 182 
LEU N    N N N 183 
LEU CA   C N S 184 
LEU C    C N N 185 
LEU O    O N N 186 
LEU CB   C N N 187 
LEU CG   C N N 188 
LEU CD1  C N N 189 
LEU CD2  C N N 190 
LEU OXT  O N N 191 
LEU H    H N N 192 
LEU H2   H N N 193 
LEU HA   H N N 194 
LEU HB2  H N N 195 
LEU HB3  H N N 196 
LEU HG   H N N 197 
LEU HD11 H N N 198 
LEU HD12 H N N 199 
LEU HD13 H N N 200 
LEU HD21 H N N 201 
LEU HD22 H N N 202 
LEU HD23 H N N 203 
LEU HXT  H N N 204 
LYS N    N N N 205 
LYS CA   C N S 206 
LYS C    C N N 207 
LYS O    O N N 208 
LYS CB   C N N 209 
LYS CG   C N N 210 
LYS CD   C N N 211 
LYS CE   C N N 212 
LYS NZ   N N N 213 
LYS OXT  O N N 214 
LYS H    H N N 215 
LYS H2   H N N 216 
LYS HA   H N N 217 
LYS HB2  H N N 218 
LYS HB3  H N N 219 
LYS HG2  H N N 220 
LYS HG3  H N N 221 
LYS HD2  H N N 222 
LYS HD3  H N N 223 
LYS HE2  H N N 224 
LYS HE3  H N N 225 
LYS HZ1  H N N 226 
LYS HZ2  H N N 227 
LYS HZ3  H N N 228 
LYS HXT  H N N 229 
MET N    N N N 230 
MET CA   C N S 231 
MET C    C N N 232 
MET O    O N N 233 
MET CB   C N N 234 
MET CG   C N N 235 
MET SD   S N N 236 
MET CE   C N N 237 
MET OXT  O N N 238 
MET H    H N N 239 
MET H2   H N N 240 
MET HA   H N N 241 
MET HB2  H N N 242 
MET HB3  H N N 243 
MET HG2  H N N 244 
MET HG3  H N N 245 
MET HE1  H N N 246 
MET HE2  H N N 247 
MET HE3  H N N 248 
MET HXT  H N N 249 
PRO N    N N N 250 
PRO CA   C N S 251 
PRO C    C N N 252 
PRO O    O N N 253 
PRO CB   C N N 254 
PRO CG   C N N 255 
PRO CD   C N N 256 
PRO OXT  O N N 257 
PRO H    H N N 258 
PRO HA   H N N 259 
PRO HB2  H N N 260 
PRO HB3  H N N 261 
PRO HG2  H N N 262 
PRO HG3  H N N 263 
PRO HD2  H N N 264 
PRO HD3  H N N 265 
PRO HXT  H N N 266 
SER N    N N N 267 
SER CA   C N S 268 
SER C    C N N 269 
SER O    O N N 270 
SER CB   C N N 271 
SER OG   O N N 272 
SER OXT  O N N 273 
SER H    H N N 274 
SER H2   H N N 275 
SER HA   H N N 276 
SER HB2  H N N 277 
SER HB3  H N N 278 
SER HG   H N N 279 
SER HXT  H N N 280 
THR N    N N N 281 
THR CA   C N S 282 
THR C    C N N 283 
THR O    O N N 284 
THR CB   C N R 285 
THR OG1  O N N 286 
THR CG2  C N N 287 
THR OXT  O N N 288 
THR H    H N N 289 
THR H2   H N N 290 
THR HA   H N N 291 
THR HB   H N N 292 
THR HG1  H N N 293 
THR HG21 H N N 294 
THR HG22 H N N 295 
THR HG23 H N N 296 
THR HXT  H N N 297 
TYR N    N N N 298 
TYR CA   C N S 299 
TYR C    C N N 300 
TYR O    O N N 301 
TYR CB   C N N 302 
TYR CG   C Y N 303 
TYR CD1  C Y N 304 
TYR CD2  C Y N 305 
TYR CE1  C Y N 306 
TYR CE2  C Y N 307 
TYR CZ   C Y N 308 
TYR OH   O N N 309 
TYR OXT  O N N 310 
TYR H    H N N 311 
TYR H2   H N N 312 
TYR HA   H N N 313 
TYR HB2  H N N 314 
TYR HB3  H N N 315 
TYR HD1  H N N 316 
TYR HD2  H N N 317 
TYR HE1  H N N 318 
TYR HE2  H N N 319 
TYR HH   H N N 320 
TYR HXT  H N N 321 
VAL N    N N N 322 
VAL CA   C N S 323 
VAL C    C N N 324 
VAL O    O N N 325 
VAL CB   C N N 326 
VAL CG1  C N N 327 
VAL CG2  C N N 328 
VAL OXT  O N N 329 
VAL H    H N N 330 
VAL H2   H N N 331 
VAL HA   H N N 332 
VAL HB   H N N 333 
VAL HG11 H N N 334 
VAL HG12 H N N 335 
VAL HG13 H N N 336 
VAL HG21 H N N 337 
VAL HG22 H N N 338 
VAL HG23 H N N 339 
VAL HXT  H N N 340 
# 
loop_
_chem_comp_bond.comp_id 
_chem_comp_bond.atom_id_1 
_chem_comp_bond.atom_id_2 
_chem_comp_bond.value_order 
_chem_comp_bond.pdbx_aromatic_flag 
_chem_comp_bond.pdbx_stereo_config 
_chem_comp_bond.pdbx_ordinal 
ALA N   CA   sing N N 1   
ALA N   H    sing N N 2   
ALA N   H2   sing N N 3   
ALA CA  C    sing N N 4   
ALA CA  CB   sing N N 5   
ALA CA  HA   sing N N 6   
ALA C   O    doub N N 7   
ALA C   OXT  sing N N 8   
ALA CB  HB1  sing N N 9   
ALA CB  HB2  sing N N 10  
ALA CB  HB3  sing N N 11  
ALA OXT HXT  sing N N 12  
ARG N   CA   sing N N 13  
ARG N   H    sing N N 14  
ARG N   H2   sing N N 15  
ARG CA  C    sing N N 16  
ARG CA  CB   sing N N 17  
ARG CA  HA   sing N N 18  
ARG C   O    doub N N 19  
ARG C   OXT  sing N N 20  
ARG CB  CG   sing N N 21  
ARG CB  HB2  sing N N 22  
ARG CB  HB3  sing N N 23  
ARG CG  CD   sing N N 24  
ARG CG  HG2  sing N N 25  
ARG CG  HG3  sing N N 26  
ARG CD  NE   sing N N 27  
ARG CD  HD2  sing N N 28  
ARG CD  HD3  sing N N 29  
ARG NE  CZ   sing N N 30  
ARG NE  HE   sing N N 31  
ARG CZ  NH1  sing N N 32  
ARG CZ  NH2  doub N N 33  
ARG NH1 HH11 sing N N 34  
ARG NH1 HH12 sing N N 35  
ARG NH2 HH21 sing N N 36  
ARG NH2 HH22 sing N N 37  
ARG OXT HXT  sing N N 38  
ASN N   CA   sing N N 39  
ASN N   H    sing N N 40  
ASN N   H2   sing N N 41  
ASN CA  C    sing N N 42  
ASN CA  CB   sing N N 43  
ASN CA  HA   sing N N 44  
ASN C   O    doub N N 45  
ASN C   OXT  sing N N 46  
ASN CB  CG   sing N N 47  
ASN CB  HB2  sing N N 48  
ASN CB  HB3  sing N N 49  
ASN CG  OD1  doub N N 50  
ASN CG  ND2  sing N N 51  
ASN ND2 HD21 sing N N 52  
ASN ND2 HD22 sing N N 53  
ASN OXT HXT  sing N N 54  
ASP N   CA   sing N N 55  
ASP N   H    sing N N 56  
ASP N   H2   sing N N 57  
ASP CA  C    sing N N 58  
ASP CA  CB   sing N N 59  
ASP CA  HA   sing N N 60  
ASP C   O    doub N N 61  
ASP C   OXT  sing N N 62  
ASP CB  CG   sing N N 63  
ASP CB  HB2  sing N N 64  
ASP CB  HB3  sing N N 65  
ASP CG  OD1  doub N N 66  
ASP CG  OD2  sing N N 67  
ASP OD2 HD2  sing N N 68  
ASP OXT HXT  sing N N 69  
CYS N   CA   sing N N 70  
CYS N   H    sing N N 71  
CYS N   H2   sing N N 72  
CYS CA  C    sing N N 73  
CYS CA  CB   sing N N 74  
CYS CA  HA   sing N N 75  
CYS C   O    doub N N 76  
CYS C   OXT  sing N N 77  
CYS CB  SG   sing N N 78  
CYS CB  HB2  sing N N 79  
CYS CB  HB3  sing N N 80  
CYS SG  HG   sing N N 81  
CYS OXT HXT  sing N N 82  
GLN N   CA   sing N N 83  
GLN N   H    sing N N 84  
GLN N   H2   sing N N 85  
GLN CA  C    sing N N 86  
GLN CA  CB   sing N N 87  
GLN CA  HA   sing N N 88  
GLN C   O    doub N N 89  
GLN C   OXT  sing N N 90  
GLN CB  CG   sing N N 91  
GLN CB  HB2  sing N N 92  
GLN CB  HB3  sing N N 93  
GLN CG  CD   sing N N 94  
GLN CG  HG2  sing N N 95  
GLN CG  HG3  sing N N 96  
GLN CD  OE1  doub N N 97  
GLN CD  NE2  sing N N 98  
GLN NE2 HE21 sing N N 99  
GLN NE2 HE22 sing N N 100 
GLN OXT HXT  sing N N 101 
GLU N   CA   sing N N 102 
GLU N   H    sing N N 103 
GLU N   H2   sing N N 104 
GLU CA  C    sing N N 105 
GLU CA  CB   sing N N 106 
GLU CA  HA   sing N N 107 
GLU C   O    doub N N 108 
GLU C   OXT  sing N N 109 
GLU CB  CG   sing N N 110 
GLU CB  HB2  sing N N 111 
GLU CB  HB3  sing N N 112 
GLU CG  CD   sing N N 113 
GLU CG  HG2  sing N N 114 
GLU CG  HG3  sing N N 115 
GLU CD  OE1  doub N N 116 
GLU CD  OE2  sing N N 117 
GLU OE2 HE2  sing N N 118 
GLU OXT HXT  sing N N 119 
GLY N   CA   sing N N 120 
GLY N   H    sing N N 121 
GLY N   H2   sing N N 122 
GLY CA  C    sing N N 123 
GLY CA  HA2  sing N N 124 
GLY CA  HA3  sing N N 125 
GLY C   O    doub N N 126 
GLY C   OXT  sing N N 127 
GLY OXT HXT  sing N N 128 
HIS N   CA   sing N N 129 
HIS N   H    sing N N 130 
HIS N   H2   sing N N 131 
HIS CA  C    sing N N 132 
HIS CA  CB   sing N N 133 
HIS CA  HA   sing N N 134 
HIS C   O    doub N N 135 
HIS C   OXT  sing N N 136 
HIS CB  CG   sing N N 137 
HIS CB  HB2  sing N N 138 
HIS CB  HB3  sing N N 139 
HIS CG  ND1  sing Y N 140 
HIS CG  CD2  doub Y N 141 
HIS ND1 CE1  doub Y N 142 
HIS ND1 HD1  sing N N 143 
HIS CD2 NE2  sing Y N 144 
HIS CD2 HD2  sing N N 145 
HIS CE1 NE2  sing Y N 146 
HIS CE1 HE1  sing N N 147 
HIS NE2 HE2  sing N N 148 
HIS OXT HXT  sing N N 149 
HOH O   H1   sing N N 150 
HOH O   H2   sing N N 151 
ILE N   CA   sing N N 152 
ILE N   H    sing N N 153 
ILE N   H2   sing N N 154 
ILE CA  C    sing N N 155 
ILE CA  CB   sing N N 156 
ILE CA  HA   sing N N 157 
ILE C   O    doub N N 158 
ILE C   OXT  sing N N 159 
ILE CB  CG1  sing N N 160 
ILE CB  CG2  sing N N 161 
ILE CB  HB   sing N N 162 
ILE CG1 CD1  sing N N 163 
ILE CG1 HG12 sing N N 164 
ILE CG1 HG13 sing N N 165 
ILE CG2 HG21 sing N N 166 
ILE CG2 HG22 sing N N 167 
ILE CG2 HG23 sing N N 168 
ILE CD1 HD11 sing N N 169 
ILE CD1 HD12 sing N N 170 
ILE CD1 HD13 sing N N 171 
ILE OXT HXT  sing N N 172 
LEU N   CA   sing N N 173 
LEU N   H    sing N N 174 
LEU N   H2   sing N N 175 
LEU CA  C    sing N N 176 
LEU CA  CB   sing N N 177 
LEU CA  HA   sing N N 178 
LEU C   O    doub N N 179 
LEU C   OXT  sing N N 180 
LEU CB  CG   sing N N 181 
LEU CB  HB2  sing N N 182 
LEU CB  HB3  sing N N 183 
LEU CG  CD1  sing N N 184 
LEU CG  CD2  sing N N 185 
LEU CG  HG   sing N N 186 
LEU CD1 HD11 sing N N 187 
LEU CD1 HD12 sing N N 188 
LEU CD1 HD13 sing N N 189 
LEU CD2 HD21 sing N N 190 
LEU CD2 HD22 sing N N 191 
LEU CD2 HD23 sing N N 192 
LEU OXT HXT  sing N N 193 
LYS N   CA   sing N N 194 
LYS N   H    sing N N 195 
LYS N   H2   sing N N 196 
LYS CA  C    sing N N 197 
LYS CA  CB   sing N N 198 
LYS CA  HA   sing N N 199 
LYS C   O    doub N N 200 
LYS C   OXT  sing N N 201 
LYS CB  CG   sing N N 202 
LYS CB  HB2  sing N N 203 
LYS CB  HB3  sing N N 204 
LYS CG  CD   sing N N 205 
LYS CG  HG2  sing N N 206 
LYS CG  HG3  sing N N 207 
LYS CD  CE   sing N N 208 
LYS CD  HD2  sing N N 209 
LYS CD  HD3  sing N N 210 
LYS CE  NZ   sing N N 211 
LYS CE  HE2  sing N N 212 
LYS CE  HE3  sing N N 213 
LYS NZ  HZ1  sing N N 214 
LYS NZ  HZ2  sing N N 215 
LYS NZ  HZ3  sing N N 216 
LYS OXT HXT  sing N N 217 
MET N   CA   sing N N 218 
MET N   H    sing N N 219 
MET N   H2   sing N N 220 
MET CA  C    sing N N 221 
MET CA  CB   sing N N 222 
MET CA  HA   sing N N 223 
MET C   O    doub N N 224 
MET C   OXT  sing N N 225 
MET CB  CG   sing N N 226 
MET CB  HB2  sing N N 227 
MET CB  HB3  sing N N 228 
MET CG  SD   sing N N 229 
MET CG  HG2  sing N N 230 
MET CG  HG3  sing N N 231 
MET SD  CE   sing N N 232 
MET CE  HE1  sing N N 233 
MET CE  HE2  sing N N 234 
MET CE  HE3  sing N N 235 
MET OXT HXT  sing N N 236 
PRO N   CA   sing N N 237 
PRO N   CD   sing N N 238 
PRO N   H    sing N N 239 
PRO CA  C    sing N N 240 
PRO CA  CB   sing N N 241 
PRO CA  HA   sing N N 242 
PRO C   O    doub N N 243 
PRO C   OXT  sing N N 244 
PRO CB  CG   sing N N 245 
PRO CB  HB2  sing N N 246 
PRO CB  HB3  sing N N 247 
PRO CG  CD   sing N N 248 
PRO CG  HG2  sing N N 249 
PRO CG  HG3  sing N N 250 
PRO CD  HD2  sing N N 251 
PRO CD  HD3  sing N N 252 
PRO OXT HXT  sing N N 253 
SER N   CA   sing N N 254 
SER N   H    sing N N 255 
SER N   H2   sing N N 256 
SER CA  C    sing N N 257 
SER CA  CB   sing N N 258 
SER CA  HA   sing N N 259 
SER C   O    doub N N 260 
SER C   OXT  sing N N 261 
SER CB  OG   sing N N 262 
SER CB  HB2  sing N N 263 
SER CB  HB3  sing N N 264 
SER OG  HG   sing N N 265 
SER OXT HXT  sing N N 266 
THR N   CA   sing N N 267 
THR N   H    sing N N 268 
THR N   H2   sing N N 269 
THR CA  C    sing N N 270 
THR CA  CB   sing N N 271 
THR CA  HA   sing N N 272 
THR C   O    doub N N 273 
THR C   OXT  sing N N 274 
THR CB  OG1  sing N N 275 
THR CB  CG2  sing N N 276 
THR CB  HB   sing N N 277 
THR OG1 HG1  sing N N 278 
THR CG2 HG21 sing N N 279 
THR CG2 HG22 sing N N 280 
THR CG2 HG23 sing N N 281 
THR OXT HXT  sing N N 282 
TYR N   CA   sing N N 283 
TYR N   H    sing N N 284 
TYR N   H2   sing N N 285 
TYR CA  C    sing N N 286 
TYR CA  CB   sing N N 287 
TYR CA  HA   sing N N 288 
TYR C   O    doub N N 289 
TYR C   OXT  sing N N 290 
TYR CB  CG   sing N N 291 
TYR CB  HB2  sing N N 292 
TYR CB  HB3  sing N N 293 
TYR CG  CD1  doub Y N 294 
TYR CG  CD2  sing Y N 295 
TYR CD1 CE1  sing Y N 296 
TYR CD1 HD1  sing N N 297 
TYR CD2 CE2  doub Y N 298 
TYR CD2 HD2  sing N N 299 
TYR CE1 CZ   doub Y N 300 
TYR CE1 HE1  sing N N 301 
TYR CE2 CZ   sing Y N 302 
TYR CE2 HE2  sing N N 303 
TYR CZ  OH   sing N N 304 
TYR OH  HH   sing N N 305 
TYR OXT HXT  sing N N 306 
VAL N   CA   sing N N 307 
VAL N   H    sing N N 308 
VAL N   H2   sing N N 309 
VAL CA  C    sing N N 310 
VAL CA  CB   sing N N 311 
VAL CA  HA   sing N N 312 
VAL C   O    doub N N 313 
VAL C   OXT  sing N N 314 
VAL CB  CG1  sing N N 315 
VAL CB  CG2  sing N N 316 
VAL CB  HB   sing N N 317 
VAL CG1 HG11 sing N N 318 
VAL CG1 HG12 sing N N 319 
VAL CG1 HG13 sing N N 320 
VAL CG2 HG21 sing N N 321 
VAL CG2 HG22 sing N N 322 
VAL CG2 HG23 sing N N 323 
VAL OXT HXT  sing N N 324 
# 
_pdbx_entity_nonpoly.entity_id   2 
_pdbx_entity_nonpoly.name        water 
_pdbx_entity_nonpoly.comp_id     HOH 
# 
_pdbx_initial_refinement_model.id               1 
_pdbx_initial_refinement_model.entity_id_list   ? 
_pdbx_initial_refinement_model.type             'experimental model' 
_pdbx_initial_refinement_model.source_name      PDB 
_pdbx_initial_refinement_model.accession_code   3GM2 
_pdbx_initial_refinement_model.details          'PDB ENTRY 3GM2' 
# 
